data_7TSM
#
_entry.id   7TSM
#
_cell.length_a   59.678
_cell.length_b   153.119
_cell.length_c   108.794
_cell.angle_alpha   90.000
_cell.angle_beta   90.660
_cell.angle_gamma   90.000
#
_symmetry.space_group_name_H-M   'P 1 21 1'
#
loop_
_entity.id
_entity.type
_entity.pdbx_description
1 polymer 'Nitric oxide synthase, endothelial'
2 non-polymer 'PROTOPORPHYRIN IX CONTAINING FE'
3 non-polymer 5,6,7,8-TETRAHYDROBIOPTERIN
4 non-polymer 4-methyl-6-[3-(4-methylpiperazin-1-yl)prop-1-yn-1-yl]pyridin-2-amine
5 non-polymer 2-[BIS-(2-HYDROXY-ETHYL)-AMINO]-2-HYDROXYMETHYL-PROPANE-1,3-DIOL
6 non-polymer GLYCEROL
7 non-polymer 'CHLORIDE ION'
8 non-polymer 'GADOLINIUM ATOM'
9 non-polymer 'ZINC ION'
10 water water
#
_entity_poly.entity_id   1
_entity_poly.type   'polypeptide(L)'
_entity_poly.pdbx_seq_one_letter_code
;APASLLPPAPEHSPPSSPLTQPPEGPKFPRVKNWEVGSITYDTLSAQAQQDGPCTPRRCLGSLVFPRKLQGRPSPGPPAP
EQLLSQARDFINQYYSSIKRSGSQAHEQRLQEVEAEVAATGTYQLRESELVFGAKQAWRNAPRCVGRIQWGKLQVFDARD
CRSAQEMFTYICNHIKYATNRGNLRSAITVFPQRCPGRGDFRIWNSQLVRYAGYRQQDGSVRGDPANVEITELCIQHGWT
PGNGRFDVLPLLLQAPDEPPELFLLPPELVLEVPLEHPTLEWFAALGLRWYALPAVSNMLLEIGGLEFPAAPFSGWYMST
EIGTRNLCDPHRYNILEDVAVCMDLDTRTTSSLWKDKAAVEINVAVLHSYQLAKVTIVDHHAATASFMKHLENEQKARGG
CPADWAWIVPPISGSLTPVFHQEMVNYFLSPAFRYQPDPW
;
_entity_poly.pdbx_strand_id   A,B,C,D
#
loop_
_chem_comp.id
_chem_comp.type
_chem_comp.name
_chem_comp.formula
BTB non-polymer 2-[BIS-(2-HYDROXY-ETHYL)-AMINO]-2-HYDROXYMETHYL-PROPANE-1,3-DIOL 'C8 H19 N O5'
CL non-polymer 'CHLORIDE ION' 'Cl -1'
GD non-polymer 'GADOLINIUM ATOM' Gd
GOL non-polymer GLYCEROL 'C3 H8 O3'
H4B non-polymer 5,6,7,8-TETRAHYDROBIOPTERIN 'C9 H15 N5 O3'
HEM non-polymer 'PROTOPORPHYRIN IX CONTAINING FE' 'C34 H32 Fe N4 O4'
K90 non-polymer 4-methyl-6-[3-(4-methylpiperazin-1-yl)prop-1-yn-1-yl]pyridin-2-amine 'C14 H20 N4'
ZN non-polymer 'ZINC ION' 'Zn 2'
#
# COMPACT_ATOMS: atom_id res chain seq x y z
N PHE A 28 38.77 32.63 -3.56
CA PHE A 28 38.13 31.73 -2.59
C PHE A 28 36.73 31.29 -3.08
N PRO A 29 36.61 30.01 -3.46
CA PRO A 29 35.39 29.55 -4.13
C PRO A 29 34.16 29.69 -3.25
N ARG A 30 33.09 30.18 -3.85
CA ARG A 30 31.80 30.30 -3.21
C ARG A 30 31.07 28.97 -3.33
N VAL A 31 30.51 28.50 -2.21
CA VAL A 31 29.90 27.19 -2.12
C VAL A 31 28.51 27.36 -1.53
N LYS A 32 27.49 26.91 -2.27
CA LYS A 32 26.11 27.12 -1.87
C LYS A 32 25.41 25.81 -1.56
N ASN A 33 24.55 25.83 -0.52
CA ASN A 33 23.62 24.73 -0.27
C ASN A 33 22.24 25.12 -0.78
N TRP A 34 21.76 24.38 -1.77
CA TRP A 34 20.53 24.75 -2.49
C TRP A 34 19.27 24.37 -1.74
N GLU A 35 19.37 23.51 -0.73
CA GLU A 35 18.22 23.16 0.09
C GLU A 35 17.91 24.28 1.08
N VAL A 36 18.96 24.91 1.62
CA VAL A 36 18.80 25.92 2.66
C VAL A 36 19.03 27.32 2.13
N GLY A 37 19.88 27.49 1.12
CA GLY A 37 20.25 28.80 0.64
C GLY A 37 21.47 29.39 1.29
N SER A 38 22.14 28.62 2.15
CA SER A 38 23.31 29.11 2.87
C SER A 38 24.53 29.08 1.97
N ILE A 39 25.48 29.96 2.27
CA ILE A 39 26.70 30.15 1.49
C ILE A 39 27.89 30.08 2.41
N THR A 40 28.93 29.36 2.00
CA THR A 40 30.24 29.40 2.64
C THR A 40 31.32 29.60 1.58
N TYR A 41 32.53 29.92 2.03
CA TYR A 41 33.71 30.02 1.19
C TYR A 41 34.74 28.99 1.64
N ASP A 42 35.34 28.30 0.67
CA ASP A 42 36.36 27.29 0.96
C ASP A 42 37.73 27.95 0.92
N THR A 43 38.23 28.37 2.09
CA THR A 43 39.59 28.89 2.16
C THR A 43 40.62 27.78 2.24
N LEU A 44 40.23 26.61 2.73
CA LEU A 44 41.17 25.49 2.86
C LEU A 44 41.70 25.04 1.51
N SER A 45 40.92 25.27 0.44
CA SER A 45 41.35 24.89 -0.90
C SER A 45 42.66 25.58 -1.29
N ALA A 46 42.91 26.76 -0.75
CA ALA A 46 44.14 27.49 -1.02
C ALA A 46 45.41 26.73 -0.59
N GLN A 47 45.30 25.58 0.07
CA GLN A 47 46.47 24.80 0.49
C GLN A 47 46.75 23.59 -0.40
N ALA A 48 45.97 23.40 -1.47
CA ALA A 48 46.02 22.17 -2.24
C ALA A 48 47.42 21.90 -2.77
N GLN A 49 47.98 20.74 -2.40
CA GLN A 49 49.29 20.30 -2.87
C GLN A 49 49.18 19.69 -4.26
N GLN A 50 49.07 18.35 -4.31
CA GLN A 50 49.05 17.63 -5.58
C GLN A 50 47.95 18.17 -6.49
N ASP A 51 48.32 18.49 -7.72
CA ASP A 51 47.36 19.03 -8.66
C ASP A 51 46.40 17.94 -9.14
N GLY A 52 45.12 18.29 -9.23
CA GLY A 52 44.12 17.40 -9.74
C GLY A 52 44.11 17.35 -11.26
N PRO A 53 43.13 16.65 -11.82
CA PRO A 53 43.11 16.41 -13.27
C PRO A 53 42.42 17.47 -14.11
N CYS A 54 41.80 18.48 -13.51
CA CYS A 54 40.95 19.41 -14.25
C CYS A 54 41.75 20.65 -14.68
N THR A 55 41.32 21.26 -15.77
CA THR A 55 41.86 22.52 -16.27
C THR A 55 40.71 23.46 -16.58
N PRO A 56 41.00 24.78 -16.73
CA PRO A 56 39.91 25.71 -17.12
C PRO A 56 39.21 25.26 -18.38
N ARG A 57 39.86 24.38 -19.15
CA ARG A 57 39.37 23.95 -20.46
C ARG A 57 38.42 22.75 -20.40
N ARG A 58 38.50 21.91 -19.37
CA ARG A 58 37.68 20.71 -19.31
C ARG A 58 37.75 20.14 -17.90
N CYS A 59 36.63 19.66 -17.41
CA CYS A 59 36.57 19.07 -16.08
C CYS A 59 36.65 17.56 -16.22
N LEU A 60 37.55 16.93 -15.47
CA LEU A 60 37.68 15.48 -15.43
C LEU A 60 37.28 14.93 -14.07
N GLY A 61 36.29 15.56 -13.42
CA GLY A 61 35.94 15.18 -12.06
C GLY A 61 35.31 13.81 -11.94
N SER A 62 34.67 13.33 -13.00
CA SER A 62 34.01 12.03 -12.97
C SER A 62 34.97 10.85 -13.19
N LEU A 63 36.25 11.10 -13.47
CA LEU A 63 37.17 10.01 -13.76
C LEU A 63 37.59 9.33 -12.45
N VAL A 64 37.62 8.00 -12.47
CA VAL A 64 37.90 7.24 -11.25
C VAL A 64 39.38 7.31 -10.90
N PHE A 65 40.26 7.00 -11.86
CA PHE A 65 41.71 7.09 -11.68
C PHE A 65 42.26 8.16 -12.62
N PRO A 66 42.19 9.45 -12.24
CA PRO A 66 42.50 10.66 -13.02
C PRO A 66 43.44 10.48 -14.21
N PRO A 80 66.78 13.89 -4.32
CA PRO A 80 66.09 13.21 -3.23
C PRO A 80 65.48 14.15 -2.18
N GLU A 81 66.20 15.24 -1.86
CA GLU A 81 65.96 16.01 -0.65
C GLU A 81 64.86 17.07 -0.79
N GLN A 82 63.83 16.81 -1.57
CA GLN A 82 62.57 17.51 -1.43
C GLN A 82 61.64 16.81 -0.43
N LEU A 83 62.12 15.72 0.17
CA LEU A 83 61.41 15.08 1.27
C LEU A 83 61.31 16.01 2.48
N LEU A 84 62.28 16.91 2.64
CA LEU A 84 62.27 17.86 3.74
C LEU A 84 61.08 18.82 3.62
N SER A 85 60.74 19.21 2.39
CA SER A 85 59.65 20.16 2.19
C SER A 85 58.35 19.66 2.82
N GLN A 86 57.98 18.42 2.51
CA GLN A 86 56.73 17.87 3.01
C GLN A 86 56.83 17.47 4.47
N ALA A 87 57.99 16.98 4.92
CA ALA A 87 58.17 16.65 6.34
C ALA A 87 58.05 17.89 7.21
N ARG A 88 58.74 18.96 6.82
CA ARG A 88 58.59 20.25 7.48
C ARG A 88 57.11 20.62 7.63
N ASP A 89 56.39 20.64 6.50
CA ASP A 89 54.99 21.06 6.52
C ASP A 89 54.16 20.16 7.42
N PHE A 90 54.40 18.85 7.36
CA PHE A 90 53.64 17.92 8.17
C PHE A 90 53.92 18.12 9.65
N ILE A 91 55.19 18.38 10.01
CA ILE A 91 55.52 18.62 11.41
C ILE A 91 54.84 19.90 11.90
N ASN A 92 54.84 20.94 11.06
CA ASN A 92 54.10 22.16 11.40
C ASN A 92 52.62 21.87 11.62
N GLN A 93 52.02 21.05 10.75
CA GLN A 93 50.64 20.63 10.96
C GLN A 93 50.45 20.02 12.34
N TYR A 94 51.31 19.06 12.70
CA TYR A 94 51.17 18.38 13.99
C TYR A 94 51.14 19.37 15.14
N TYR A 95 52.11 20.30 15.18
CA TYR A 95 52.24 21.15 16.35
C TYR A 95 51.19 22.25 16.38
N SER A 96 50.65 22.67 15.24
CA SER A 96 49.49 23.56 15.31
C SER A 96 48.28 22.83 15.88
N SER A 97 48.08 21.57 15.47
CA SER A 97 46.93 20.79 15.92
C SER A 97 46.93 20.56 17.43
N ILE A 98 48.09 20.52 18.06
CA ILE A 98 48.17 20.42 19.51
C ILE A 98 48.44 21.78 20.15
N LYS A 99 48.25 22.87 19.39
CA LYS A 99 48.45 24.23 19.88
C LYS A 99 49.87 24.45 20.39
N ARG A 100 50.84 23.86 19.71
CA ARG A 100 52.24 23.94 20.10
C ARG A 100 53.11 24.51 18.98
N SER A 101 52.52 25.35 18.13
CA SER A 101 53.30 26.11 17.17
C SER A 101 54.14 27.16 17.89
N GLY A 102 55.35 27.39 17.39
CA GLY A 102 56.22 28.40 17.96
C GLY A 102 56.57 28.15 19.42
N SER A 103 57.02 26.94 19.74
CA SER A 103 57.42 26.60 21.09
C SER A 103 58.52 25.56 21.03
N GLN A 104 59.12 25.28 22.19
CA GLN A 104 60.41 24.60 22.23
C GLN A 104 60.33 23.19 21.64
N ALA A 105 59.34 22.40 22.07
CA ALA A 105 59.18 21.06 21.51
C ALA A 105 59.00 21.09 20.00
N HIS A 106 58.36 22.13 19.48
CA HIS A 106 58.17 22.26 18.04
C HIS A 106 59.50 22.48 17.33
N GLU A 107 60.27 23.49 17.75
CA GLU A 107 61.55 23.75 17.13
C GLU A 107 62.48 22.54 17.23
N GLN A 108 62.50 21.89 18.40
CA GLN A 108 63.35 20.71 18.59
C GLN A 108 63.07 19.64 17.55
N ARG A 109 61.79 19.31 17.32
CA ARG A 109 61.45 18.23 16.39
C ARG A 109 61.88 18.57 14.97
N LEU A 110 61.84 19.85 14.61
CA LEU A 110 62.28 20.25 13.27
C LEU A 110 63.72 19.85 13.00
N GLN A 111 64.57 19.87 14.03
CA GLN A 111 65.99 19.61 13.80
C GLN A 111 66.28 18.12 13.64
N GLU A 112 65.62 17.28 14.45
CA GLU A 112 65.88 15.84 14.37
C GLU A 112 65.53 15.29 12.99
N VAL A 113 64.42 15.74 12.41
CA VAL A 113 64.11 15.32 11.06
C VAL A 113 65.11 15.90 10.07
N GLU A 114 65.50 17.17 10.26
CA GLU A 114 66.63 17.72 9.51
C GLU A 114 67.83 16.80 9.58
N ALA A 115 68.28 16.48 10.79
CA ALA A 115 69.48 15.64 10.94
C ALA A 115 69.24 14.23 10.41
N GLU A 116 68.06 13.66 10.69
CA GLU A 116 67.77 12.30 10.21
C GLU A 116 67.87 12.20 8.70
N VAL A 117 67.31 13.17 7.98
CA VAL A 117 67.44 13.16 6.53
C VAL A 117 68.87 13.46 6.11
N ALA A 118 69.50 14.45 6.74
CA ALA A 118 70.91 14.73 6.44
C ALA A 118 71.78 13.50 6.66
N ALA A 119 71.53 12.78 7.75
CA ALA A 119 72.32 11.58 8.02
C ALA A 119 71.93 10.42 7.11
N THR A 120 70.63 10.09 7.03
CA THR A 120 70.19 8.85 6.41
C THR A 120 69.40 9.02 5.13
N GLY A 121 68.89 10.21 4.82
CA GLY A 121 68.13 10.45 3.62
C GLY A 121 66.62 10.38 3.80
N THR A 122 66.15 9.54 4.73
CA THR A 122 64.73 9.49 5.07
C THR A 122 64.54 9.87 6.53
N TYR A 123 63.41 9.51 7.12
CA TYR A 123 63.20 9.78 8.54
C TYR A 123 62.09 8.88 9.06
N GLN A 124 62.08 8.72 10.38
CA GLN A 124 61.08 7.93 11.09
C GLN A 124 60.12 8.87 11.80
N LEU A 125 58.83 8.60 11.67
CA LEU A 125 57.81 9.36 12.39
C LEU A 125 57.74 8.92 13.84
N ARG A 126 57.56 9.89 14.74
CA ARG A 126 57.14 9.56 16.10
C ARG A 126 55.78 8.89 16.07
N GLU A 127 55.53 8.08 17.09
CA GLU A 127 54.27 7.35 17.22
C GLU A 127 53.07 8.29 17.13
N SER A 128 53.10 9.37 17.90
CA SER A 128 51.97 10.30 17.90
C SER A 128 51.78 10.92 16.53
N GLU A 129 52.87 11.17 15.81
CA GLU A 129 52.78 11.71 14.46
C GLU A 129 52.20 10.68 13.50
N LEU A 130 52.62 9.42 13.61
CA LEU A 130 52.02 8.37 12.79
C LEU A 130 50.52 8.29 13.05
N VAL A 131 50.14 8.41 14.32
CA VAL A 131 48.72 8.45 14.67
C VAL A 131 48.05 9.67 14.06
N PHE A 132 48.61 10.86 14.29
CA PHE A 132 47.97 12.07 13.81
C PHE A 132 47.90 12.12 12.29
N GLY A 133 48.87 11.51 11.61
CA GLY A 133 48.86 11.49 10.16
C GLY A 133 47.87 10.53 9.56
N ALA A 134 47.65 9.39 10.22
CA ALA A 134 46.63 8.45 9.77
C ALA A 134 45.25 9.09 9.83
N LYS A 135 44.96 9.77 10.94
CA LYS A 135 43.67 10.45 11.07
C LYS A 135 43.54 11.60 10.08
N GLN A 136 44.65 12.24 9.70
CA GLN A 136 44.54 13.32 8.71
C GLN A 136 44.33 12.79 7.30
N ALA A 137 45.05 11.72 6.93
CA ALA A 137 44.81 11.08 5.64
C ALA A 137 43.34 10.72 5.50
N TRP A 138 42.75 10.15 6.55
CA TRP A 138 41.33 9.85 6.53
C TRP A 138 40.50 11.12 6.40
N ARG A 139 40.81 12.12 7.23
CA ARG A 139 40.05 13.37 7.21
C ARG A 139 40.06 14.01 5.83
N ASN A 140 41.17 13.85 5.10
CA ASN A 140 41.39 14.47 3.81
C ASN A 140 40.88 13.66 2.64
N ALA A 141 40.40 12.44 2.85
CA ALA A 141 39.93 11.59 1.75
C ALA A 141 38.67 12.18 1.11
N PRO A 142 38.77 12.79 -0.09
CA PRO A 142 37.59 13.47 -0.64
C PRO A 142 36.41 12.55 -0.92
N ARG A 143 36.66 11.28 -1.18
CA ARG A 143 35.58 10.40 -1.58
C ARG A 143 34.92 9.69 -0.41
N CYS A 144 35.35 9.95 0.83
CA CYS A 144 34.82 9.21 1.99
C CYS A 144 33.66 9.98 2.61
N VAL A 145 32.49 9.35 2.65
CA VAL A 145 31.32 9.98 3.27
C VAL A 145 31.26 9.77 4.77
N GLY A 146 32.08 8.89 5.32
CA GLY A 146 32.05 8.59 6.75
C GLY A 146 33.03 9.38 7.62
N ARG A 147 33.48 10.55 7.15
CA ARG A 147 34.56 11.26 7.83
C ARG A 147 34.14 11.96 9.12
N ILE A 148 32.85 11.95 9.47
CA ILE A 148 32.42 12.44 10.77
C ILE A 148 33.14 11.65 11.87
N GLN A 149 33.56 10.42 11.54
CA GLN A 149 34.24 9.51 12.45
C GLN A 149 35.76 9.70 12.48
N TRP A 150 36.30 10.68 11.76
CA TRP A 150 37.74 10.70 11.51
C TRP A 150 38.58 10.76 12.79
N GLY A 151 38.03 11.28 13.88
CA GLY A 151 38.79 11.38 15.11
C GLY A 151 38.92 10.09 15.90
N LYS A 152 38.17 9.06 15.54
CA LYS A 152 38.16 7.79 16.27
C LYS A 152 38.76 6.73 15.35
N LEU A 153 40.05 6.45 15.54
CA LEU A 153 40.76 5.56 14.63
C LEU A 153 41.85 4.86 15.41
N GLN A 154 41.89 3.54 15.32
CA GLN A 154 42.88 2.74 16.03
C GLN A 154 44.04 2.46 15.09
N VAL A 155 45.24 2.90 15.47
CA VAL A 155 46.43 2.80 14.63
C VAL A 155 47.33 1.71 15.19
N PHE A 156 47.46 0.61 14.45
CA PHE A 156 48.39 -0.47 14.81
C PHE A 156 49.72 -0.23 14.10
N ASP A 157 50.79 -0.11 14.87
CA ASP A 157 52.09 0.26 14.31
C ASP A 157 52.88 -1.01 14.01
N ALA A 158 52.83 -1.45 12.75
CA ALA A 158 53.59 -2.60 12.28
C ALA A 158 54.87 -2.20 11.56
N ARG A 159 55.44 -1.03 11.88
CA ARG A 159 56.61 -0.55 11.16
C ARG A 159 57.84 -1.43 11.36
N ASP A 160 57.87 -2.25 12.40
CA ASP A 160 58.97 -3.19 12.60
C ASP A 160 58.68 -4.56 11.99
N CYS A 161 57.72 -4.65 11.07
CA CYS A 161 57.43 -5.92 10.41
C CYS A 161 58.61 -6.34 9.53
N ARG A 162 58.77 -7.66 9.37
CA ARG A 162 59.90 -8.13 8.58
C ARG A 162 59.67 -9.48 7.89
N SER A 163 58.44 -9.95 7.76
CA SER A 163 58.18 -11.14 6.96
C SER A 163 56.71 -11.20 6.59
N ALA A 164 56.42 -11.92 5.50
CA ALA A 164 55.04 -12.16 5.12
C ALA A 164 54.27 -12.92 6.21
N GLN A 165 54.98 -13.72 7.01
CA GLN A 165 54.34 -14.38 8.14
C GLN A 165 53.99 -13.38 9.23
N GLU A 166 54.85 -12.37 9.43
CA GLU A 166 54.55 -11.30 10.38
C GLU A 166 53.33 -10.51 9.93
N MET A 167 53.29 -10.15 8.65
CA MET A 167 52.13 -9.44 8.10
C MET A 167 50.85 -10.16 8.46
N PHE A 168 50.77 -11.44 8.10
CA PHE A 168 49.54 -12.21 8.28
C PHE A 168 49.03 -12.11 9.72
N THR A 169 49.93 -12.21 10.70
CA THR A 169 49.50 -12.11 12.09
C THR A 169 49.08 -10.69 12.44
N TYR A 170 49.76 -9.69 11.86
CA TYR A 170 49.30 -8.30 11.99
C TYR A 170 47.91 -8.13 11.40
N ILE A 171 47.76 -8.51 10.14
CA ILE A 171 46.46 -8.44 9.47
C ILE A 171 45.42 -9.19 10.27
N CYS A 172 45.81 -10.33 10.87
CA CYS A 172 44.88 -11.11 11.66
C CYS A 172 44.49 -10.39 12.95
N ASN A 173 45.45 -9.69 13.57
CA ASN A 173 45.12 -8.92 14.76
C ASN A 173 44.13 -7.80 14.43
N HIS A 174 44.39 -7.09 13.32
CA HIS A 174 43.50 -6.05 12.84
C HIS A 174 42.09 -6.57 12.62
N ILE A 175 41.96 -7.59 11.77
CA ILE A 175 40.65 -8.13 11.41
C ILE A 175 39.85 -8.51 12.65
N LYS A 176 40.51 -9.18 13.60
CA LYS A 176 39.79 -9.58 14.80
C LYS A 176 39.46 -8.36 15.67
N TYR A 177 40.38 -7.39 15.75
CA TYR A 177 40.09 -6.16 16.48
C TYR A 177 39.01 -5.36 15.78
N ALA A 178 39.16 -5.15 14.47
CA ALA A 178 38.20 -4.32 13.77
C ALA A 178 36.81 -4.95 13.78
N THR A 179 36.75 -6.27 13.67
CA THR A 179 35.46 -6.95 13.63
C THR A 179 34.78 -6.90 14.99
N ASN A 180 35.49 -7.28 16.06
CA ASN A 180 35.00 -7.09 17.42
C ASN A 180 33.61 -7.71 17.59
N ARG A 181 33.44 -8.91 17.02
CA ARG A 181 32.18 -9.66 17.11
C ARG A 181 30.99 -8.88 16.56
N GLY A 182 31.24 -8.03 15.56
CA GLY A 182 30.20 -7.30 14.89
C GLY A 182 30.03 -5.86 15.33
N ASN A 183 30.65 -5.47 16.45
CA ASN A 183 30.65 -4.07 16.86
C ASN A 183 31.91 -3.43 16.27
N LEU A 184 31.81 -3.08 14.98
CA LEU A 184 32.99 -2.74 14.19
C LEU A 184 33.69 -1.48 14.72
N ARG A 185 35.02 -1.50 14.71
CA ARG A 185 35.82 -0.37 15.15
C ARG A 185 36.80 0.01 14.05
N SER A 186 36.88 1.30 13.75
CA SER A 186 37.78 1.76 12.70
C SER A 186 39.22 1.49 13.08
N ALA A 187 40.00 1.04 12.10
CA ALA A 187 41.36 0.58 12.38
C ALA A 187 42.21 0.69 11.12
N ILE A 188 43.49 0.98 11.31
CA ILE A 188 44.48 0.93 10.25
C ILE A 188 45.75 0.31 10.84
N THR A 189 46.41 -0.56 10.08
CA THR A 189 47.70 -1.13 10.42
C THR A 189 48.73 -0.59 9.43
N VAL A 190 49.83 -0.05 9.94
CA VAL A 190 50.82 0.63 9.11
C VAL A 190 52.08 -0.21 9.06
N PHE A 191 52.32 -0.84 7.92
CA PHE A 191 53.53 -1.63 7.70
C PHE A 191 54.69 -0.71 7.36
N PRO A 192 55.93 -1.22 7.27
CA PRO A 192 57.09 -0.32 7.14
C PRO A 192 57.03 0.58 5.92
N GLN A 193 57.64 1.75 6.07
CA GLN A 193 57.71 2.73 4.99
C GLN A 193 58.71 2.32 3.93
N ARG A 194 58.37 2.60 2.68
CA ARG A 194 59.25 2.25 1.57
C ARG A 194 60.57 3.03 1.65
N CYS A 195 61.66 2.36 1.27
CA CYS A 195 63.00 2.94 1.27
C CYS A 195 63.70 2.59 -0.02
N PRO A 196 64.67 3.41 -0.45
CA PRO A 196 65.40 3.09 -1.68
C PRO A 196 66.19 1.79 -1.56
N GLY A 197 66.35 1.11 -2.69
CA GLY A 197 67.15 -0.10 -2.73
C GLY A 197 66.39 -1.37 -2.41
N ARG A 198 65.47 -1.29 -1.45
CA ARG A 198 64.69 -2.43 -0.99
C ARG A 198 63.28 -2.38 -1.57
N GLY A 199 62.71 -3.56 -1.81
CA GLY A 199 61.36 -3.67 -2.33
C GLY A 199 60.29 -3.15 -1.38
N ASP A 200 59.03 -3.45 -1.66
CA ASP A 200 57.90 -2.96 -0.88
C ASP A 200 57.17 -4.09 -0.18
N PHE A 201 56.64 -3.78 1.00
CA PHE A 201 55.52 -4.55 1.53
C PHE A 201 54.26 -4.21 0.72
N ARG A 202 53.53 -5.23 0.29
CA ARG A 202 52.31 -5.05 -0.49
C ARG A 202 51.31 -6.15 -0.16
N ILE A 203 50.03 -5.78 -0.08
CA ILE A 203 48.94 -6.74 -0.09
C ILE A 203 48.39 -6.80 -1.51
N TRP A 204 48.39 -7.98 -2.11
CA TRP A 204 47.96 -8.08 -3.51
C TRP A 204 46.45 -7.99 -3.66
N ASN A 205 45.70 -8.41 -2.64
CA ASN A 205 44.26 -8.24 -2.67
C ASN A 205 43.90 -6.78 -2.48
N SER A 206 42.85 -6.34 -3.18
CA SER A 206 42.36 -4.97 -3.04
C SER A 206 41.76 -4.73 -1.66
N GLN A 207 41.17 -5.77 -1.06
CA GLN A 207 40.65 -5.72 0.30
C GLN A 207 41.11 -6.97 1.04
N LEU A 208 40.96 -6.94 2.37
CA LEU A 208 41.31 -8.11 3.16
C LEU A 208 40.30 -9.23 2.97
N VAL A 209 39.03 -8.88 2.77
CA VAL A 209 38.00 -9.87 2.50
C VAL A 209 37.47 -9.61 1.08
N ARG A 210 37.68 -10.59 0.20
CA ARG A 210 37.15 -10.56 -1.16
C ARG A 210 36.60 -11.94 -1.50
N TYR A 211 35.56 -11.95 -2.32
CA TYR A 211 34.97 -13.20 -2.80
C TYR A 211 35.60 -13.60 -4.14
N ALA A 212 35.71 -14.91 -4.35
CA ALA A 212 36.35 -15.43 -5.53
C ALA A 212 35.49 -15.22 -6.77
N GLY A 213 36.15 -15.13 -7.93
CA GLY A 213 35.46 -15.04 -9.21
C GLY A 213 36.03 -16.02 -10.22
N TYR A 214 35.22 -16.99 -10.66
CA TYR A 214 35.69 -18.10 -11.48
C TYR A 214 35.10 -17.98 -12.89
N ARG A 215 35.96 -18.07 -13.90
CA ARG A 215 35.45 -18.18 -15.26
C ARG A 215 34.92 -19.59 -15.53
N GLN A 216 34.33 -19.79 -16.71
CA GLN A 216 33.60 -21.02 -17.00
C GLN A 216 33.95 -21.52 -18.40
N GLN A 217 33.28 -22.62 -18.77
CA GLN A 217 33.36 -23.20 -20.11
C GLN A 217 32.70 -22.28 -21.12
N ASP A 218 32.21 -21.13 -20.63
CA ASP A 218 31.54 -20.16 -21.49
C ASP A 218 31.91 -18.72 -21.13
N GLY A 219 33.05 -18.50 -20.48
CA GLY A 219 33.48 -17.13 -20.16
C GLY A 219 32.89 -16.48 -18.92
N SER A 220 31.57 -16.55 -18.75
CA SER A 220 30.91 -15.88 -17.64
C SER A 220 31.39 -16.42 -16.30
N VAL A 221 31.07 -15.70 -15.23
CA VAL A 221 31.74 -15.85 -13.95
C VAL A 221 30.74 -16.31 -12.88
N ARG A 222 31.17 -17.28 -12.07
CA ARG A 222 30.50 -17.66 -10.84
C ARG A 222 31.30 -17.04 -9.69
N GLY A 223 30.64 -16.24 -8.86
CA GLY A 223 31.30 -15.45 -7.83
C GLY A 223 31.36 -13.97 -8.16
N ASP A 224 32.41 -13.28 -7.71
CA ASP A 224 32.51 -11.83 -7.89
C ASP A 224 33.37 -11.52 -9.11
N PRO A 225 32.82 -10.86 -10.13
CA PRO A 225 33.61 -10.57 -11.34
C PRO A 225 34.69 -9.52 -11.14
N ALA A 226 34.61 -8.71 -10.09
CA ALA A 226 35.66 -7.74 -9.80
C ALA A 226 36.96 -8.40 -9.33
N ASN A 227 36.91 -9.66 -8.94
CA ASN A 227 38.06 -10.36 -8.37
C ASN A 227 38.55 -11.51 -9.23
N VAL A 228 38.02 -11.65 -10.46
CA VAL A 228 38.45 -12.69 -11.39
C VAL A 228 39.97 -12.73 -11.50
N GLU A 229 40.60 -11.56 -11.53
CA GLU A 229 42.05 -11.47 -11.70
C GLU A 229 42.80 -11.98 -10.46
N ILE A 230 42.52 -11.40 -9.30
CA ILE A 230 43.20 -11.84 -8.09
C ILE A 230 42.83 -13.27 -7.76
N THR A 231 41.65 -13.72 -8.20
CA THR A 231 41.30 -15.14 -8.05
C THR A 231 42.21 -16.02 -8.88
N GLU A 232 42.52 -15.60 -10.11
CA GLU A 232 43.41 -16.41 -10.95
C GLU A 232 44.85 -16.35 -10.46
N LEU A 233 45.26 -15.24 -9.84
CA LEU A 233 46.58 -15.19 -9.23
C LEU A 233 46.67 -16.13 -8.03
N CYS A 234 45.61 -16.17 -7.20
CA CYS A 234 45.64 -17.03 -6.03
C CYS A 234 45.73 -18.50 -6.40
N ILE A 235 44.96 -18.92 -7.42
CA ILE A 235 45.04 -20.31 -7.89
C ILE A 235 46.39 -20.59 -8.51
N GLN A 236 47.01 -19.58 -9.14
CA GLN A 236 48.34 -19.74 -9.70
C GLN A 236 49.36 -20.08 -8.62
N HIS A 237 49.30 -19.40 -7.47
CA HIS A 237 50.25 -19.61 -6.38
C HIS A 237 49.84 -20.74 -5.45
N GLY A 238 48.98 -21.65 -5.90
CA GLY A 238 48.76 -22.90 -5.21
C GLY A 238 47.45 -23.04 -4.45
N TRP A 239 46.51 -22.12 -4.63
CA TRP A 239 45.25 -22.21 -3.89
C TRP A 239 44.29 -23.17 -4.59
N THR A 240 43.71 -24.08 -3.80
CA THR A 240 42.68 -24.99 -4.27
C THR A 240 41.37 -24.24 -4.41
N PRO A 241 40.86 -24.07 -5.64
CA PRO A 241 39.62 -23.30 -5.83
C PRO A 241 38.42 -23.99 -5.20
N GLY A 242 37.42 -23.18 -4.88
CA GLY A 242 36.13 -23.69 -4.47
C GLY A 242 35.16 -23.74 -5.65
N ASN A 243 33.93 -24.15 -5.34
CA ASN A 243 32.87 -24.16 -6.33
C ASN A 243 31.84 -23.05 -6.16
N GLY A 244 31.79 -22.41 -4.99
CA GLY A 244 30.67 -21.56 -4.64
C GLY A 244 30.73 -20.16 -5.25
N ARG A 245 29.67 -19.40 -4.97
CA ARG A 245 29.53 -18.03 -5.43
C ARG A 245 29.98 -17.01 -4.39
N PHE A 246 30.42 -17.47 -3.23
CA PHE A 246 30.88 -16.63 -2.12
C PHE A 246 32.01 -17.32 -1.38
N ASP A 247 33.07 -17.73 -2.09
CA ASP A 247 34.25 -18.28 -1.46
C ASP A 247 35.19 -17.14 -1.09
N VAL A 248 35.48 -17.00 0.20
CA VAL A 248 36.42 -15.98 0.66
C VAL A 248 37.81 -16.30 0.14
N LEU A 249 38.43 -15.33 -0.52
CA LEU A 249 39.72 -15.55 -1.13
C LEU A 249 40.82 -15.62 -0.07
N PRO A 250 41.92 -16.30 -0.39
CA PRO A 250 43.11 -16.23 0.47
C PRO A 250 43.90 -14.95 0.19
N LEU A 251 44.82 -14.66 1.11
CA LEU A 251 45.63 -13.44 1.02
C LEU A 251 46.95 -13.74 0.32
N LEU A 252 47.34 -12.87 -0.61
CA LEU A 252 48.67 -12.89 -1.19
C LEU A 252 49.47 -11.74 -0.58
N LEU A 253 50.40 -12.08 0.31
CA LEU A 253 51.17 -11.10 1.07
C LEU A 253 52.63 -11.10 0.60
N GLN A 254 53.20 -9.90 0.51
CA GLN A 254 54.46 -9.68 -0.20
C GLN A 254 55.45 -8.95 0.71
N ALA A 255 56.32 -9.71 1.36
CA ALA A 255 57.47 -9.11 2.02
C ALA A 255 58.44 -8.60 0.95
N PRO A 256 59.26 -7.59 1.29
CA PRO A 256 60.15 -7.00 0.28
C PRO A 256 61.02 -8.02 -0.44
N ASP A 257 61.17 -7.82 -1.74
CA ASP A 257 62.06 -8.56 -2.64
C ASP A 257 61.81 -10.06 -2.61
N GLU A 258 60.69 -10.50 -2.06
CA GLU A 258 60.28 -11.89 -2.18
C GLU A 258 59.04 -11.98 -3.07
N PRO A 259 58.86 -13.10 -3.77
CA PRO A 259 57.56 -13.36 -4.38
C PRO A 259 56.48 -13.43 -3.32
N PRO A 260 55.21 -13.24 -3.68
CA PRO A 260 54.15 -13.29 -2.68
C PRO A 260 53.96 -14.69 -2.11
N GLU A 261 53.28 -14.75 -0.97
CA GLU A 261 52.99 -16.00 -0.28
C GLU A 261 51.50 -16.07 0.05
N LEU A 262 50.91 -17.24 -0.17
CA LEU A 262 49.51 -17.46 0.13
C LEU A 262 49.26 -17.65 1.62
N PHE A 263 48.09 -17.20 2.09
CA PHE A 263 47.71 -17.34 3.49
C PHE A 263 46.21 -17.62 3.59
N LEU A 264 45.87 -18.76 4.19
CA LEU A 264 44.47 -19.10 4.45
C LEU A 264 43.94 -18.22 5.58
N LEU A 265 42.80 -17.58 5.36
CA LEU A 265 42.26 -16.79 6.46
C LEU A 265 41.44 -17.69 7.39
N PRO A 266 41.57 -17.51 8.70
CA PRO A 266 40.78 -18.33 9.64
C PRO A 266 39.29 -18.11 9.43
N PRO A 267 38.56 -19.17 9.08
CA PRO A 267 37.11 -19.02 8.81
C PRO A 267 36.34 -18.33 9.93
N GLU A 268 36.63 -18.68 11.18
CA GLU A 268 35.95 -18.02 12.30
C GLU A 268 36.38 -16.57 12.47
N LEU A 269 37.39 -16.11 11.72
CA LEU A 269 37.84 -14.72 11.80
C LEU A 269 37.21 -13.83 10.75
N VAL A 270 36.60 -14.39 9.72
CA VAL A 270 35.91 -13.64 8.68
C VAL A 270 34.42 -13.68 9.03
N LEU A 271 33.95 -12.61 9.64
CA LEU A 271 32.54 -12.51 9.99
C LEU A 271 31.72 -12.19 8.75
N GLU A 272 30.68 -12.98 8.50
CA GLU A 272 29.84 -12.78 7.33
C GLU A 272 28.38 -12.72 7.74
N VAL A 273 27.59 -12.11 6.88
CA VAL A 273 26.16 -11.94 7.13
C VAL A 273 25.35 -12.59 6.01
N PRO A 274 24.69 -13.71 6.27
CA PRO A 274 23.72 -14.23 5.29
C PRO A 274 22.59 -13.23 5.11
N LEU A 275 22.08 -13.12 3.88
CA LEU A 275 21.11 -12.09 3.55
C LEU A 275 19.71 -12.67 3.55
N GLU A 276 18.82 -12.02 4.28
CA GLU A 276 17.41 -12.35 4.28
C GLU A 276 16.62 -11.06 4.25
N HIS A 277 15.35 -11.16 3.95
CA HIS A 277 14.48 -10.00 3.87
C HIS A 277 13.40 -10.11 4.96
N PRO A 278 12.98 -8.99 5.56
CA PRO A 278 12.00 -9.10 6.65
C PRO A 278 10.65 -9.66 6.23
N THR A 279 10.16 -9.34 5.03
CA THR A 279 8.86 -9.83 4.61
C THR A 279 8.88 -10.72 3.39
N LEU A 280 9.96 -10.71 2.61
CA LEU A 280 10.09 -11.57 1.43
C LEU A 280 10.84 -12.83 1.86
N GLU A 281 10.07 -13.86 2.23
CA GLU A 281 10.66 -15.04 2.85
C GLU A 281 11.58 -15.79 1.88
N TRP A 282 11.31 -15.71 0.58
CA TRP A 282 12.15 -16.40 -0.39
C TRP A 282 13.53 -15.76 -0.57
N PHE A 283 13.75 -14.53 -0.06
CA PHE A 283 15.02 -13.85 -0.29
C PHE A 283 16.19 -14.64 0.28
N ALA A 284 15.99 -15.23 1.46
CA ALA A 284 17.03 -16.06 2.08
C ALA A 284 17.47 -17.18 1.13
N ALA A 285 16.52 -17.79 0.44
CA ALA A 285 16.83 -18.95 -0.40
C ALA A 285 17.67 -18.58 -1.61
N LEU A 286 17.77 -17.29 -1.94
CA LEU A 286 18.70 -16.88 -2.98
C LEU A 286 20.16 -17.13 -2.59
N GLY A 287 20.42 -17.50 -1.33
CA GLY A 287 21.77 -17.85 -0.92
C GLY A 287 22.76 -16.70 -0.86
N LEU A 288 22.29 -15.46 -0.82
CA LEU A 288 23.17 -14.31 -0.81
C LEU A 288 23.76 -14.05 0.57
N ARG A 289 25.01 -13.59 0.59
CA ARG A 289 25.75 -13.23 1.80
C ARG A 289 26.67 -12.06 1.47
N TRP A 290 27.15 -11.37 2.50
CA TRP A 290 28.26 -10.44 2.36
C TRP A 290 29.06 -10.39 3.66
N TYR A 291 30.30 -9.92 3.57
CA TYR A 291 31.17 -9.90 4.74
C TYR A 291 31.02 -8.61 5.54
N ALA A 292 31.41 -8.69 6.82
CA ALA A 292 31.22 -7.62 7.78
C ALA A 292 32.21 -6.48 7.57
N LEU A 293 33.44 -6.77 7.19
CA LEU A 293 34.50 -5.78 7.33
C LEU A 293 34.96 -5.21 5.99
N PRO A 294 34.72 -3.92 5.69
CA PRO A 294 35.32 -3.29 4.51
C PRO A 294 36.73 -2.81 4.87
N ALA A 295 37.74 -3.51 4.33
CA ALA A 295 39.13 -3.23 4.69
C ALA A 295 39.95 -3.09 3.41
N VAL A 296 40.19 -1.85 2.99
CA VAL A 296 40.89 -1.56 1.74
C VAL A 296 42.38 -1.76 1.94
N SER A 297 42.98 -2.65 1.12
CA SER A 297 44.35 -3.11 1.32
C SER A 297 45.22 -2.93 0.08
N ASN A 298 44.87 -2.02 -0.82
CA ASN A 298 45.69 -1.78 -2.00
C ASN A 298 46.10 -0.32 -2.14
N MET A 299 45.82 0.50 -1.13
CA MET A 299 46.08 1.92 -1.23
C MET A 299 47.35 2.29 -0.46
N LEU A 300 47.92 3.43 -0.83
CA LEU A 300 49.22 3.86 -0.36
C LEU A 300 49.04 5.08 0.53
N LEU A 301 49.44 4.96 1.78
CA LEU A 301 49.35 6.04 2.75
C LEU A 301 50.59 6.91 2.66
N GLU A 302 50.39 8.22 2.59
CA GLU A 302 51.48 9.17 2.44
C GLU A 302 51.42 10.17 3.59
N ILE A 303 52.46 10.19 4.42
CA ILE A 303 52.52 11.11 5.56
C ILE A 303 53.86 11.84 5.53
N GLY A 304 53.81 13.16 5.50
CA GLY A 304 55.03 13.95 5.62
C GLY A 304 56.11 13.55 4.65
N GLY A 305 55.74 13.21 3.42
CA GLY A 305 56.69 12.77 2.43
C GLY A 305 57.02 11.29 2.48
N LEU A 306 56.62 10.58 3.54
CA LEU A 306 56.89 9.16 3.64
C LEU A 306 55.75 8.36 3.03
N GLU A 307 56.07 7.17 2.55
CA GLU A 307 55.16 6.40 1.71
C GLU A 307 55.03 4.98 2.25
N PHE A 308 53.81 4.56 2.54
CA PHE A 308 53.53 3.27 3.13
C PHE A 308 52.68 2.46 2.17
N PRO A 309 53.29 1.70 1.24
CA PRO A 309 52.49 0.97 0.24
C PRO A 309 51.59 -0.11 0.83
N ALA A 310 51.79 -0.48 2.09
CA ALA A 310 50.98 -1.49 2.78
C ALA A 310 50.50 -0.86 4.09
N ALA A 311 49.25 -0.40 4.10
CA ALA A 311 48.66 0.27 5.27
C ALA A 311 47.15 0.07 5.21
N PRO A 312 46.67 -1.14 5.46
CA PRO A 312 45.25 -1.42 5.31
C PRO A 312 44.43 -0.69 6.37
N PHE A 313 43.31 -0.10 5.93
CA PHE A 313 42.37 0.58 6.81
C PHE A 313 40.97 0.01 6.66
N SER A 314 40.18 0.13 7.72
CA SER A 314 38.87 -0.50 7.77
C SER A 314 37.93 0.33 8.63
N GLY A 315 36.65 0.28 8.28
CA GLY A 315 35.61 0.92 9.05
C GLY A 315 34.40 0.01 9.12
N TRP A 316 33.24 0.53 8.72
CA TRP A 316 32.05 -0.29 8.54
C TRP A 316 31.33 0.17 7.27
N TYR A 317 30.44 -0.69 6.79
CA TYR A 317 29.81 -0.48 5.50
C TYR A 317 28.66 0.53 5.59
N MET A 318 28.53 1.34 4.54
CA MET A 318 27.26 1.98 4.22
C MET A 318 26.47 1.00 3.34
N SER A 319 25.17 0.86 3.63
CA SER A 319 24.45 -0.28 3.08
C SER A 319 24.37 -0.24 1.56
N THR A 320 24.40 0.95 0.93
CA THR A 320 24.31 0.99 -0.53
C THR A 320 25.55 0.38 -1.19
N GLU A 321 26.71 0.44 -0.53
CA GLU A 321 27.90 -0.21 -1.09
C GLU A 321 27.64 -1.68 -1.37
N ILE A 322 26.97 -2.37 -0.44
CA ILE A 322 26.67 -3.78 -0.61
C ILE A 322 25.42 -3.97 -1.45
N GLY A 323 24.32 -3.33 -1.03
CA GLY A 323 23.03 -3.58 -1.65
C GLY A 323 22.95 -3.07 -3.09
N THR A 324 23.52 -1.90 -3.36
CA THR A 324 23.39 -1.31 -4.68
C THR A 324 24.58 -1.63 -5.58
N ARG A 325 25.79 -1.31 -5.15
CA ARG A 325 26.96 -1.47 -6.01
C ARG A 325 27.39 -2.93 -6.10
N ASN A 326 27.68 -3.58 -4.96
CA ASN A 326 28.27 -4.92 -5.02
C ASN A 326 27.29 -5.94 -5.57
N LEU A 327 26.02 -5.84 -5.21
CA LEU A 327 25.08 -6.87 -5.62
C LEU A 327 24.37 -6.54 -6.93
N CYS A 328 24.16 -5.26 -7.26
CA CYS A 328 23.32 -4.89 -8.41
C CYS A 328 24.09 -4.31 -9.60
N ASP A 329 25.36 -3.93 -9.44
CA ASP A 329 26.12 -3.45 -10.59
C ASP A 329 26.14 -4.50 -11.70
N PRO A 330 25.91 -4.12 -12.95
CA PRO A 330 25.91 -5.11 -14.03
C PRO A 330 27.19 -5.91 -14.12
N HIS A 331 28.32 -5.33 -13.74
CA HIS A 331 29.61 -6.01 -13.78
C HIS A 331 30.00 -6.62 -12.44
N ARG A 332 29.10 -6.63 -11.47
CA ARG A 332 29.33 -7.28 -10.18
C ARG A 332 28.37 -8.48 -10.08
N TYR A 333 27.67 -8.69 -8.97
CA TYR A 333 26.83 -9.87 -8.88
C TYR A 333 25.57 -9.78 -9.73
N ASN A 334 25.17 -8.58 -10.16
CA ASN A 334 24.14 -8.40 -11.19
C ASN A 334 22.86 -9.18 -10.88
N ILE A 335 22.37 -9.04 -9.65
CA ILE A 335 21.25 -9.86 -9.16
C ILE A 335 19.90 -9.18 -9.34
N LEU A 336 19.88 -7.97 -9.90
CA LEU A 336 18.67 -7.15 -9.88
C LEU A 336 17.48 -7.84 -10.55
N GLU A 337 17.72 -8.45 -11.73
CA GLU A 337 16.61 -9.09 -12.43
C GLU A 337 16.15 -10.34 -11.69
N ASP A 338 17.08 -11.07 -11.07
CA ASP A 338 16.71 -12.26 -10.32
C ASP A 338 15.77 -11.91 -9.17
N VAL A 339 16.06 -10.86 -8.43
CA VAL A 339 15.17 -10.43 -7.36
C VAL A 339 13.85 -9.95 -7.93
N ALA A 340 13.88 -9.30 -9.10
CA ALA A 340 12.65 -8.77 -9.70
C ALA A 340 11.73 -9.89 -10.16
N VAL A 341 12.30 -10.98 -10.68
CA VAL A 341 11.48 -12.13 -11.07
C VAL A 341 10.76 -12.69 -9.84
N CYS A 342 11.51 -12.83 -8.74
CA CYS A 342 10.94 -13.34 -7.50
C CYS A 342 9.87 -12.42 -6.93
N MET A 343 9.95 -11.12 -7.19
CA MET A 343 8.92 -10.20 -6.74
C MET A 343 7.74 -10.13 -7.70
N ASP A 344 7.77 -10.91 -8.77
CA ASP A 344 6.77 -10.87 -9.83
C ASP A 344 6.56 -9.45 -10.37
N LEU A 345 7.66 -8.75 -10.65
CA LEU A 345 7.60 -7.40 -11.21
C LEU A 345 7.55 -7.44 -12.74
N ASP A 346 7.07 -6.35 -13.33
CA ASP A 346 6.99 -6.28 -14.80
C ASP A 346 8.36 -5.92 -15.36
N THR A 347 9.17 -6.93 -15.65
CA THR A 347 10.47 -6.66 -16.24
C THR A 347 10.38 -6.36 -17.73
N ARG A 348 9.18 -6.38 -18.30
CA ARG A 348 9.03 -6.18 -19.73
C ARG A 348 9.08 -4.71 -20.15
N THR A 349 8.91 -3.77 -19.22
CA THR A 349 8.96 -2.34 -19.54
C THR A 349 9.80 -1.59 -18.51
N THR A 350 10.65 -0.68 -19.00
CA THR A 350 11.47 0.08 -18.05
C THR A 350 10.62 0.97 -17.17
N SER A 351 9.49 1.43 -17.69
CA SER A 351 8.66 2.41 -17.01
C SER A 351 7.87 1.80 -15.85
N SER A 352 7.92 0.48 -15.66
CA SER A 352 7.37 -0.08 -14.41
C SER A 352 8.21 0.28 -13.21
N LEU A 353 9.44 0.78 -13.44
CA LEU A 353 10.44 1.03 -12.39
C LEU A 353 10.76 -0.24 -11.61
N TRP A 354 10.77 -1.37 -12.32
CA TRP A 354 11.07 -2.64 -11.67
C TRP A 354 12.50 -2.68 -11.12
N LYS A 355 13.46 -2.08 -11.83
CA LYS A 355 14.83 -2.05 -11.29
C LYS A 355 14.87 -1.27 -9.99
N ASP A 356 14.22 -0.11 -9.96
CA ASP A 356 14.23 0.71 -8.75
C ASP A 356 13.59 -0.03 -7.58
N LYS A 357 12.48 -0.72 -7.83
CA LYS A 357 11.78 -1.44 -6.76
C LYS A 357 12.62 -2.60 -6.24
N ALA A 358 13.18 -3.40 -7.13
CA ALA A 358 14.03 -4.51 -6.69
C ALA A 358 15.24 -3.99 -5.93
N ALA A 359 15.86 -2.91 -6.42
CA ALA A 359 17.05 -2.40 -5.76
C ALA A 359 16.76 -1.96 -4.33
N VAL A 360 15.63 -1.26 -4.11
CA VAL A 360 15.32 -0.81 -2.76
C VAL A 360 15.16 -2.01 -1.83
N GLU A 361 14.50 -3.07 -2.30
CA GLU A 361 14.28 -4.23 -1.43
C GLU A 361 15.60 -4.93 -1.09
N ILE A 362 16.53 -4.97 -2.04
CA ILE A 362 17.86 -5.53 -1.74
C ILE A 362 18.55 -4.70 -0.67
N ASN A 363 18.49 -3.38 -0.77
CA ASN A 363 19.06 -2.55 0.28
C ASN A 363 18.35 -2.79 1.61
N VAL A 364 17.03 -2.93 1.59
CA VAL A 364 16.30 -3.23 2.83
C VAL A 364 16.81 -4.53 3.43
N ALA A 365 17.01 -5.55 2.59
CA ALA A 365 17.52 -6.83 3.09
C ALA A 365 18.91 -6.68 3.68
N VAL A 366 19.78 -5.89 3.04
CA VAL A 366 21.12 -5.70 3.62
C VAL A 366 21.00 -5.12 5.03
N LEU A 367 20.32 -3.98 5.16
CA LEU A 367 20.20 -3.32 6.45
C LEU A 367 19.57 -4.25 7.49
N HIS A 368 18.47 -4.92 7.13
CA HIS A 368 17.82 -5.86 8.04
C HIS A 368 18.77 -6.97 8.49
N SER A 369 19.52 -7.54 7.54
CA SER A 369 20.35 -8.71 7.84
C SER A 369 21.49 -8.35 8.78
N TYR A 370 22.18 -7.24 8.48
CA TYR A 370 23.28 -6.78 9.33
C TYR A 370 22.78 -6.41 10.72
N GLN A 371 21.64 -5.72 10.81
CA GLN A 371 21.09 -5.37 12.12
C GLN A 371 20.74 -6.61 12.93
N LEU A 372 20.10 -7.59 12.28
CA LEU A 372 19.75 -8.81 13.00
C LEU A 372 21.00 -9.58 13.42
N ALA A 373 22.05 -9.55 12.61
CA ALA A 373 23.32 -10.16 13.00
C ALA A 373 24.11 -9.29 13.97
N LYS A 374 23.61 -8.10 14.32
CA LYS A 374 24.33 -7.16 15.19
C LYS A 374 25.73 -6.91 14.64
N VAL A 375 25.79 -6.55 13.35
CA VAL A 375 27.00 -6.09 12.70
C VAL A 375 26.77 -4.63 12.33
N THR A 376 27.70 -3.77 12.71
CA THR A 376 27.54 -2.35 12.47
C THR A 376 27.33 -2.07 10.98
N ILE A 377 26.32 -1.27 10.68
CA ILE A 377 26.09 -0.77 9.32
C ILE A 377 25.36 0.56 9.42
N VAL A 378 25.48 1.37 8.37
CA VAL A 378 24.80 2.67 8.35
C VAL A 378 24.14 2.83 6.99
N ASP A 379 22.87 3.26 6.99
CA ASP A 379 22.17 3.50 5.75
C ASP A 379 22.60 4.84 5.15
N HIS A 380 22.33 4.99 3.85
CA HIS A 380 22.79 6.19 3.14
C HIS A 380 22.10 7.48 3.60
N HIS A 381 20.92 7.41 4.21
CA HIS A 381 20.31 8.63 4.74
C HIS A 381 21.02 9.09 6.00
N ALA A 382 21.32 8.15 6.92
CA ALA A 382 22.06 8.50 8.13
C ALA A 382 23.47 8.94 7.79
N ALA A 383 24.12 8.24 6.86
CA ALA A 383 25.50 8.56 6.51
C ALA A 383 25.61 9.98 5.94
N THR A 384 24.71 10.33 5.00
CA THR A 384 24.84 11.63 4.35
C THR A 384 24.47 12.75 5.32
N ALA A 385 23.48 12.53 6.19
CA ALA A 385 23.16 13.54 7.19
C ALA A 385 24.35 13.78 8.13
N SER A 386 25.07 12.71 8.49
CA SER A 386 26.26 12.91 9.32
CA SER A 386 26.26 12.91 9.32
C SER A 386 27.35 13.62 8.54
N PHE A 387 27.40 13.42 7.22
CA PHE A 387 28.43 14.10 6.44
C PHE A 387 28.17 15.59 6.37
N MET A 388 26.89 15.98 6.25
CA MET A 388 26.56 17.41 6.31
C MET A 388 27.00 18.01 7.63
N LYS A 389 26.85 17.27 8.72
CA LYS A 389 27.31 17.79 10.00
C LYS A 389 28.82 17.88 10.00
N HIS A 390 29.49 16.87 9.43
CA HIS A 390 30.93 16.95 9.27
C HIS A 390 31.34 18.21 8.52
N LEU A 391 30.64 18.50 7.41
CA LEU A 391 30.96 19.69 6.63
C LEU A 391 30.87 20.95 7.49
N GLU A 392 29.84 21.06 8.32
CA GLU A 392 29.72 22.24 9.17
C GLU A 392 30.87 22.31 10.16
N ASN A 393 31.21 21.16 10.78
CA ASN A 393 32.36 21.10 11.68
C ASN A 393 33.63 21.56 10.97
N GLU A 394 33.90 21.00 9.79
CA GLU A 394 35.16 21.33 9.11
C GLU A 394 35.18 22.77 8.66
N GLN A 395 34.01 23.34 8.36
CA GLN A 395 33.95 24.74 7.96
C GLN A 395 34.46 25.64 9.07
N LYS A 396 33.97 25.44 10.29
CA LYS A 396 34.42 26.27 11.40
C LYS A 396 35.86 25.91 11.79
N ALA A 397 36.22 24.63 11.74
CA ALA A 397 37.53 24.20 12.21
C ALA A 397 38.65 24.55 11.22
N ARG A 398 38.48 24.20 9.95
CA ARG A 398 39.55 24.37 8.96
C ARG A 398 39.19 25.28 7.79
N GLY A 399 37.98 25.84 7.75
CA GLY A 399 37.59 26.69 6.63
C GLY A 399 37.23 25.97 5.36
N GLY A 400 36.71 24.74 5.45
CA GLY A 400 36.32 24.02 4.25
C GLY A 400 36.59 22.54 4.33
N CYS A 401 36.32 21.81 3.25
CA CYS A 401 36.47 20.37 3.30
C CYS A 401 36.52 19.84 1.88
N PRO A 402 37.55 19.09 1.51
CA PRO A 402 37.61 18.52 0.15
C PRO A 402 36.62 17.37 0.03
N ALA A 403 35.76 17.45 -0.97
CA ALA A 403 34.73 16.44 -1.14
C ALA A 403 34.51 16.21 -2.62
N ASP A 404 34.31 14.94 -2.96
CA ASP A 404 34.10 14.52 -4.34
C ASP A 404 32.61 14.22 -4.48
N TRP A 405 31.88 15.19 -5.04
CA TRP A 405 30.42 15.10 -5.13
C TRP A 405 29.96 13.75 -5.67
N ALA A 406 30.57 13.30 -6.78
CA ALA A 406 30.09 12.09 -7.44
C ALA A 406 30.24 10.87 -6.54
N TRP A 407 31.17 10.90 -5.60
CA TRP A 407 31.40 9.78 -4.68
C TRP A 407 30.69 9.96 -3.33
N ILE A 408 30.41 11.19 -2.92
CA ILE A 408 29.69 11.40 -1.67
C ILE A 408 28.21 11.11 -1.86
N VAL A 409 27.62 11.54 -2.96
CA VAL A 409 26.20 11.30 -3.24
C VAL A 409 25.98 9.81 -3.43
N PRO A 410 25.05 9.20 -2.70
CA PRO A 410 24.85 7.72 -2.78
C PRO A 410 24.34 7.27 -4.14
N PRO A 411 24.56 6.00 -4.50
CA PRO A 411 24.18 5.52 -5.84
C PRO A 411 22.71 5.15 -6.00
N ILE A 412 21.91 5.22 -4.94
CA ILE A 412 20.46 5.24 -5.07
C ILE A 412 19.95 6.46 -4.33
N SER A 413 18.83 7.01 -4.81
CA SER A 413 18.10 8.06 -4.09
C SER A 413 18.95 9.31 -3.87
N GLY A 414 19.84 9.62 -4.79
CA GLY A 414 20.76 10.73 -4.66
C GLY A 414 20.11 12.01 -4.15
N SER A 415 19.11 12.54 -4.86
CA SER A 415 18.56 13.81 -4.43
C SER A 415 17.65 13.70 -3.21
N LEU A 416 17.38 12.50 -2.68
CA LEU A 416 16.69 12.38 -1.41
C LEU A 416 17.63 12.64 -0.23
N THR A 417 18.92 12.74 -0.48
CA THR A 417 19.89 12.97 0.56
C THR A 417 20.33 14.42 0.52
N PRO A 418 20.75 14.99 1.66
CA PRO A 418 21.09 16.42 1.67
C PRO A 418 22.35 16.74 0.87
N VAL A 419 23.31 15.81 0.75
CA VAL A 419 24.56 16.09 0.06
C VAL A 419 24.33 16.34 -1.43
N PHE A 420 23.24 15.83 -2.01
CA PHE A 420 22.95 16.12 -3.41
C PHE A 420 22.84 17.63 -3.64
N HIS A 421 22.21 18.32 -2.71
CA HIS A 421 21.92 19.75 -2.84
C HIS A 421 23.06 20.62 -2.35
N GLN A 422 24.19 20.02 -1.97
CA GLN A 422 25.35 20.74 -1.44
C GLN A 422 26.44 20.81 -2.50
N GLU A 423 26.81 22.03 -2.89
CA GLU A 423 27.96 22.21 -3.75
C GLU A 423 29.23 21.88 -2.97
N MET A 424 30.21 21.31 -3.66
CA MET A 424 31.42 20.81 -3.03
C MET A 424 32.64 21.18 -3.87
N VAL A 425 33.79 21.27 -3.20
CA VAL A 425 35.06 21.60 -3.83
C VAL A 425 36.01 20.43 -3.61
N ASN A 426 36.59 19.93 -4.69
CA ASN A 426 37.48 18.78 -4.65
C ASN A 426 38.92 19.24 -4.83
N TYR A 427 39.82 18.73 -3.98
CA TYR A 427 41.23 19.07 -4.06
C TYR A 427 41.99 18.11 -3.16
N PHE A 428 43.32 18.09 -3.32
CA PHE A 428 44.18 17.13 -2.65
C PHE A 428 44.92 17.81 -1.50
N LEU A 429 44.75 17.28 -0.29
CA LEU A 429 45.55 17.69 0.87
C LEU A 429 46.44 16.55 1.33
N SER A 430 47.51 16.91 2.05
CA SER A 430 48.39 15.92 2.65
C SER A 430 48.37 16.06 4.16
N PRO A 431 48.44 14.94 4.91
CA PRO A 431 48.50 13.52 4.54
C PRO A 431 47.33 13.02 3.71
N ALA A 432 47.52 11.89 3.05
CA ALA A 432 46.50 11.42 2.13
C ALA A 432 46.64 9.92 1.89
N PHE A 433 45.53 9.31 1.54
CA PHE A 433 45.51 8.02 0.88
C PHE A 433 45.56 8.23 -0.62
N ARG A 434 46.47 7.54 -1.30
CA ARG A 434 46.57 7.62 -2.75
C ARG A 434 46.44 6.24 -3.38
N TYR A 435 45.93 6.21 -4.61
CA TYR A 435 45.99 4.99 -5.40
C TYR A 435 47.43 4.71 -5.81
N GLN A 436 47.70 3.45 -6.16
CA GLN A 436 49.06 3.06 -6.53
C GLN A 436 48.96 1.94 -7.55
N PRO A 437 50.01 1.73 -8.36
CA PRO A 437 49.97 0.66 -9.36
C PRO A 437 49.81 -0.70 -8.69
N ASP A 438 49.20 -1.64 -9.42
CA ASP A 438 49.15 -3.01 -8.95
C ASP A 438 50.56 -3.59 -8.93
N PRO A 439 50.91 -4.39 -7.90
CA PRO A 439 52.31 -4.84 -7.77
C PRO A 439 52.74 -5.87 -8.81
N TRP A 440 52.40 -5.65 -10.08
CA TRP A 440 52.89 -6.46 -11.18
C TRP A 440 52.62 -5.77 -12.53
N PHE B 28 44.98 14.42 -24.70
CA PHE B 28 43.60 14.01 -24.88
C PHE B 28 43.12 13.08 -23.77
N PRO B 29 42.09 13.50 -23.03
CA PRO B 29 41.66 12.74 -21.86
C PRO B 29 41.13 11.36 -22.24
N ARG B 30 41.55 10.34 -21.49
CA ARG B 30 41.01 9.00 -21.67
C ARG B 30 39.80 8.78 -20.78
N VAL B 31 38.78 8.13 -21.36
CA VAL B 31 37.45 8.00 -20.76
C VAL B 31 37.09 6.53 -20.74
N LYS B 32 36.77 6.01 -19.56
CA LYS B 32 36.43 4.59 -19.42
C LYS B 32 34.96 4.42 -19.10
N ASN B 33 34.34 3.40 -19.71
CA ASN B 33 33.06 2.89 -19.25
C ASN B 33 33.36 1.72 -18.32
N TRP B 34 32.95 1.85 -17.06
CA TRP B 34 33.30 0.84 -16.07
C TRP B 34 32.38 -0.36 -16.11
N GLU B 35 31.20 -0.23 -16.71
CA GLU B 35 30.30 -1.37 -16.83
C GLU B 35 30.80 -2.38 -17.86
N VAL B 36 31.27 -1.89 -19.01
CA VAL B 36 31.61 -2.74 -20.14
C VAL B 36 33.11 -2.98 -20.23
N GLY B 37 33.92 -1.98 -19.90
CA GLY B 37 35.35 -1.99 -20.17
C GLY B 37 35.79 -1.05 -21.28
N SER B 38 34.85 -0.43 -22.00
CA SER B 38 35.18 0.46 -23.12
C SER B 38 36.16 1.56 -22.70
N ILE B 39 37.04 1.92 -23.62
CA ILE B 39 37.96 3.04 -23.46
C ILE B 39 37.95 3.88 -24.72
N THR B 40 37.72 5.19 -24.58
CA THR B 40 37.79 6.15 -25.67
C THR B 40 38.55 7.38 -25.20
N TYR B 41 38.95 8.22 -26.16
CA TYR B 41 39.63 9.48 -25.91
C TYR B 41 38.79 10.62 -26.45
N ASP B 42 38.67 11.69 -25.66
CA ASP B 42 37.84 12.84 -26.04
C ASP B 42 38.74 13.88 -26.70
N THR B 43 38.95 13.72 -28.01
CA THR B 43 39.74 14.69 -28.76
C THR B 43 38.97 15.99 -28.98
N LEU B 44 37.63 15.96 -28.84
CA LEU B 44 36.83 17.16 -29.06
C LEU B 44 37.03 18.19 -27.95
N SER B 45 37.39 17.76 -26.74
CA SER B 45 37.60 18.71 -25.66
C SER B 45 38.73 19.69 -25.98
N ALA B 46 39.72 19.28 -26.78
CA ALA B 46 40.79 20.18 -27.15
C ALA B 46 40.29 21.42 -27.89
N GLN B 47 39.12 21.34 -28.50
CA GLN B 47 38.53 22.45 -29.23
C GLN B 47 37.71 23.38 -28.34
N ALA B 48 37.68 23.16 -27.03
CA ALA B 48 36.88 23.99 -26.14
C ALA B 48 37.42 25.42 -26.12
N GLN B 49 36.73 26.33 -26.80
CA GLN B 49 37.16 27.73 -26.87
C GLN B 49 36.33 28.63 -25.96
N GLN B 50 36.10 28.16 -24.74
CA GLN B 50 35.74 28.99 -23.59
C GLN B 50 36.03 28.19 -22.32
N ASP B 51 36.31 28.91 -21.24
CA ASP B 51 36.85 28.31 -20.02
C ASP B 51 35.77 28.11 -18.96
N GLY B 52 35.90 27.00 -18.22
CA GLY B 52 35.05 26.70 -17.09
C GLY B 52 35.71 27.04 -15.76
N PRO B 53 35.16 26.52 -14.67
CA PRO B 53 35.59 26.95 -13.32
C PRO B 53 36.68 26.12 -12.66
N CYS B 54 37.06 24.98 -13.21
CA CYS B 54 38.04 24.12 -12.54
C CYS B 54 39.46 24.57 -12.85
N THR B 55 40.37 24.22 -11.95
CA THR B 55 41.80 24.42 -12.13
C THR B 55 42.49 23.13 -11.69
N PRO B 56 43.79 23.00 -11.96
CA PRO B 56 44.53 21.86 -11.40
C PRO B 56 44.56 21.87 -9.87
N ARG B 57 44.31 23.02 -9.25
CA ARG B 57 44.25 23.09 -7.79
C ARG B 57 42.98 22.42 -7.26
N ARG B 58 41.85 22.70 -7.89
CA ARG B 58 40.56 22.40 -7.29
C ARG B 58 39.52 22.25 -8.38
N CYS B 59 38.69 21.22 -8.27
CA CYS B 59 37.58 21.01 -9.19
C CYS B 59 36.32 21.64 -8.62
N LEU B 60 35.63 22.46 -9.44
CA LEU B 60 34.36 23.08 -9.10
C LEU B 60 33.22 22.57 -9.98
N GLY B 61 33.38 21.37 -10.53
CA GLY B 61 32.35 20.75 -11.35
C GLY B 61 30.97 20.66 -10.73
N SER B 62 30.87 20.58 -9.40
CA SER B 62 29.56 20.44 -8.75
C SER B 62 28.80 21.75 -8.61
N LEU B 63 29.37 22.88 -9.02
CA LEU B 63 28.69 24.15 -8.82
C LEU B 63 27.60 24.32 -9.87
N VAL B 64 26.43 24.82 -9.44
CA VAL B 64 25.31 24.97 -10.37
C VAL B 64 25.58 26.09 -11.35
N PHE B 65 25.96 27.25 -10.83
CA PHE B 65 26.27 28.37 -11.71
C PHE B 65 27.77 28.59 -11.70
N PRO B 66 28.49 28.06 -12.69
CA PRO B 66 29.95 28.23 -12.74
C PRO B 66 30.37 29.34 -13.68
N ARG B 67 29.68 30.48 -13.61
CA ARG B 67 30.00 31.65 -14.43
C ARG B 67 29.21 32.87 -13.95
N ALA B 79 34.28 45.50 -29.35
CA ALA B 79 35.20 44.37 -29.51
C ALA B 79 34.91 43.59 -30.79
N PRO B 80 35.25 44.18 -31.96
CA PRO B 80 34.88 43.55 -33.23
C PRO B 80 35.76 42.36 -33.59
N GLU B 81 37.01 42.34 -33.12
CA GLU B 81 37.93 41.28 -33.52
C GLU B 81 37.52 39.93 -32.93
N GLN B 82 36.99 39.94 -31.71
CA GLN B 82 36.61 38.70 -31.06
C GLN B 82 35.23 38.25 -31.51
N LEU B 83 34.34 39.20 -31.78
CA LEU B 83 33.13 38.87 -32.55
C LEU B 83 33.49 38.19 -33.86
N LEU B 84 34.54 38.69 -34.52
CA LEU B 84 34.92 38.14 -35.82
C LEU B 84 35.43 36.71 -35.71
N SER B 85 36.24 36.40 -34.69
CA SER B 85 36.79 35.06 -34.61
C SER B 85 35.75 34.04 -34.20
N GLN B 86 34.76 34.43 -33.40
CA GLN B 86 33.64 33.55 -33.12
C GLN B 86 32.80 33.33 -34.38
N ALA B 87 32.50 34.40 -35.11
CA ALA B 87 31.72 34.25 -36.33
C ALA B 87 32.44 33.35 -37.33
N ARG B 88 33.74 33.61 -37.52
CA ARG B 88 34.56 32.79 -38.41
C ARG B 88 34.45 31.31 -38.06
N ASP B 89 34.60 30.98 -36.77
CA ASP B 89 34.57 29.57 -36.38
C ASP B 89 33.21 28.95 -36.66
N PHE B 90 32.13 29.69 -36.38
CA PHE B 90 30.80 29.13 -36.61
C PHE B 90 30.51 28.99 -38.11
N ILE B 91 30.93 29.96 -38.93
CA ILE B 91 30.78 29.80 -40.37
C ILE B 91 31.55 28.57 -40.84
N ASN B 92 32.76 28.37 -40.32
CA ASN B 92 33.50 27.14 -40.63
C ASN B 92 32.69 25.91 -40.24
N GLN B 93 32.09 25.92 -39.05
CA GLN B 93 31.26 24.78 -38.63
C GLN B 93 30.13 24.54 -39.61
N TYR B 94 29.44 25.60 -40.01
CA TYR B 94 28.27 25.44 -40.87
C TYR B 94 28.66 24.85 -42.23
N TYR B 95 29.72 25.38 -42.83
CA TYR B 95 30.13 24.87 -44.14
C TYR B 95 30.71 23.46 -44.03
N SER B 96 31.30 23.10 -42.88
CA SER B 96 31.65 21.70 -42.66
C SER B 96 30.41 20.82 -42.65
N SER B 97 29.34 21.28 -41.99
CA SER B 97 28.11 20.50 -41.88
C SER B 97 27.43 20.27 -43.23
N ILE B 98 27.59 21.19 -44.19
CA ILE B 98 26.99 21.01 -45.50
C ILE B 98 28.00 20.48 -46.52
N LYS B 99 29.08 19.85 -46.05
CA LYS B 99 30.11 19.24 -46.90
C LYS B 99 30.60 20.21 -47.98
N ARG B 100 30.83 21.46 -47.58
CA ARG B 100 31.23 22.53 -48.50
C ARG B 100 32.40 23.32 -47.95
N SER B 101 33.20 22.71 -47.07
CA SER B 101 34.33 23.40 -46.46
CA SER B 101 34.32 23.41 -46.46
C SER B 101 35.28 23.92 -47.52
N GLY B 102 35.73 25.16 -47.36
CA GLY B 102 36.71 25.77 -48.25
C GLY B 102 36.22 26.14 -49.62
N SER B 103 34.91 26.11 -49.87
CA SER B 103 34.37 26.35 -51.19
C SER B 103 34.21 27.85 -51.47
N GLN B 104 33.80 28.16 -52.71
CA GLN B 104 33.51 29.54 -53.08
C GLN B 104 32.53 30.18 -52.12
N ALA B 105 31.38 29.53 -51.93
CA ALA B 105 30.35 30.06 -51.05
C ALA B 105 30.87 30.25 -49.63
N HIS B 106 31.79 29.38 -49.19
CA HIS B 106 32.33 29.46 -47.83
C HIS B 106 33.12 30.75 -47.65
N GLU B 107 34.13 30.97 -48.50
CA GLU B 107 34.94 32.19 -48.35
C GLU B 107 34.10 33.43 -48.64
N GLN B 108 33.11 33.33 -49.53
CA GLN B 108 32.21 34.45 -49.76
C GLN B 108 31.55 34.89 -48.46
N ARG B 109 31.07 33.92 -47.67
CA ARG B 109 30.38 34.26 -46.43
C ARG B 109 31.32 34.88 -45.42
N LEU B 110 32.52 34.30 -45.25
CA LEU B 110 33.54 34.89 -44.40
C LEU B 110 33.73 36.37 -44.70
N GLN B 111 34.11 36.70 -45.94
CA GLN B 111 34.34 38.09 -46.31
C GLN B 111 33.10 38.94 -46.08
N GLU B 112 31.94 38.42 -46.48
CA GLU B 112 30.67 39.10 -46.21
C GLU B 112 30.50 39.44 -44.73
N VAL B 113 30.75 38.48 -43.85
CA VAL B 113 30.55 38.72 -42.42
C VAL B 113 31.52 39.79 -41.91
N GLU B 114 32.80 39.67 -42.29
CA GLU B 114 33.78 40.68 -41.89
C GLU B 114 33.37 42.06 -42.39
N ALA B 115 32.97 42.15 -43.65
CA ALA B 115 32.50 43.42 -44.20
C ALA B 115 31.33 43.97 -43.40
N GLU B 116 30.41 43.11 -42.97
CA GLU B 116 29.24 43.60 -42.26
C GLU B 116 29.61 44.03 -40.85
N VAL B 117 30.51 43.30 -40.19
CA VAL B 117 30.96 43.72 -38.85
C VAL B 117 31.68 45.05 -38.94
N ALA B 118 32.50 45.23 -39.97
CA ALA B 118 33.24 46.48 -40.14
C ALA B 118 32.29 47.66 -40.40
N ALA B 119 31.19 47.41 -41.11
CA ALA B 119 30.24 48.45 -41.48
C ALA B 119 29.22 48.74 -40.39
N THR B 120 28.73 47.69 -39.72
CA THR B 120 27.61 47.80 -38.80
C THR B 120 27.94 47.40 -37.37
N GLY B 121 29.14 46.87 -37.12
CA GLY B 121 29.48 46.38 -35.81
C GLY B 121 28.97 44.98 -35.50
N THR B 122 28.25 44.36 -36.42
CA THR B 122 27.63 43.07 -36.17
C THR B 122 27.32 42.40 -37.52
N TYR B 123 26.58 41.30 -37.50
CA TYR B 123 26.15 40.69 -38.75
C TYR B 123 24.83 39.97 -38.53
N GLN B 124 24.25 39.47 -39.62
CA GLN B 124 22.97 38.77 -39.60
C GLN B 124 23.14 37.34 -40.09
N LEU B 125 22.53 36.40 -39.37
CA LEU B 125 22.55 35.01 -39.78
C LEU B 125 21.57 34.76 -40.93
N ARG B 126 21.98 33.93 -41.88
CA ARG B 126 21.04 33.38 -42.83
C ARG B 126 20.16 32.36 -42.13
N GLU B 127 18.97 32.14 -42.68
CA GLU B 127 18.01 31.25 -42.04
C GLU B 127 18.61 29.87 -41.78
N SER B 128 19.26 29.28 -42.79
CA SER B 128 19.81 27.94 -42.61
CA SER B 128 19.80 27.93 -42.61
C SER B 128 20.92 27.91 -41.56
N GLU B 129 21.67 29.00 -41.43
CA GLU B 129 22.68 29.05 -40.38
C GLU B 129 22.05 29.10 -39.00
N LEU B 130 20.92 29.79 -38.86
CA LEU B 130 20.24 29.89 -37.57
C LEU B 130 19.69 28.53 -37.16
N VAL B 131 19.14 27.79 -38.11
CA VAL B 131 18.64 26.44 -37.82
C VAL B 131 19.78 25.54 -37.38
N PHE B 132 20.88 25.53 -38.16
CA PHE B 132 22.03 24.72 -37.79
C PHE B 132 22.58 25.12 -36.43
N GLY B 133 22.65 26.43 -36.17
CA GLY B 133 23.22 26.89 -34.92
C GLY B 133 22.37 26.59 -33.70
N ALA B 134 21.04 26.64 -33.86
CA ALA B 134 20.17 26.27 -32.74
C ALA B 134 20.34 24.79 -32.39
N LYS B 135 20.39 23.93 -33.41
CA LYS B 135 20.61 22.50 -33.19
C LYS B 135 21.96 22.22 -32.52
N GLN B 136 23.03 22.89 -32.99
CA GLN B 136 24.33 22.68 -32.35
C GLN B 136 24.32 23.12 -30.90
N ALA B 137 23.56 24.17 -30.59
CA ALA B 137 23.49 24.64 -29.20
C ALA B 137 22.87 23.58 -28.32
N TRP B 138 21.81 22.93 -28.80
CA TRP B 138 21.27 21.78 -28.07
C TRP B 138 22.28 20.64 -28.00
N ARG B 139 22.83 20.27 -29.16
CA ARG B 139 23.85 19.22 -29.24
C ARG B 139 24.99 19.44 -28.25
N ASN B 140 25.38 20.71 -28.03
CA ASN B 140 26.53 21.06 -27.22
C ASN B 140 26.24 21.19 -25.71
N ALA B 141 24.97 21.11 -25.28
CA ALA B 141 24.54 21.41 -23.92
C ALA B 141 24.97 20.27 -22.98
N PRO B 142 25.97 20.48 -22.11
CA PRO B 142 26.53 19.35 -21.35
C PRO B 142 25.58 18.73 -20.34
N ARG B 143 24.52 19.45 -19.95
CA ARG B 143 23.64 19.02 -18.87
C ARG B 143 22.34 18.42 -19.38
N CYS B 144 22.22 18.22 -20.69
CA CYS B 144 21.01 17.66 -21.30
C CYS B 144 21.20 16.17 -21.59
N VAL B 145 20.43 15.33 -20.90
CA VAL B 145 20.43 13.89 -21.17
C VAL B 145 19.63 13.50 -22.40
N GLY B 146 18.79 14.40 -22.91
CA GLY B 146 17.95 14.05 -24.06
C GLY B 146 18.53 14.35 -25.43
N ARG B 147 19.84 14.53 -25.52
CA ARG B 147 20.44 15.00 -26.78
C ARG B 147 20.46 13.96 -27.90
N ILE B 148 19.99 12.72 -27.72
CA ILE B 148 19.89 11.85 -28.88
C ILE B 148 18.95 12.45 -29.93
N GLN B 149 18.02 13.31 -29.49
CA GLN B 149 17.04 14.00 -30.30
C GLN B 149 17.56 15.28 -30.99
N TRP B 150 18.85 15.64 -30.84
CA TRP B 150 19.28 17.02 -31.10
C TRP B 150 18.99 17.45 -32.54
N GLY B 151 19.03 16.52 -33.51
CA GLY B 151 18.75 16.87 -34.90
C GLY B 151 17.30 17.12 -35.23
N LYS B 152 16.38 16.69 -34.36
CA LYS B 152 14.95 16.78 -34.60
C LYS B 152 14.45 17.95 -33.76
N LEU B 153 14.55 19.16 -34.33
CA LEU B 153 14.26 20.39 -33.60
C LEU B 153 13.59 21.35 -34.57
N GLN B 154 12.38 21.77 -34.21
CA GLN B 154 11.64 22.75 -35.01
C GLN B 154 12.11 24.15 -34.61
N VAL B 155 12.64 24.90 -35.57
CA VAL B 155 13.20 26.22 -35.32
C VAL B 155 12.20 27.25 -35.88
N PHE B 156 11.65 28.07 -34.99
CA PHE B 156 10.77 29.17 -35.39
C PHE B 156 11.57 30.45 -35.41
N ASP B 157 11.59 31.11 -36.55
CA ASP B 157 12.40 32.31 -36.74
C ASP B 157 11.53 33.52 -36.41
N ALA B 158 11.67 34.04 -35.18
CA ALA B 158 10.95 35.25 -34.76
C ALA B 158 11.86 36.48 -34.73
N ARG B 159 12.92 36.48 -35.55
CA ARG B 159 13.87 37.59 -35.47
C ARG B 159 13.28 38.88 -36.01
N ASP B 160 12.11 38.82 -36.64
CA ASP B 160 11.42 40.03 -37.08
C ASP B 160 10.48 40.58 -36.02
N CYS B 161 10.43 39.96 -34.84
CA CYS B 161 9.47 40.37 -33.82
C CYS B 161 9.62 41.84 -33.48
N ARG B 162 8.50 42.53 -33.37
CA ARG B 162 8.48 43.97 -33.25
C ARG B 162 8.14 44.48 -31.87
N SER B 163 7.38 43.72 -31.08
CA SER B 163 6.78 44.22 -29.85
C SER B 163 6.62 43.08 -28.87
N ALA B 164 6.26 43.44 -27.63
CA ALA B 164 5.86 42.41 -26.68
C ALA B 164 4.58 41.70 -27.09
N GLN B 165 3.65 42.41 -27.76
CA GLN B 165 2.41 41.74 -28.16
C GLN B 165 2.66 40.71 -29.26
N GLU B 166 3.49 41.04 -30.25
CA GLU B 166 3.86 40.05 -31.26
C GLU B 166 4.63 38.90 -30.62
N MET B 167 5.50 39.23 -29.65
CA MET B 167 6.24 38.21 -28.91
C MET B 167 5.29 37.18 -28.28
N PHE B 168 4.26 37.68 -27.60
CA PHE B 168 3.26 36.79 -27.00
C PHE B 168 2.62 35.85 -28.03
N THR B 169 2.25 36.38 -29.21
CA THR B 169 1.62 35.56 -30.23
C THR B 169 2.57 34.48 -30.71
N TYR B 170 3.84 34.84 -30.90
CA TYR B 170 4.87 33.86 -31.24
C TYR B 170 4.98 32.80 -30.15
N ILE B 171 4.86 33.20 -28.90
CA ILE B 171 5.04 32.22 -27.82
C ILE B 171 3.87 31.26 -27.78
N CYS B 172 2.65 31.78 -27.95
CA CYS B 172 1.47 30.91 -27.94
C CYS B 172 1.54 29.88 -29.06
N ASN B 173 2.00 30.28 -30.25
CA ASN B 173 2.07 29.29 -31.32
CA ASN B 173 2.13 29.33 -31.37
C ASN B 173 3.19 28.27 -31.08
N HIS B 174 4.29 28.68 -30.44
CA HIS B 174 5.29 27.71 -30.00
C HIS B 174 4.68 26.67 -29.08
N ILE B 175 4.00 27.12 -28.02
CA ILE B 175 3.35 26.21 -27.07
C ILE B 175 2.37 25.28 -27.79
N LYS B 176 1.56 25.83 -28.69
CA LYS B 176 0.57 25.00 -29.37
C LYS B 176 1.26 23.93 -30.22
N TYR B 177 2.24 24.34 -31.01
CA TYR B 177 2.99 23.42 -31.85
C TYR B 177 3.69 22.35 -31.02
N ALA B 178 4.42 22.78 -29.99
CA ALA B 178 5.22 21.85 -29.21
C ALA B 178 4.34 20.87 -28.46
N THR B 179 3.23 21.35 -27.92
CA THR B 179 2.36 20.49 -27.14
C THR B 179 1.68 19.47 -28.04
N ASN B 180 1.09 19.92 -29.14
CA ASN B 180 0.57 19.02 -30.16
C ASN B 180 -0.39 17.99 -29.54
N ARG B 181 -1.23 18.47 -28.63
CA ARG B 181 -2.28 17.68 -27.96
C ARG B 181 -1.72 16.54 -27.13
N GLY B 182 -0.44 16.59 -26.74
CA GLY B 182 0.17 15.56 -25.94
C GLY B 182 1.25 14.78 -26.66
N ASN B 183 1.27 14.82 -27.98
CA ASN B 183 2.36 14.21 -28.74
C ASN B 183 3.44 15.28 -28.95
N LEU B 184 4.26 15.46 -27.92
CA LEU B 184 5.13 16.62 -27.83
C LEU B 184 6.20 16.61 -28.93
N ARG B 185 6.53 17.82 -29.42
CA ARG B 185 7.53 18.01 -30.46
C ARG B 185 8.54 19.06 -29.99
N SER B 186 9.84 18.76 -30.14
CA SER B 186 10.88 19.69 -29.71
C SER B 186 10.87 20.95 -30.57
N ALA B 187 11.08 22.10 -29.95
CA ALA B 187 10.98 23.35 -30.72
C ALA B 187 11.75 24.44 -30.01
N ILE B 188 12.21 25.43 -30.78
CA ILE B 188 12.77 26.64 -30.22
C ILE B 188 12.22 27.82 -31.03
N THR B 189 11.90 28.92 -30.36
CA THR B 189 11.56 30.16 -31.06
C THR B 189 12.64 31.20 -30.79
N VAL B 190 13.22 31.77 -31.85
CA VAL B 190 14.37 32.67 -31.74
C VAL B 190 13.90 34.09 -31.98
N PHE B 191 13.98 34.92 -30.94
CA PHE B 191 13.60 36.34 -31.04
C PHE B 191 14.81 37.17 -31.44
N PRO B 192 14.62 38.47 -31.73
CA PRO B 192 15.74 39.26 -32.28
C PRO B 192 16.97 39.26 -31.39
N GLN B 193 18.13 39.27 -32.04
CA GLN B 193 19.40 39.22 -31.34
C GLN B 193 19.72 40.56 -30.65
N ARG B 194 20.62 40.46 -29.65
CA ARG B 194 21.18 41.64 -29.04
C ARG B 194 21.90 42.48 -30.09
N CYS B 195 21.71 43.79 -30.01
CA CYS B 195 22.28 44.66 -31.02
C CYS B 195 22.51 46.03 -30.40
N PRO B 196 23.58 46.73 -30.79
CA PRO B 196 23.86 48.03 -30.18
C PRO B 196 22.77 49.04 -30.46
N GLY B 197 22.45 49.84 -29.45
CA GLY B 197 21.53 50.95 -29.57
C GLY B 197 20.11 50.66 -29.14
N ARG B 198 19.82 49.43 -28.74
CA ARG B 198 18.49 49.05 -28.30
C ARG B 198 18.62 48.00 -27.22
N GLY B 199 17.66 47.96 -26.30
CA GLY B 199 17.64 46.97 -25.26
C GLY B 199 17.30 45.58 -25.82
N ASP B 200 17.25 44.61 -24.90
CA ASP B 200 17.03 43.21 -25.24
C ASP B 200 15.54 42.86 -25.16
N PHE B 201 15.12 41.95 -26.05
CA PHE B 201 13.94 41.14 -25.77
C PHE B 201 14.26 40.20 -24.62
N ARG B 202 13.37 40.10 -23.63
CA ARG B 202 13.55 39.19 -22.51
C ARG B 202 12.21 38.59 -22.12
N ILE B 203 12.21 37.29 -21.84
CA ILE B 203 11.14 36.63 -21.12
C ILE B 203 11.57 36.54 -19.65
N TRP B 204 10.81 37.18 -18.75
CA TRP B 204 11.21 37.21 -17.35
C TRP B 204 11.04 35.83 -16.70
N ASN B 205 9.97 35.11 -17.06
CA ASN B 205 9.70 33.78 -16.53
C ASN B 205 10.82 32.82 -16.88
N SER B 206 11.14 31.91 -15.96
CA SER B 206 12.22 30.97 -16.21
C SER B 206 11.79 29.83 -17.12
N GLN B 207 10.50 29.47 -17.10
CA GLN B 207 9.88 28.60 -18.09
C GLN B 207 8.56 29.22 -18.55
N LEU B 208 8.12 28.83 -19.75
CA LEU B 208 6.86 29.34 -20.26
C LEU B 208 5.69 28.91 -19.38
N VAL B 209 5.74 27.69 -18.82
CA VAL B 209 4.73 27.23 -17.88
C VAL B 209 5.38 27.06 -16.51
N ARG B 210 4.83 27.75 -15.52
CA ARG B 210 5.27 27.64 -14.13
C ARG B 210 4.06 27.83 -13.23
N TYR B 211 4.11 27.22 -12.05
CA TYR B 211 3.06 27.37 -11.06
C TYR B 211 3.44 28.45 -10.06
N ALA B 212 2.48 29.28 -9.68
CA ALA B 212 2.72 30.36 -8.72
C ALA B 212 3.17 29.81 -7.37
N GLY B 213 3.97 30.63 -6.68
CA GLY B 213 4.35 30.36 -5.31
C GLY B 213 4.02 31.54 -4.43
N TYR B 214 3.04 31.37 -3.54
CA TYR B 214 2.52 32.44 -2.69
C TYR B 214 3.08 32.29 -1.28
N ARG B 215 3.89 33.26 -0.86
CA ARG B 215 4.22 33.38 0.56
C ARG B 215 2.93 33.44 1.37
N GLN B 216 2.96 32.88 2.57
CA GLN B 216 1.72 32.42 3.17
C GLN B 216 1.49 33.03 4.55
N GLN B 217 0.41 32.54 5.16
CA GLN B 217 0.03 32.68 6.56
C GLN B 217 1.23 32.77 7.49
N ASP B 218 1.68 31.61 7.99
CA ASP B 218 2.80 31.54 8.92
C ASP B 218 4.09 32.04 8.28
N GLY B 219 4.67 31.23 7.41
CA GLY B 219 5.86 31.59 6.68
C GLY B 219 6.09 30.63 5.54
N SER B 220 5.17 29.69 5.41
CA SER B 220 5.23 28.67 4.37
C SER B 220 5.01 29.31 2.99
N VAL B 221 5.16 28.48 1.97
CA VAL B 221 4.82 28.83 0.60
C VAL B 221 3.69 27.91 0.17
N ARG B 222 2.66 28.49 -0.46
CA ARG B 222 1.63 27.70 -1.09
C ARG B 222 1.88 27.68 -2.59
N GLY B 223 1.94 26.48 -3.16
CA GLY B 223 2.38 26.33 -4.53
C GLY B 223 3.86 26.01 -4.63
N ASP B 224 4.52 26.52 -5.65
CA ASP B 224 5.89 26.10 -5.93
C ASP B 224 6.85 27.11 -5.32
N PRO B 225 7.63 26.74 -4.30
CA PRO B 225 8.53 27.72 -3.69
C PRO B 225 9.62 28.23 -4.63
N ALA B 226 9.98 27.48 -5.67
CA ALA B 226 10.96 27.96 -6.64
C ALA B 226 10.53 29.25 -7.33
N ASN B 227 9.23 29.60 -7.29
CA ASN B 227 8.66 30.64 -8.13
C ASN B 227 8.12 31.81 -7.31
N VAL B 228 8.57 31.93 -6.06
CA VAL B 228 8.11 33.04 -5.21
C VAL B 228 8.48 34.39 -5.82
N GLU B 229 9.70 34.51 -6.34
CA GLU B 229 10.16 35.79 -6.86
C GLU B 229 9.36 36.23 -8.08
N ILE B 230 9.24 35.34 -9.07
CA ILE B 230 8.52 35.68 -10.30
C ILE B 230 7.05 35.91 -9.99
N THR B 231 6.49 35.15 -9.04
CA THR B 231 5.11 35.40 -8.61
C THR B 231 4.94 36.82 -8.09
N GLU B 232 5.83 37.26 -7.21
CA GLU B 232 5.72 38.61 -6.66
C GLU B 232 5.88 39.67 -7.73
N LEU B 233 6.77 39.44 -8.72
CA LEU B 233 6.88 40.35 -9.85
C LEU B 233 5.58 40.42 -10.65
N CYS B 234 4.92 39.28 -10.88
CA CYS B 234 3.68 39.32 -11.64
C CYS B 234 2.62 40.15 -10.94
N ILE B 235 2.47 39.93 -9.62
CA ILE B 235 1.50 40.68 -8.82
C ILE B 235 1.82 42.17 -8.88
N GLN B 236 3.08 42.53 -8.63
CA GLN B 236 3.51 43.92 -8.72
C GLN B 236 3.15 44.52 -10.07
N HIS B 237 3.20 43.72 -11.14
CA HIS B 237 2.90 44.19 -12.48
C HIS B 237 1.43 44.00 -12.86
N GLY B 238 0.55 43.89 -11.87
CA GLY B 238 -0.87 43.93 -12.12
C GLY B 238 -1.60 42.61 -12.18
N TRP B 239 -0.94 41.50 -11.88
CA TRP B 239 -1.62 40.21 -11.90
C TRP B 239 -2.46 40.04 -10.65
N THR B 240 -3.70 39.61 -10.84
CA THR B 240 -4.55 39.26 -9.71
C THR B 240 -4.26 37.81 -9.32
N PRO B 241 -3.65 37.57 -8.18
CA PRO B 241 -3.22 36.19 -7.86
C PRO B 241 -4.41 35.30 -7.58
N GLY B 242 -4.19 34.00 -7.74
CA GLY B 242 -5.06 33.00 -7.19
C GLY B 242 -4.57 32.61 -5.81
N ASN B 243 -5.03 31.46 -5.34
CA ASN B 243 -4.48 30.95 -4.09
C ASN B 243 -4.44 29.44 -4.05
N GLY B 244 -4.36 28.80 -5.23
CA GLY B 244 -4.18 27.37 -5.31
C GLY B 244 -2.71 26.98 -5.30
N ARG B 245 -2.49 25.67 -5.34
CA ARG B 245 -1.14 25.11 -5.34
C ARG B 245 -0.57 24.93 -6.72
N PHE B 246 -1.42 24.96 -7.75
CA PHE B 246 -1.02 24.74 -9.14
C PHE B 246 -1.61 25.82 -10.05
N ASP B 247 -1.41 27.09 -9.71
CA ASP B 247 -1.89 28.19 -10.53
C ASP B 247 -0.84 28.52 -11.59
N VAL B 248 -1.21 28.39 -12.87
CA VAL B 248 -0.27 28.71 -13.94
C VAL B 248 0.00 30.21 -13.96
N LEU B 249 1.29 30.58 -14.02
CA LEU B 249 1.69 31.98 -13.98
C LEU B 249 1.44 32.68 -15.31
N PRO B 250 1.13 33.97 -15.27
CA PRO B 250 1.14 34.76 -16.50
C PRO B 250 2.57 34.99 -16.97
N LEU B 251 2.71 35.38 -18.23
CA LEU B 251 4.01 35.75 -18.77
C LEU B 251 4.30 37.24 -18.61
N LEU B 252 5.54 37.56 -18.24
CA LEU B 252 6.10 38.91 -18.23
C LEU B 252 7.10 38.98 -19.37
N LEU B 253 6.77 39.76 -20.39
CA LEU B 253 7.54 39.81 -21.62
C LEU B 253 8.07 41.22 -21.81
N GLN B 254 9.37 41.34 -22.06
CA GLN B 254 10.07 42.61 -22.16
C GLN B 254 10.47 42.83 -23.62
N ALA B 255 9.91 43.90 -24.22
CA ALA B 255 10.37 44.44 -25.48
C ALA B 255 11.52 45.42 -25.22
N PRO B 256 12.41 45.63 -26.19
CA PRO B 256 13.57 46.51 -25.96
C PRO B 256 13.17 47.87 -25.43
N ASP B 257 13.83 48.28 -24.35
CA ASP B 257 13.68 49.62 -23.77
C ASP B 257 12.24 49.88 -23.33
N GLU B 258 11.59 48.82 -22.90
CA GLU B 258 10.23 48.81 -22.41
C GLU B 258 10.19 48.11 -21.06
N PRO B 259 9.34 48.55 -20.13
CA PRO B 259 9.01 47.71 -18.97
C PRO B 259 8.40 46.40 -19.44
N PRO B 260 8.46 45.35 -18.63
CA PRO B 260 7.79 44.10 -19.02
C PRO B 260 6.29 44.26 -19.03
N GLU B 261 5.65 43.48 -19.89
CA GLU B 261 4.22 43.51 -20.03
C GLU B 261 3.65 42.14 -19.67
N LEU B 262 2.51 42.16 -18.97
CA LEU B 262 1.87 40.94 -18.46
C LEU B 262 0.95 40.35 -19.52
N PHE B 263 1.04 39.04 -19.75
CA PHE B 263 0.16 38.34 -20.68
C PHE B 263 -0.32 37.03 -20.05
N LEU B 264 -1.63 36.86 -19.96
CA LEU B 264 -2.21 35.62 -19.48
C LEU B 264 -2.17 34.55 -20.57
N LEU B 265 -1.82 33.33 -20.19
CA LEU B 265 -1.90 32.20 -21.11
C LEU B 265 -3.32 31.67 -21.13
N PRO B 266 -3.94 31.45 -22.29
CA PRO B 266 -5.24 30.79 -22.33
C PRO B 266 -5.16 29.43 -21.66
N PRO B 267 -6.10 29.12 -20.76
CA PRO B 267 -6.02 27.81 -20.07
C PRO B 267 -5.98 26.64 -21.03
N GLU B 268 -6.68 26.74 -22.15
CA GLU B 268 -6.72 25.62 -23.10
C GLU B 268 -5.43 25.48 -23.88
N LEU B 269 -4.50 26.41 -23.75
CA LEU B 269 -3.20 26.24 -24.38
C LEU B 269 -2.24 25.45 -23.49
N VAL B 270 -2.44 25.50 -22.16
CA VAL B 270 -1.55 24.86 -21.18
C VAL B 270 -2.10 23.47 -20.86
N LEU B 271 -1.53 22.45 -21.48
CA LEU B 271 -1.97 21.08 -21.23
C LEU B 271 -1.35 20.59 -19.92
N GLU B 272 -2.20 20.05 -19.04
CA GLU B 272 -1.77 19.59 -17.72
C GLU B 272 -2.19 18.14 -17.52
N VAL B 273 -1.54 17.48 -16.56
CA VAL B 273 -1.77 16.05 -16.28
C VAL B 273 -2.08 15.89 -14.79
N PRO B 274 -3.32 15.58 -14.41
CA PRO B 274 -3.59 15.24 -13.01
C PRO B 274 -2.89 13.93 -12.64
N LEU B 275 -2.35 13.87 -11.43
CA LEU B 275 -1.50 12.76 -11.04
C LEU B 275 -2.31 11.74 -10.25
N GLU B 276 -2.24 10.50 -10.71
CA GLU B 276 -2.83 9.35 -10.02
C GLU B 276 -1.81 8.22 -10.03
N HIS B 277 -2.02 7.25 -9.17
CA HIS B 277 -1.17 6.07 -9.06
C HIS B 277 -1.92 4.83 -9.52
N PRO B 278 -1.28 3.92 -10.26
CA PRO B 278 -2.03 2.79 -10.81
C PRO B 278 -2.63 1.87 -9.77
N THR B 279 -1.99 1.71 -8.62
CA THR B 279 -2.52 0.85 -7.58
C THR B 279 -2.70 1.53 -6.24
N LEU B 280 -2.35 2.80 -6.06
CA LEU B 280 -2.60 3.47 -4.77
C LEU B 280 -3.71 4.50 -5.00
N GLU B 281 -4.96 4.10 -4.71
CA GLU B 281 -6.08 4.92 -5.15
C GLU B 281 -6.21 6.22 -4.38
N TRP B 282 -5.67 6.29 -3.16
CA TRP B 282 -5.72 7.54 -2.42
C TRP B 282 -4.83 8.62 -3.05
N PHE B 283 -3.92 8.23 -3.94
CA PHE B 283 -2.93 9.19 -4.47
C PHE B 283 -3.62 10.30 -5.24
N ALA B 284 -4.69 9.97 -5.96
CA ALA B 284 -5.41 10.99 -6.71
C ALA B 284 -5.99 12.05 -5.80
N ALA B 285 -6.31 11.69 -4.56
CA ALA B 285 -6.89 12.64 -3.62
C ALA B 285 -5.87 13.65 -3.11
N LEU B 286 -4.59 13.48 -3.44
CA LEU B 286 -3.60 14.52 -3.15
C LEU B 286 -3.84 15.76 -3.98
N GLY B 287 -4.56 15.64 -5.10
CA GLY B 287 -4.82 16.78 -5.95
C GLY B 287 -3.60 17.29 -6.67
N LEU B 288 -2.66 16.41 -6.99
CA LEU B 288 -1.43 16.88 -7.61
C LEU B 288 -1.57 16.87 -9.12
N ARG B 289 -0.83 17.79 -9.76
CA ARG B 289 -0.84 17.98 -11.20
C ARG B 289 0.57 18.35 -11.63
N TRP B 290 0.87 18.13 -12.90
CA TRP B 290 2.02 18.80 -13.48
C TRP B 290 1.66 19.17 -14.92
N TYR B 291 2.47 20.06 -15.52
CA TYR B 291 2.19 20.46 -16.89
C TYR B 291 2.95 19.58 -17.90
N ALA B 292 2.39 19.53 -19.12
CA ALA B 292 2.96 18.71 -20.19
C ALA B 292 4.31 19.25 -20.69
N LEU B 293 4.45 20.56 -20.82
CA LEU B 293 5.51 21.14 -21.65
C LEU B 293 6.65 21.72 -20.84
N PRO B 294 7.87 21.14 -20.88
CA PRO B 294 9.02 21.81 -20.24
C PRO B 294 9.63 22.80 -21.22
N ALA B 295 9.54 24.10 -20.97
CA ALA B 295 9.93 25.10 -21.95
C ALA B 295 10.82 26.14 -21.27
N VAL B 296 12.13 25.97 -21.36
CA VAL B 296 13.03 26.87 -20.67
C VAL B 296 13.08 28.20 -21.41
N SER B 297 12.93 29.31 -20.70
CA SER B 297 12.75 30.61 -21.34
C SER B 297 13.68 31.72 -20.86
N ASN B 298 14.59 31.44 -19.92
CA ASN B 298 15.45 32.48 -19.38
C ASN B 298 16.90 32.32 -19.80
N MET B 299 17.20 31.42 -20.73
CA MET B 299 18.60 31.20 -21.12
C MET B 299 18.94 31.99 -22.38
N LEU B 300 20.24 32.20 -22.58
CA LEU B 300 20.71 32.97 -23.74
C LEU B 300 21.28 32.02 -24.78
N LEU B 301 20.87 32.19 -26.02
CA LEU B 301 21.38 31.39 -27.12
C LEU B 301 22.51 32.16 -27.79
N GLU B 302 23.67 31.53 -27.91
CA GLU B 302 24.83 32.17 -28.52
C GLU B 302 25.21 31.41 -29.78
N ILE B 303 25.23 32.11 -30.91
CA ILE B 303 25.63 31.50 -32.17
C ILE B 303 26.65 32.44 -32.84
N GLY B 304 27.83 31.90 -33.14
CA GLY B 304 28.82 32.67 -33.90
C GLY B 304 29.07 34.06 -33.36
N GLY B 305 29.15 34.20 -32.04
CA GLY B 305 29.36 35.47 -31.41
C GLY B 305 28.11 36.32 -31.25
N LEU B 306 27.01 35.98 -31.90
CA LEU B 306 25.78 36.73 -31.73
C LEU B 306 25.03 36.17 -30.54
N GLU B 307 24.26 37.03 -29.87
CA GLU B 307 23.57 36.65 -28.65
C GLU B 307 22.09 36.89 -28.81
N PHE B 308 21.31 35.85 -28.52
CA PHE B 308 19.85 35.91 -28.53
C PHE B 308 19.37 35.76 -27.10
N PRO B 309 19.11 36.86 -26.39
CA PRO B 309 18.72 36.75 -24.98
C PRO B 309 17.30 36.23 -24.80
N ALA B 310 16.50 36.14 -25.85
CA ALA B 310 15.18 35.53 -25.77
C ALA B 310 15.09 34.46 -26.86
N ALA B 311 15.15 33.20 -26.46
CA ALA B 311 15.04 32.10 -27.40
C ALA B 311 14.54 30.86 -26.66
N PRO B 312 13.27 30.85 -26.26
CA PRO B 312 12.77 29.73 -25.44
C PRO B 312 12.75 28.45 -26.24
N PHE B 313 13.10 27.35 -25.58
CA PHE B 313 13.15 26.04 -26.22
C PHE B 313 12.43 25.01 -25.34
N SER B 314 11.86 23.98 -25.96
CA SER B 314 11.07 23.00 -25.22
C SER B 314 11.28 21.60 -25.79
N GLY B 315 11.12 20.60 -24.92
CA GLY B 315 11.18 19.20 -25.33
C GLY B 315 10.04 18.42 -24.70
N TRP B 316 10.35 17.32 -24.04
CA TRP B 316 9.40 16.63 -23.20
C TRP B 316 10.11 16.20 -21.93
N TYR B 317 9.35 15.85 -20.91
CA TYR B 317 9.93 15.59 -19.61
C TYR B 317 10.55 14.21 -19.51
N MET B 318 11.62 14.13 -18.71
CA MET B 318 11.99 12.88 -18.07
C MET B 318 11.30 12.82 -16.72
N SER B 319 10.75 11.65 -16.37
CA SER B 319 9.81 11.58 -15.26
C SER B 319 10.44 11.95 -13.91
N THR B 320 11.74 11.70 -13.74
CA THR B 320 12.40 12.07 -12.49
C THR B 320 12.39 13.57 -12.28
N GLU B 321 12.38 14.38 -13.34
CA GLU B 321 12.33 15.82 -13.11
C GLU B 321 11.11 16.19 -12.30
N ILE B 322 9.98 15.59 -12.66
CA ILE B 322 8.72 15.85 -11.99
C ILE B 322 8.64 15.07 -10.70
N GLY B 323 8.81 13.76 -10.79
CA GLY B 323 8.52 12.90 -9.64
C GLY B 323 9.52 13.07 -8.52
N THR B 324 10.79 13.18 -8.86
CA THR B 324 11.78 13.29 -7.81
C THR B 324 12.10 14.74 -7.47
N ARG B 325 12.48 15.56 -8.44
CA ARG B 325 12.95 16.88 -8.05
C ARG B 325 11.78 17.81 -7.74
N ASN B 326 10.83 17.96 -8.66
CA ASN B 326 9.82 18.98 -8.47
C ASN B 326 8.89 18.63 -7.31
N LEU B 327 8.55 17.35 -7.14
CA LEU B 327 7.61 17.02 -6.08
C LEU B 327 8.27 16.62 -4.76
N CYS B 328 9.51 16.13 -4.80
CA CYS B 328 10.14 15.60 -3.59
C CYS B 328 11.29 16.45 -3.05
N ASP B 329 11.85 17.38 -3.81
CA ASP B 329 12.89 18.24 -3.22
C ASP B 329 12.33 18.89 -1.95
N PRO B 330 13.11 18.96 -0.87
CA PRO B 330 12.62 19.61 0.35
C PRO B 330 12.25 21.06 0.14
N HIS B 331 12.90 21.74 -0.80
CA HIS B 331 12.64 23.13 -1.11
C HIS B 331 11.67 23.31 -2.29
N ARG B 332 11.02 22.24 -2.75
CA ARG B 332 9.95 22.37 -3.72
C ARG B 332 8.63 21.91 -3.11
N TYR B 333 7.85 21.08 -3.80
CA TYR B 333 6.56 20.71 -3.25
C TYR B 333 6.68 19.82 -2.01
N ASN B 334 7.80 19.11 -1.86
CA ASN B 334 8.17 18.46 -0.61
C ASN B 334 7.09 17.50 -0.10
N ILE B 335 6.62 16.59 -0.98
CA ILE B 335 5.49 15.72 -0.63
C ILE B 335 5.94 14.37 -0.05
N LEU B 336 7.24 14.13 0.08
CA LEU B 336 7.73 12.76 0.29
C LEU B 336 7.19 12.18 1.58
N GLU B 337 7.26 12.93 2.68
CA GLU B 337 6.79 12.39 3.95
C GLU B 337 5.29 12.14 3.92
N ASP B 338 4.54 13.05 3.30
CA ASP B 338 3.09 12.86 3.26
C ASP B 338 2.73 11.60 2.48
N VAL B 339 3.40 11.36 1.36
CA VAL B 339 3.17 10.12 0.62
C VAL B 339 3.57 8.90 1.47
N ALA B 340 4.71 8.99 2.16
CA ALA B 340 5.18 7.83 2.94
C ALA B 340 4.23 7.52 4.09
N VAL B 341 3.66 8.55 4.72
CA VAL B 341 2.68 8.32 5.78
C VAL B 341 1.43 7.66 5.23
N CYS B 342 0.94 8.15 4.09
CA CYS B 342 -0.21 7.54 3.46
C CYS B 342 0.07 6.09 3.06
N MET B 343 1.29 5.80 2.63
CA MET B 343 1.70 4.44 2.31
C MET B 343 1.83 3.56 3.54
N ASP B 344 1.67 4.13 4.74
CA ASP B 344 1.81 3.39 5.99
C ASP B 344 3.23 2.88 6.18
N LEU B 345 4.21 3.58 5.63
CA LEU B 345 5.60 3.26 5.91
C LEU B 345 6.01 3.79 7.29
N ASP B 346 7.02 3.15 7.87
CA ASP B 346 7.53 3.57 9.19
C ASP B 346 8.51 4.71 8.99
N THR B 347 8.05 5.94 9.25
CA THR B 347 8.84 7.14 8.98
C THR B 347 9.73 7.58 10.15
N ARG B 348 9.79 6.82 11.24
CA ARG B 348 10.60 7.24 12.37
C ARG B 348 12.03 6.74 12.32
N THR B 349 12.36 5.84 11.40
CA THR B 349 13.71 5.32 11.25
C THR B 349 14.12 5.41 9.80
N THR B 350 15.37 5.83 9.55
CA THR B 350 15.82 5.97 8.17
C THR B 350 16.05 4.61 7.52
N SER B 351 16.41 3.60 8.31
CA SER B 351 16.87 2.34 7.73
C SER B 351 15.72 1.52 7.17
N SER B 352 14.46 1.90 7.41
CA SER B 352 13.36 1.28 6.68
C SER B 352 13.32 1.70 5.22
N LEU B 353 14.12 2.70 4.83
CA LEU B 353 14.14 3.25 3.46
C LEU B 353 12.76 3.73 3.03
N TRP B 354 12.02 4.33 3.96
CA TRP B 354 10.74 4.92 3.63
C TRP B 354 10.87 6.00 2.56
N LYS B 355 11.92 6.83 2.63
CA LYS B 355 12.07 7.87 1.62
C LYS B 355 12.23 7.25 0.24
N ASP B 356 13.11 6.25 0.12
CA ASP B 356 13.33 5.58 -1.15
C ASP B 356 12.04 4.98 -1.70
N LYS B 357 11.29 4.27 -0.85
CA LYS B 357 10.07 3.62 -1.31
C LYS B 357 9.01 4.63 -1.74
N ALA B 358 8.80 5.69 -0.95
CA ALA B 358 7.80 6.69 -1.35
C ALA B 358 8.21 7.38 -2.65
N ALA B 359 9.50 7.72 -2.80
CA ALA B 359 9.93 8.38 -4.04
C ALA B 359 9.71 7.50 -5.26
N VAL B 360 9.97 6.19 -5.13
CA VAL B 360 9.77 5.30 -6.27
C VAL B 360 8.31 5.31 -6.71
N GLU B 361 7.38 5.24 -5.75
CA GLU B 361 5.98 5.22 -6.14
C GLU B 361 5.52 6.57 -6.69
N ILE B 362 6.14 7.68 -6.27
CA ILE B 362 5.76 8.97 -6.84
C ILE B 362 6.17 9.02 -8.30
N ASN B 363 7.34 8.45 -8.62
CA ASN B 363 7.76 8.40 -10.01
C ASN B 363 6.89 7.49 -10.84
N VAL B 364 6.48 6.34 -10.26
CA VAL B 364 5.51 5.47 -10.91
C VAL B 364 4.24 6.24 -11.23
N ALA B 365 3.75 7.02 -10.28
CA ALA B 365 2.52 7.79 -10.52
C ALA B 365 2.69 8.74 -11.69
N VAL B 366 3.84 9.41 -11.77
CA VAL B 366 4.09 10.35 -12.84
C VAL B 366 4.08 9.63 -14.19
N LEU B 367 4.81 8.52 -14.31
CA LEU B 367 4.87 7.80 -15.58
C LEU B 367 3.49 7.31 -15.99
N HIS B 368 2.77 6.70 -15.05
CA HIS B 368 1.45 6.16 -15.33
C HIS B 368 0.47 7.26 -15.74
N SER B 369 0.53 8.41 -15.04
CA SER B 369 -0.41 9.49 -15.31
C SER B 369 -0.17 10.10 -16.69
N TYR B 370 1.08 10.39 -17.04
CA TYR B 370 1.36 10.93 -18.38
C TYR B 370 1.00 9.93 -19.47
N GLN B 371 1.33 8.65 -19.28
CA GLN B 371 0.94 7.63 -20.25
C GLN B 371 -0.56 7.55 -20.40
N LEU B 372 -1.28 7.58 -19.28
CA LEU B 372 -2.74 7.55 -19.33
C LEU B 372 -3.27 8.75 -20.11
N ALA B 373 -2.73 9.93 -19.83
CA ALA B 373 -3.15 11.16 -20.49
C ALA B 373 -2.67 11.25 -21.94
N LYS B 374 -1.86 10.28 -22.40
CA LYS B 374 -1.27 10.31 -23.74
C LYS B 374 -0.44 11.58 -23.97
N VAL B 375 0.42 11.88 -22.99
CA VAL B 375 1.37 12.98 -23.03
C VAL B 375 2.76 12.36 -22.98
N THR B 376 3.59 12.65 -23.99
CA THR B 376 4.95 12.15 -24.07
C THR B 376 5.71 12.30 -22.76
N ILE B 377 6.37 11.22 -22.32
CA ILE B 377 7.28 11.25 -21.17
C ILE B 377 8.29 10.14 -21.36
N VAL B 378 9.48 10.28 -20.75
CA VAL B 378 10.52 9.26 -20.84
C VAL B 378 11.00 8.98 -19.43
N ASP B 379 11.10 7.69 -19.07
CA ASP B 379 11.62 7.34 -17.75
C ASP B 379 13.15 7.44 -17.77
N HIS B 380 13.76 7.45 -16.58
CA HIS B 380 15.21 7.65 -16.50
C HIS B 380 16.01 6.45 -17.01
N HIS B 381 15.43 5.25 -17.07
CA HIS B 381 16.15 4.12 -17.65
C HIS B 381 16.22 4.25 -19.17
N ALA B 382 15.09 4.55 -19.82
CA ALA B 382 15.10 4.74 -21.26
C ALA B 382 15.92 5.97 -21.66
N ALA B 383 15.78 7.06 -20.91
CA ALA B 383 16.51 8.28 -21.25
C ALA B 383 18.02 8.05 -21.19
N THR B 384 18.51 7.41 -20.12
CA THR B 384 19.95 7.22 -20.00
C THR B 384 20.49 6.23 -21.01
N ALA B 385 19.72 5.19 -21.35
CA ALA B 385 20.16 4.27 -22.40
C ALA B 385 20.25 4.97 -23.74
N SER B 386 19.33 5.89 -24.03
CA SER B 386 19.43 6.58 -25.31
C SER B 386 20.59 7.57 -25.29
N PHE B 387 20.92 8.13 -24.12
CA PHE B 387 22.08 9.00 -24.04
C PHE B 387 23.37 8.23 -24.27
N MET B 388 23.44 6.97 -23.81
CA MET B 388 24.61 6.16 -24.12
C MET B 388 24.81 6.03 -25.63
N LYS B 389 23.72 5.82 -26.37
CA LYS B 389 23.83 5.76 -27.82
C LYS B 389 24.28 7.11 -28.39
N HIS B 390 23.85 8.21 -27.79
CA HIS B 390 24.27 9.52 -28.25
C HIS B 390 25.78 9.70 -28.07
N LEU B 391 26.31 9.31 -26.90
CA LEU B 391 27.75 9.38 -26.66
C LEU B 391 28.51 8.60 -27.72
N GLU B 392 28.01 7.40 -28.06
CA GLU B 392 28.66 6.58 -29.08
C GLU B 392 28.52 7.23 -30.47
N ASN B 393 27.33 7.74 -30.80
CA ASN B 393 27.20 8.48 -32.06
C ASN B 393 28.17 9.66 -32.09
N GLU B 394 28.29 10.37 -30.97
CA GLU B 394 29.11 11.57 -30.95
C GLU B 394 30.60 11.24 -31.01
N GLN B 395 31.00 10.13 -30.38
CA GLN B 395 32.40 9.70 -30.46
C GLN B 395 32.82 9.49 -31.91
N LYS B 396 31.97 8.86 -32.71
CA LYS B 396 32.30 8.64 -34.12
C LYS B 396 32.27 9.95 -34.90
N ALA B 397 31.23 10.78 -34.69
CA ALA B 397 31.03 11.98 -35.50
C ALA B 397 32.07 13.05 -35.20
N ARG B 398 32.35 13.30 -33.90
CA ARG B 398 33.12 14.46 -33.49
C ARG B 398 34.31 14.15 -32.60
N GLY B 399 34.52 12.90 -32.23
CA GLY B 399 35.60 12.55 -31.33
C GLY B 399 35.34 12.82 -29.87
N GLY B 400 34.09 12.82 -29.44
CA GLY B 400 33.78 13.07 -28.04
C GLY B 400 32.45 13.77 -27.89
N CYS B 401 32.12 14.05 -26.63
CA CYS B 401 30.84 14.65 -26.27
C CYS B 401 30.93 15.36 -24.92
N PRO B 402 30.67 16.67 -24.86
CA PRO B 402 30.66 17.35 -23.55
C PRO B 402 29.48 16.90 -22.72
N ALA B 403 29.75 16.49 -21.49
CA ALA B 403 28.72 15.96 -20.61
C ALA B 403 29.09 16.26 -19.15
N ASP B 404 28.07 16.65 -18.38
CA ASP B 404 28.19 17.01 -16.98
C ASP B 404 27.63 15.85 -16.17
N TRP B 405 28.52 15.00 -15.66
CA TRP B 405 28.12 13.73 -15.04
C TRP B 405 27.04 13.95 -13.97
N ALA B 406 27.24 14.93 -13.10
CA ALA B 406 26.30 15.15 -12.01
C ALA B 406 24.90 15.54 -12.49
N TRP B 407 24.77 16.09 -13.70
CA TRP B 407 23.45 16.44 -14.21
C TRP B 407 22.84 15.34 -15.08
N ILE B 408 23.68 14.51 -15.69
CA ILE B 408 23.24 13.41 -16.56
C ILE B 408 22.74 12.23 -15.72
N VAL B 409 23.44 11.90 -14.67
CA VAL B 409 23.01 10.80 -13.79
C VAL B 409 21.72 11.19 -13.07
N PRO B 410 20.65 10.40 -13.17
CA PRO B 410 19.34 10.80 -12.60
C PRO B 410 19.36 10.88 -11.09
N PRO B 411 18.42 11.65 -10.49
CA PRO B 411 18.47 11.88 -9.03
C PRO B 411 17.93 10.75 -8.19
N ILE B 412 17.26 9.76 -8.78
CA ILE B 412 17.05 8.48 -8.10
C ILE B 412 17.74 7.40 -8.94
N SER B 413 18.06 6.29 -8.28
CA SER B 413 18.57 5.07 -8.91
C SER B 413 19.78 5.31 -9.81
N GLY B 414 20.67 6.23 -9.43
CA GLY B 414 21.84 6.57 -10.23
C GLY B 414 22.58 5.40 -10.85
N SER B 415 23.12 4.49 -10.02
CA SER B 415 23.98 3.43 -10.52
C SER B 415 23.23 2.30 -11.20
N LEU B 416 21.89 2.33 -11.16
CA LEU B 416 21.09 1.40 -11.95
C LEU B 416 21.00 1.82 -13.42
N THR B 417 21.41 3.05 -13.74
CA THR B 417 21.40 3.51 -15.12
C THR B 417 22.82 3.45 -15.66
N PRO B 418 22.99 3.27 -16.98
CA PRO B 418 24.35 3.05 -17.50
C PRO B 418 25.24 4.28 -17.48
N VAL B 419 24.67 5.50 -17.42
CA VAL B 419 25.52 6.69 -17.44
C VAL B 419 26.33 6.83 -16.17
N PHE B 420 25.85 6.26 -15.06
CA PHE B 420 26.60 6.31 -13.81
C PHE B 420 28.00 5.74 -14.00
N HIS B 421 28.13 4.67 -14.78
CA HIS B 421 29.38 3.95 -14.92
C HIS B 421 30.19 4.44 -16.09
N GLN B 422 29.80 5.58 -16.67
CA GLN B 422 30.49 6.18 -17.81
C GLN B 422 31.22 7.43 -17.33
N GLU B 423 32.55 7.41 -17.42
CA GLU B 423 33.30 8.64 -17.20
C GLU B 423 32.93 9.65 -18.28
N MET B 424 32.99 10.94 -17.94
CA MET B 424 32.57 12.00 -18.84
C MET B 424 33.50 13.18 -18.72
N VAL B 425 33.57 13.98 -19.79
CA VAL B 425 34.40 15.17 -19.86
C VAL B 425 33.49 16.37 -20.05
N ASN B 426 33.58 17.35 -19.15
CA ASN B 426 32.73 18.53 -19.22
C ASN B 426 33.54 19.71 -19.74
N TYR B 427 33.05 20.34 -20.81
CA TYR B 427 33.67 21.51 -21.40
C TYR B 427 32.62 22.26 -22.20
N PHE B 428 32.97 23.49 -22.61
CA PHE B 428 32.02 24.42 -23.24
C PHE B 428 32.37 24.60 -24.71
N LEU B 429 31.47 24.19 -25.59
CA LEU B 429 31.53 24.43 -27.02
C LEU B 429 30.49 25.46 -27.41
N SER B 430 30.74 26.14 -28.54
CA SER B 430 29.79 27.06 -29.13
C SER B 430 29.39 26.58 -30.52
N PRO B 431 28.13 26.78 -30.95
CA PRO B 431 26.99 27.46 -30.30
C PRO B 431 26.56 26.85 -28.97
N ALA B 432 25.89 27.65 -28.16
CA ALA B 432 25.64 27.24 -26.78
C ALA B 432 24.42 27.95 -26.22
N PHE B 433 23.78 27.30 -25.25
CA PHE B 433 22.84 27.92 -24.34
C PHE B 433 23.58 28.25 -23.07
N ARG B 434 23.46 29.49 -22.60
CA ARG B 434 24.18 29.99 -21.43
C ARG B 434 23.17 30.54 -20.44
N TYR B 435 23.50 30.48 -19.15
CA TYR B 435 22.74 31.25 -18.17
C TYR B 435 22.99 32.73 -18.36
N GLN B 436 22.01 33.54 -17.94
CA GLN B 436 22.20 34.98 -17.98
C GLN B 436 21.55 35.58 -16.74
N PRO B 437 21.88 36.81 -16.35
CA PRO B 437 21.25 37.36 -15.14
C PRO B 437 19.76 37.60 -15.35
N ASP B 438 19.03 37.55 -14.24
CA ASP B 438 17.63 37.98 -14.25
C ASP B 438 17.56 39.45 -14.64
N PRO B 439 16.62 39.83 -15.50
CA PRO B 439 16.59 41.21 -15.98
C PRO B 439 16.14 42.24 -14.95
N TRP B 440 15.68 41.83 -13.76
CA TRP B 440 15.26 42.81 -12.76
C TRP B 440 16.32 43.06 -11.68
N LYS C 27 -48.40 -27.59 13.55
CA LYS C 27 -47.06 -27.04 13.51
C LYS C 27 -47.02 -25.77 12.65
N PHE C 28 -47.44 -24.66 13.25
CA PHE C 28 -47.23 -23.36 12.66
C PHE C 28 -46.11 -22.67 13.42
N PRO C 29 -44.96 -22.38 12.79
CA PRO C 29 -43.85 -21.75 13.50
C PRO C 29 -44.27 -20.48 14.24
N ARG C 30 -43.83 -20.36 15.49
CA ARG C 30 -44.01 -19.16 16.29
C ARG C 30 -42.85 -18.19 16.05
N VAL C 31 -43.18 -16.94 15.75
CA VAL C 31 -42.22 -15.94 15.31
C VAL C 31 -42.30 -14.74 16.25
N LYS C 32 -41.17 -14.39 16.88
CA LYS C 32 -41.15 -13.32 17.86
C LYS C 32 -40.37 -12.11 17.37
N ASN C 33 -40.88 -10.93 17.68
CA ASN C 33 -40.11 -9.69 17.59
C ASN C 33 -39.58 -9.34 18.98
N TRP C 34 -38.26 -9.34 19.13
CA TRP C 34 -37.60 -9.16 20.43
C TRP C 34 -37.50 -7.71 20.86
N GLU C 35 -37.75 -6.76 19.96
CA GLU C 35 -37.75 -5.36 20.35
C GLU C 35 -39.07 -4.99 21.02
N VAL C 36 -40.18 -5.54 20.54
CA VAL C 36 -41.52 -5.19 20.97
C VAL C 36 -42.08 -6.27 21.88
N GLY C 37 -41.68 -7.52 21.64
CA GLY C 37 -42.23 -8.66 22.34
C GLY C 37 -43.42 -9.29 21.65
N SER C 38 -43.79 -8.81 20.46
CA SER C 38 -44.97 -9.31 19.76
C SER C 38 -44.71 -10.69 19.15
N ILE C 39 -45.79 -11.46 19.04
CA ILE C 39 -45.75 -12.83 18.54
C ILE C 39 -46.76 -12.97 17.42
N THR C 40 -46.33 -13.56 16.31
CA THR C 40 -47.23 -14.02 15.25
C THR C 40 -46.93 -15.50 14.97
N TYR C 41 -47.80 -16.10 14.18
CA TYR C 41 -47.64 -17.48 13.70
C TYR C 41 -47.63 -17.46 12.18
N ASP C 42 -46.64 -18.11 11.57
CA ASP C 42 -46.56 -18.17 10.11
C ASP C 42 -47.33 -19.39 9.63
N THR C 43 -48.56 -19.16 9.16
CA THR C 43 -49.35 -20.24 8.56
C THR C 43 -49.07 -20.40 7.07
N LEU C 44 -48.58 -19.34 6.42
CA LEU C 44 -48.26 -19.40 5.00
C LEU C 44 -47.17 -20.42 4.70
N SER C 45 -46.24 -20.65 5.64
CA SER C 45 -45.12 -21.55 5.38
C SER C 45 -45.58 -22.97 5.08
N ALA C 46 -46.72 -23.38 5.66
CA ALA C 46 -47.30 -24.68 5.33
C ALA C 46 -47.54 -24.85 3.83
N GLN C 47 -47.68 -23.73 3.09
CA GLN C 47 -47.92 -23.74 1.65
C GLN C 47 -46.64 -23.84 0.82
N ALA C 48 -45.49 -24.01 1.46
CA ALA C 48 -44.22 -23.99 0.75
C ALA C 48 -44.15 -25.13 -0.27
N GLN C 49 -43.85 -24.78 -1.51
CA GLN C 49 -43.83 -25.75 -2.60
C GLN C 49 -42.57 -26.60 -2.56
N GLN C 50 -41.56 -26.21 -3.33
CA GLN C 50 -40.34 -27.01 -3.46
C GLN C 50 -39.58 -26.98 -2.13
N ASP C 51 -38.40 -27.61 -2.10
CA ASP C 51 -37.71 -27.85 -0.85
C ASP C 51 -36.44 -27.01 -0.75
N GLY C 52 -36.19 -26.46 0.43
CA GLY C 52 -34.97 -25.75 0.71
C GLY C 52 -33.90 -26.68 1.24
N PRO C 53 -32.75 -26.11 1.63
CA PRO C 53 -31.56 -26.93 1.90
C PRO C 53 -31.42 -27.49 3.30
N CYS C 54 -32.28 -27.10 4.23
CA CYS C 54 -32.10 -27.44 5.65
C CYS C 54 -32.76 -28.77 5.99
N THR C 55 -32.21 -29.44 7.00
CA THR C 55 -32.82 -30.63 7.58
C THR C 55 -32.83 -30.50 9.10
N PRO C 56 -33.57 -31.36 9.80
CA PRO C 56 -33.49 -31.37 11.27
C PRO C 56 -32.07 -31.54 11.79
N ARG C 57 -31.20 -32.18 11.02
CA ARG C 57 -29.83 -32.38 11.47
C ARG C 57 -28.98 -31.12 11.33
N ARG C 58 -29.18 -30.32 10.28
CA ARG C 58 -28.30 -29.16 10.14
C ARG C 58 -28.94 -28.08 9.28
N CYS C 59 -28.72 -26.84 9.69
CA CYS C 59 -29.22 -25.67 9.01
C CYS C 59 -28.19 -25.16 8.00
N LEU C 60 -28.63 -25.01 6.74
CA LEU C 60 -27.82 -24.43 5.66
C LEU C 60 -28.36 -23.08 5.21
N GLY C 61 -29.12 -22.39 6.06
CA GLY C 61 -29.70 -21.12 5.66
C GLY C 61 -28.69 -20.06 5.24
N SER C 62 -27.44 -20.17 5.67
CA SER C 62 -26.45 -19.14 5.34
C SER C 62 -25.84 -19.31 3.95
N LEU C 63 -26.12 -20.40 3.23
CA LEU C 63 -25.51 -20.59 1.93
C LEU C 63 -26.22 -19.75 0.87
N VAL C 64 -25.42 -19.13 -0.01
CA VAL C 64 -25.98 -18.30 -1.07
C VAL C 64 -26.74 -19.15 -2.09
N PHE C 65 -26.10 -20.20 -2.59
CA PHE C 65 -26.72 -21.12 -3.55
C PHE C 65 -26.93 -22.48 -2.87
N PRO C 66 -28.14 -22.78 -2.38
CA PRO C 66 -28.49 -23.98 -1.59
C PRO C 66 -28.00 -25.32 -2.16
N ALA C 79 -42.36 -34.73 -19.00
CA ALA C 79 -43.37 -34.73 -17.93
C ALA C 79 -44.49 -33.74 -18.25
N PRO C 80 -45.42 -34.14 -19.13
CA PRO C 80 -46.59 -33.30 -19.38
C PRO C 80 -47.54 -33.25 -18.21
N GLU C 81 -47.60 -34.32 -17.39
CA GLU C 81 -48.48 -34.30 -16.23
C GLU C 81 -47.93 -33.43 -15.12
N GLN C 82 -46.60 -33.33 -15.00
CA GLN C 82 -46.02 -32.49 -13.98
C GLN C 82 -46.28 -31.01 -14.28
N LEU C 83 -46.12 -30.60 -15.55
CA LEU C 83 -46.47 -29.24 -15.94
C LEU C 83 -47.90 -28.90 -15.54
N LEU C 84 -48.80 -29.86 -15.73
CA LEU C 84 -50.23 -29.65 -15.50
C LEU C 84 -50.53 -29.27 -14.05
N SER C 85 -49.87 -29.92 -13.09
CA SER C 85 -50.21 -29.69 -11.68
C SER C 85 -49.77 -28.31 -11.23
N GLN C 86 -48.58 -27.88 -11.63
CA GLN C 86 -48.14 -26.51 -11.36
C GLN C 86 -49.04 -25.51 -12.07
N ALA C 87 -49.32 -25.76 -13.36
CA ALA C 87 -50.18 -24.85 -14.10
C ALA C 87 -51.53 -24.71 -13.41
N ARG C 88 -52.15 -25.84 -13.06
CA ARG C 88 -53.42 -25.83 -12.34
C ARG C 88 -53.31 -25.02 -11.05
N ASP C 89 -52.25 -25.26 -10.28
CA ASP C 89 -52.09 -24.59 -8.99
C ASP C 89 -52.07 -23.08 -9.14
N PHE C 90 -51.34 -22.57 -10.14
CA PHE C 90 -51.23 -21.12 -10.30
C PHE C 90 -52.56 -20.49 -10.70
N ILE C 91 -53.35 -21.18 -11.53
CA ILE C 91 -54.62 -20.59 -11.98
C ILE C 91 -55.56 -20.40 -10.80
N ASN C 92 -55.60 -21.37 -9.89
CA ASN C 92 -56.44 -21.25 -8.71
C ASN C 92 -55.96 -20.11 -7.80
N GLN C 93 -54.64 -19.96 -7.64
CA GLN C 93 -54.10 -18.79 -6.97
C GLN C 93 -54.67 -17.52 -7.58
N TYR C 94 -54.49 -17.38 -8.90
CA TYR C 94 -54.92 -16.17 -9.60
C TYR C 94 -56.40 -15.89 -9.36
N TYR C 95 -57.25 -16.91 -9.52
CA TYR C 95 -58.69 -16.65 -9.44
C TYR C 95 -59.14 -16.43 -8.01
N SER C 96 -58.50 -17.08 -7.04
CA SER C 96 -58.71 -16.72 -5.64
C SER C 96 -58.36 -15.25 -5.39
N SER C 97 -57.28 -14.78 -6.01
CA SER C 97 -56.78 -13.43 -5.79
C SER C 97 -57.67 -12.35 -6.42
N ILE C 98 -58.55 -12.71 -7.35
CA ILE C 98 -59.45 -11.74 -7.94
C ILE C 98 -60.90 -11.99 -7.51
N LYS C 99 -61.10 -12.79 -6.47
CA LYS C 99 -62.42 -13.12 -5.92
C LYS C 99 -63.30 -13.85 -6.93
N ARG C 100 -62.69 -14.64 -7.83
CA ARG C 100 -63.42 -15.31 -8.90
C ARG C 100 -63.17 -16.81 -8.90
N SER C 101 -62.98 -17.41 -7.71
CA SER C 101 -62.68 -18.83 -7.62
C SER C 101 -63.99 -19.61 -7.59
N GLY C 102 -64.05 -20.69 -8.38
CA GLY C 102 -65.26 -21.43 -8.62
C GLY C 102 -65.98 -21.00 -9.89
N SER C 103 -65.78 -19.75 -10.33
CA SER C 103 -66.33 -19.20 -11.56
C SER C 103 -66.31 -20.16 -12.72
N GLN C 104 -67.26 -20.01 -13.65
CA GLN C 104 -67.09 -20.69 -14.94
C GLN C 104 -65.92 -20.06 -15.71
N ALA C 105 -65.61 -18.79 -15.44
CA ALA C 105 -64.39 -18.21 -15.98
C ALA C 105 -63.17 -18.93 -15.43
N HIS C 106 -63.23 -19.35 -14.16
CA HIS C 106 -62.20 -20.22 -13.61
C HIS C 106 -62.11 -21.51 -14.43
N GLU C 107 -63.26 -22.10 -14.78
CA GLU C 107 -63.25 -23.40 -15.42
C GLU C 107 -62.75 -23.32 -16.86
N GLN C 108 -63.12 -22.27 -17.58
CA GLN C 108 -62.68 -22.14 -18.97
C GLN C 108 -61.16 -22.09 -19.04
N ARG C 109 -60.54 -21.30 -18.17
CA ARG C 109 -59.09 -21.24 -18.10
C ARG C 109 -58.49 -22.63 -17.89
N LEU C 110 -59.04 -23.41 -16.95
CA LEU C 110 -58.47 -24.71 -16.63
C LEU C 110 -58.44 -25.62 -17.86
N GLN C 111 -59.59 -25.79 -18.52
CA GLN C 111 -59.64 -26.70 -19.67
C GLN C 111 -58.88 -26.14 -20.87
N GLU C 112 -58.77 -24.82 -20.98
CA GLU C 112 -57.97 -24.25 -22.04
C GLU C 112 -56.51 -24.64 -21.88
N VAL C 113 -55.95 -24.43 -20.70
CA VAL C 113 -54.57 -24.83 -20.42
C VAL C 113 -54.39 -26.33 -20.69
N GLU C 114 -55.32 -27.15 -20.18
CA GLU C 114 -55.30 -28.58 -20.44
C GLU C 114 -55.19 -28.91 -21.93
N ALA C 115 -56.06 -28.31 -22.75
CA ALA C 115 -56.04 -28.63 -24.18
C ALA C 115 -54.76 -28.16 -24.84
N GLU C 116 -54.27 -26.99 -24.47
CA GLU C 116 -53.07 -26.42 -25.08
C GLU C 116 -51.83 -27.25 -24.75
N VAL C 117 -51.73 -27.76 -23.53
CA VAL C 117 -50.61 -28.64 -23.22
C VAL C 117 -50.76 -29.96 -23.96
N ALA C 118 -51.99 -30.44 -24.14
CA ALA C 118 -52.22 -31.64 -24.94
C ALA C 118 -51.87 -31.42 -26.40
N ALA C 119 -52.19 -30.22 -26.93
CA ALA C 119 -51.91 -29.89 -28.32
C ALA C 119 -50.42 -29.61 -28.56
N THR C 120 -49.75 -28.86 -27.66
CA THR C 120 -48.40 -28.38 -27.95
C THR C 120 -47.34 -28.76 -26.92
N GLY C 121 -47.72 -29.34 -25.79
CA GLY C 121 -46.75 -29.70 -24.77
C GLY C 121 -46.44 -28.62 -23.76
N THR C 122 -46.92 -27.40 -23.99
CA THR C 122 -46.75 -26.27 -23.08
C THR C 122 -48.04 -25.46 -23.15
N TYR C 123 -48.01 -24.21 -22.65
CA TYR C 123 -49.18 -23.35 -22.80
C TYR C 123 -48.77 -21.89 -22.58
N GLN C 124 -49.71 -21.00 -22.89
CA GLN C 124 -49.49 -19.56 -22.90
C GLN C 124 -50.28 -18.89 -21.78
N LEU C 125 -49.62 -17.99 -21.05
CA LEU C 125 -50.29 -17.17 -20.05
C LEU C 125 -51.09 -16.05 -20.73
N ARG C 126 -52.26 -15.74 -20.16
CA ARG C 126 -52.91 -14.47 -20.44
C ARG C 126 -52.03 -13.34 -19.92
N GLU C 127 -52.15 -12.16 -20.54
CA GLU C 127 -51.30 -11.05 -20.13
C GLU C 127 -51.56 -10.65 -18.68
N SER C 128 -52.80 -10.77 -18.21
CA SER C 128 -53.09 -10.43 -16.83
C SER C 128 -52.50 -11.46 -15.87
N GLU C 129 -52.56 -12.75 -16.24
CA GLU C 129 -51.90 -13.79 -15.46
C GLU C 129 -50.39 -13.55 -15.40
N LEU C 130 -49.80 -13.11 -16.51
CA LEU C 130 -48.37 -12.80 -16.54
C LEU C 130 -48.03 -11.64 -15.62
N VAL C 131 -48.85 -10.60 -15.60
CA VAL C 131 -48.63 -9.48 -14.68
C VAL C 131 -48.74 -9.96 -13.24
N PHE C 132 -49.77 -10.75 -12.94
CA PHE C 132 -49.95 -11.29 -11.61
C PHE C 132 -48.76 -12.15 -11.18
N GLY C 133 -48.28 -13.01 -12.08
CA GLY C 133 -47.20 -13.92 -11.73
C GLY C 133 -45.88 -13.23 -11.53
N ALA C 134 -45.59 -12.20 -12.33
CA ALA C 134 -44.39 -11.38 -12.10
C ALA C 134 -44.44 -10.72 -10.73
N LYS C 135 -45.57 -10.11 -10.39
CA LYS C 135 -45.69 -9.45 -9.09
C LYS C 135 -45.55 -10.43 -7.95
N GLN C 136 -46.20 -11.60 -8.06
CA GLN C 136 -46.10 -12.59 -7.00
C GLN C 136 -44.67 -13.09 -6.83
N ALA C 137 -43.94 -13.26 -7.93
CA ALA C 137 -42.59 -13.76 -7.84
C ALA C 137 -41.70 -12.78 -7.05
N TRP C 138 -41.92 -11.48 -7.24
CA TRP C 138 -41.27 -10.47 -6.42
C TRP C 138 -41.74 -10.57 -4.96
N ARG C 139 -43.06 -10.59 -4.75
CA ARG C 139 -43.64 -10.67 -3.43
C ARG C 139 -43.16 -11.91 -2.66
N ASN C 140 -42.84 -12.98 -3.37
CA ASN C 140 -42.38 -14.20 -2.71
C ASN C 140 -40.88 -14.27 -2.51
N ALA C 141 -40.11 -13.34 -3.05
CA ALA C 141 -38.65 -13.43 -2.99
C ALA C 141 -38.16 -13.21 -1.57
N PRO C 142 -37.60 -14.22 -0.90
CA PRO C 142 -37.29 -14.06 0.53
C PRO C 142 -36.15 -13.11 0.79
N ARG C 143 -35.27 -12.87 -0.17
CA ARG C 143 -34.08 -12.08 0.10
C ARG C 143 -34.24 -10.60 -0.24
N CYS C 144 -35.44 -10.17 -0.61
CA CYS C 144 -35.68 -8.80 -1.04
C CYS C 144 -36.29 -7.97 0.09
N VAL C 145 -35.54 -6.97 0.55
CA VAL C 145 -36.02 -6.03 1.57
C VAL C 145 -36.95 -4.97 1.01
N GLY C 146 -37.08 -4.86 -0.30
CA GLY C 146 -37.87 -3.78 -0.87
C GLY C 146 -39.29 -4.14 -1.23
N ARG C 147 -39.81 -5.24 -0.67
CA ARG C 147 -41.07 -5.80 -1.15
C ARG C 147 -42.30 -4.99 -0.75
N ILE C 148 -42.18 -3.97 0.09
CA ILE C 148 -43.32 -3.10 0.37
C ILE C 148 -43.90 -2.55 -0.95
N GLN C 149 -43.06 -2.46 -1.98
CA GLN C 149 -43.40 -1.94 -3.30
C GLN C 149 -43.96 -3.00 -4.26
N TRP C 150 -44.25 -4.20 -3.78
CA TRP C 150 -44.47 -5.32 -4.69
C TRP C 150 -45.65 -5.10 -5.62
N GLY C 151 -46.67 -4.37 -5.17
CA GLY C 151 -47.83 -4.17 -6.04
C GLY C 151 -47.64 -3.17 -7.17
N LYS C 152 -46.55 -2.40 -7.16
CA LYS C 152 -46.28 -1.38 -8.16
C LYS C 152 -45.11 -1.87 -9.01
N LEU C 153 -45.43 -2.54 -10.10
CA LEU C 153 -44.45 -3.12 -11.01
C LEU C 153 -44.93 -2.97 -12.44
N GLN C 154 -44.07 -2.43 -13.30
CA GLN C 154 -44.36 -2.27 -14.71
C GLN C 154 -43.91 -3.53 -15.46
N VAL C 155 -44.85 -4.25 -16.06
CA VAL C 155 -44.56 -5.51 -16.71
C VAL C 155 -44.59 -5.29 -18.22
N PHE C 156 -43.44 -5.43 -18.86
CA PHE C 156 -43.33 -5.33 -20.32
C PHE C 156 -43.33 -6.75 -20.89
N ASP C 157 -44.29 -7.04 -21.75
CA ASP C 157 -44.42 -8.37 -22.34
C ASP C 157 -43.59 -8.42 -23.61
N ALA C 158 -42.48 -9.15 -23.58
CA ALA C 158 -41.60 -9.33 -24.74
C ALA C 158 -41.67 -10.76 -25.29
N ARG C 159 -42.79 -11.47 -25.07
CA ARG C 159 -42.89 -12.87 -25.47
C ARG C 159 -42.93 -13.08 -26.97
N ASP C 160 -43.12 -12.03 -27.76
CA ASP C 160 -43.05 -12.15 -29.21
C ASP C 160 -41.66 -11.82 -29.75
N CYS C 161 -40.62 -11.94 -28.94
CA CYS C 161 -39.30 -11.51 -29.36
C CYS C 161 -38.69 -12.49 -30.35
N ARG C 162 -38.00 -11.94 -31.35
CA ARG C 162 -37.48 -12.71 -32.47
C ARG C 162 -35.99 -13.06 -32.32
N SER C 163 -35.15 -12.06 -32.15
CA SER C 163 -33.71 -12.25 -32.21
C SER C 163 -33.04 -11.37 -31.16
N ALA C 164 -31.70 -11.44 -31.12
CA ALA C 164 -30.93 -10.60 -30.23
C ALA C 164 -31.13 -9.13 -30.52
N GLN C 165 -31.36 -8.77 -31.79
CA GLN C 165 -31.58 -7.36 -32.13
C GLN C 165 -32.85 -6.84 -31.48
N GLU C 166 -33.95 -7.61 -31.54
CA GLU C 166 -35.17 -7.18 -30.88
C GLU C 166 -35.03 -7.24 -29.37
N MET C 167 -34.32 -8.26 -28.88
CA MET C 167 -34.02 -8.34 -27.45
C MET C 167 -33.34 -7.07 -26.97
N PHE C 168 -32.36 -6.59 -27.74
CA PHE C 168 -31.67 -5.36 -27.39
C PHE C 168 -32.61 -4.17 -27.34
N THR C 169 -33.60 -4.14 -28.22
CA THR C 169 -34.55 -3.03 -28.27
C THR C 169 -35.53 -3.08 -27.10
N TYR C 170 -36.03 -4.26 -26.75
CA TYR C 170 -36.82 -4.39 -25.52
C TYR C 170 -36.03 -3.94 -24.30
N ILE C 171 -34.76 -4.34 -24.21
CA ILE C 171 -33.95 -3.99 -23.04
C ILE C 171 -33.72 -2.49 -22.97
N CYS C 172 -33.39 -1.87 -24.10
CA CYS C 172 -33.15 -0.43 -24.11
C CYS C 172 -34.41 0.34 -23.72
N ASN C 173 -35.58 -0.17 -24.08
CA ASN C 173 -36.82 0.48 -23.68
C ASN C 173 -37.08 0.32 -22.19
N HIS C 174 -36.83 -0.88 -21.67
CA HIS C 174 -36.90 -1.12 -20.23
C HIS C 174 -36.02 -0.13 -19.49
N ILE C 175 -34.75 -0.04 -19.90
CA ILE C 175 -33.81 0.84 -19.23
C ILE C 175 -34.30 2.27 -19.28
N LYS C 176 -34.77 2.71 -20.46
CA LYS C 176 -35.27 4.06 -20.61
C LYS C 176 -36.47 4.31 -19.71
N TYR C 177 -37.44 3.39 -19.70
CA TYR C 177 -38.60 3.57 -18.82
C TYR C 177 -38.20 3.53 -17.35
N ALA C 178 -37.40 2.53 -16.96
CA ALA C 178 -37.11 2.34 -15.54
C ALA C 178 -36.28 3.49 -14.99
N THR C 179 -35.36 4.03 -15.80
CA THR C 179 -34.49 5.09 -15.32
C THR C 179 -35.28 6.38 -15.12
N ASN C 180 -35.98 6.84 -16.16
CA ASN C 180 -36.95 7.93 -16.02
C ASN C 180 -36.26 9.17 -15.45
N ARG C 181 -35.09 9.50 -16.02
CA ARG C 181 -34.32 10.69 -15.65
C ARG C 181 -34.00 10.71 -14.16
N GLY C 182 -33.90 9.55 -13.53
CA GLY C 182 -33.51 9.46 -12.14
C GLY C 182 -34.66 9.26 -11.18
N ASN C 183 -35.90 9.41 -11.63
CA ASN C 183 -37.06 9.10 -10.80
C ASN C 183 -37.43 7.65 -11.11
N LEU C 184 -36.77 6.73 -10.41
CA LEU C 184 -36.77 5.34 -10.81
C LEU C 184 -38.14 4.68 -10.59
N ARG C 185 -38.47 3.77 -11.51
CA ARG C 185 -39.72 3.03 -11.50
C ARG C 185 -39.41 1.55 -11.69
N SER C 186 -40.05 0.69 -10.89
CA SER C 186 -39.79 -0.74 -10.99
C SER C 186 -40.34 -1.31 -12.29
N ALA C 187 -39.68 -2.35 -12.79
CA ALA C 187 -40.06 -2.87 -14.09
C ALA C 187 -39.49 -4.27 -14.27
N ILE C 188 -40.16 -5.04 -15.13
CA ILE C 188 -39.66 -6.33 -15.59
C ILE C 188 -40.06 -6.48 -17.05
N THR C 189 -39.18 -7.09 -17.84
CA THR C 189 -39.47 -7.46 -19.22
C THR C 189 -39.40 -8.98 -19.31
N VAL C 190 -40.43 -9.59 -19.87
CA VAL C 190 -40.55 -11.05 -19.89
C VAL C 190 -40.38 -11.52 -21.33
N PHE C 191 -39.24 -12.16 -21.60
CA PHE C 191 -38.91 -12.69 -22.92
C PHE C 191 -39.57 -14.06 -23.09
N PRO C 192 -39.46 -14.68 -24.27
CA PRO C 192 -40.18 -15.94 -24.50
C PRO C 192 -39.74 -17.05 -23.55
N GLN C 193 -40.72 -17.87 -23.16
CA GLN C 193 -40.50 -18.99 -22.27
C GLN C 193 -39.74 -20.11 -22.99
N ARG C 194 -39.20 -21.04 -22.20
CA ARG C 194 -38.53 -22.19 -22.76
C ARG C 194 -39.54 -23.24 -23.22
N CYS C 195 -39.10 -24.04 -24.19
CA CYS C 195 -39.82 -25.22 -24.63
C CYS C 195 -38.84 -26.10 -25.41
N PRO C 196 -39.17 -27.38 -25.62
CA PRO C 196 -38.21 -28.28 -26.30
C PRO C 196 -38.00 -27.98 -27.77
N GLY C 197 -37.27 -28.88 -28.45
CA GLY C 197 -37.03 -28.77 -29.88
C GLY C 197 -35.93 -27.79 -30.22
N ARG C 198 -36.10 -26.54 -29.77
CA ARG C 198 -35.12 -25.49 -29.94
C ARG C 198 -34.89 -24.81 -28.59
N GLY C 199 -33.86 -23.97 -28.52
CA GLY C 199 -33.28 -23.55 -27.26
C GLY C 199 -33.94 -22.46 -26.43
N ASP C 200 -33.16 -21.45 -26.05
CA ASP C 200 -33.54 -20.51 -25.01
C ASP C 200 -32.98 -19.12 -25.29
N PHE C 201 -33.71 -18.10 -24.79
CA PHE C 201 -33.19 -16.74 -24.72
C PHE C 201 -32.45 -16.56 -23.40
N ARG C 202 -31.24 -16.00 -23.48
CA ARG C 202 -30.46 -15.72 -22.28
C ARG C 202 -29.77 -14.36 -22.40
N ILE C 203 -29.77 -13.63 -21.31
CA ILE C 203 -28.86 -12.53 -21.10
C ILE C 203 -27.65 -13.07 -20.33
N TRP C 204 -26.48 -13.04 -20.97
CA TRP C 204 -25.29 -13.61 -20.33
C TRP C 204 -24.78 -12.74 -19.19
N ASN C 205 -25.01 -11.43 -19.25
CA ASN C 205 -24.59 -10.55 -18.17
C ASN C 205 -25.47 -10.78 -16.95
N SER C 206 -24.87 -10.70 -15.76
CA SER C 206 -25.64 -10.85 -14.53
C SER C 206 -26.53 -9.65 -14.27
N GLN C 207 -26.15 -8.48 -14.76
CA GLN C 207 -26.98 -7.29 -14.67
C GLN C 207 -26.89 -6.53 -15.99
N LEU C 208 -27.87 -5.65 -16.21
CA LEU C 208 -27.87 -4.86 -17.44
C LEU C 208 -26.74 -3.85 -17.45
N VAL C 209 -26.44 -3.26 -16.31
CA VAL C 209 -25.31 -2.34 -16.16
C VAL C 209 -24.28 -3.02 -15.27
N ARG C 210 -23.10 -3.29 -15.82
CA ARG C 210 -22.00 -3.89 -15.08
C ARG C 210 -20.70 -3.21 -15.50
N TYR C 211 -19.88 -2.85 -14.52
CA TYR C 211 -18.56 -2.32 -14.80
C TYR C 211 -17.58 -3.43 -15.11
N ALA C 212 -16.68 -3.17 -16.05
CA ALA C 212 -15.70 -4.16 -16.47
C ALA C 212 -14.69 -4.44 -15.37
N GLY C 213 -14.12 -5.64 -15.42
CA GLY C 213 -13.01 -5.99 -14.56
C GLY C 213 -11.91 -6.65 -15.38
N TYR C 214 -10.74 -6.01 -15.42
CA TYR C 214 -9.60 -6.50 -16.19
C TYR C 214 -8.52 -6.98 -15.22
N ARG C 215 -8.01 -8.19 -15.44
CA ARG C 215 -6.87 -8.66 -14.68
C ARG C 215 -5.58 -8.20 -15.36
N GLN C 216 -4.58 -7.91 -14.54
CA GLN C 216 -3.31 -7.37 -15.01
C GLN C 216 -2.24 -8.44 -14.93
N GLN C 217 -1.08 -8.14 -15.51
CA GLN C 217 0.09 -8.97 -15.28
C GLN C 217 0.54 -8.87 -13.82
N ASP C 218 0.05 -7.84 -13.11
CA ASP C 218 0.13 -7.77 -11.65
C ASP C 218 -0.62 -8.92 -10.99
N GLY C 219 -1.62 -9.51 -11.66
CA GLY C 219 -2.52 -10.46 -11.07
C GLY C 219 -3.78 -9.85 -10.47
N SER C 220 -3.68 -8.62 -9.97
CA SER C 220 -4.81 -7.90 -9.41
C SER C 220 -5.73 -7.38 -10.52
N VAL C 221 -6.97 -7.11 -10.16
CA VAL C 221 -8.01 -6.67 -11.08
C VAL C 221 -8.14 -5.16 -11.03
N ARG C 222 -8.25 -4.55 -12.20
CA ARG C 222 -8.68 -3.16 -12.34
C ARG C 222 -10.13 -3.15 -12.80
N GLY C 223 -10.97 -2.41 -12.07
CA GLY C 223 -12.41 -2.47 -12.27
C GLY C 223 -13.09 -3.34 -11.24
N ASP C 224 -14.23 -3.94 -11.62
CA ASP C 224 -15.01 -4.75 -10.69
C ASP C 224 -14.54 -6.20 -10.78
N PRO C 225 -13.93 -6.75 -9.72
CA PRO C 225 -13.47 -8.15 -9.78
C PRO C 225 -14.59 -9.14 -10.02
N ALA C 226 -15.83 -8.81 -9.65
CA ALA C 226 -16.94 -9.73 -9.85
C ALA C 226 -17.21 -9.97 -11.33
N ASN C 227 -16.73 -9.11 -12.23
CA ASN C 227 -17.06 -9.17 -13.63
C ASN C 227 -15.87 -9.56 -14.51
N VAL C 228 -14.89 -10.26 -13.94
CA VAL C 228 -13.75 -10.71 -14.73
C VAL C 228 -14.17 -11.74 -15.78
N GLU C 229 -15.10 -12.63 -15.43
CA GLU C 229 -15.52 -13.67 -16.37
C GLU C 229 -16.30 -13.08 -17.52
N ILE C 230 -17.31 -12.25 -17.22
CA ILE C 230 -18.13 -11.67 -18.27
C ILE C 230 -17.32 -10.67 -19.10
N THR C 231 -16.30 -10.02 -18.52
CA THR C 231 -15.47 -9.12 -19.30
C THR C 231 -14.62 -9.90 -20.30
N GLU C 232 -14.12 -11.06 -19.90
CA GLU C 232 -13.44 -11.95 -20.84
C GLU C 232 -14.34 -12.33 -22.00
N LEU C 233 -15.59 -12.70 -21.69
CA LEU C 233 -16.51 -13.14 -22.74
C LEU C 233 -16.84 -12.01 -23.72
N CYS C 234 -16.99 -10.79 -23.21
CA CYS C 234 -17.23 -9.67 -24.11
C CYS C 234 -16.02 -9.42 -25.00
N ILE C 235 -14.82 -9.50 -24.43
CA ILE C 235 -13.59 -9.36 -25.23
C ILE C 235 -13.54 -10.46 -26.29
N GLN C 236 -13.80 -11.70 -25.88
CA GLN C 236 -13.69 -12.82 -26.82
C GLN C 236 -14.77 -12.75 -27.89
N HIS C 237 -16.01 -12.45 -27.50
CA HIS C 237 -17.11 -12.31 -28.44
C HIS C 237 -17.14 -10.94 -29.11
N GLY C 238 -15.99 -10.31 -29.31
CA GLY C 238 -15.95 -9.07 -30.09
C GLY C 238 -15.39 -7.84 -29.40
N TRP C 239 -15.95 -7.50 -28.24
CA TRP C 239 -15.77 -6.17 -27.66
C TRP C 239 -14.30 -5.82 -27.45
N THR C 240 -13.86 -4.76 -28.11
CA THR C 240 -12.58 -4.17 -27.76
C THR C 240 -12.75 -3.39 -26.46
N PRO C 241 -11.82 -3.53 -25.52
CA PRO C 241 -12.09 -3.11 -24.13
C PRO C 241 -11.57 -1.74 -23.77
N GLY C 242 -12.13 -1.14 -22.71
CA GLY C 242 -11.59 0.06 -22.14
C GLY C 242 -10.42 -0.25 -21.23
N ASN C 243 -10.05 0.74 -20.41
CA ASN C 243 -9.07 0.47 -19.36
C ASN C 243 -9.32 1.33 -18.12
N GLY C 244 -10.56 1.75 -17.90
CA GLY C 244 -10.91 2.46 -16.69
C GLY C 244 -11.36 1.52 -15.59
N ARG C 245 -11.59 2.10 -14.41
CA ARG C 245 -12.15 1.36 -13.29
C ARG C 245 -13.67 1.26 -13.37
N PHE C 246 -14.30 1.96 -14.31
CA PHE C 246 -15.75 2.00 -14.39
C PHE C 246 -16.23 1.94 -15.83
N ASP C 247 -15.58 1.12 -16.65
CA ASP C 247 -16.03 0.91 -18.03
C ASP C 247 -17.29 0.05 -18.03
N VAL C 248 -18.39 0.63 -18.52
CA VAL C 248 -19.66 -0.09 -18.62
C VAL C 248 -19.54 -1.18 -19.68
N LEU C 249 -19.89 -2.41 -19.30
CA LEU C 249 -19.73 -3.54 -20.20
C LEU C 249 -20.77 -3.50 -21.31
N PRO C 250 -20.47 -4.11 -22.46
CA PRO C 250 -21.52 -4.39 -23.44
C PRO C 250 -22.41 -5.51 -22.94
N LEU C 251 -23.53 -5.71 -23.64
CA LEU C 251 -24.43 -6.81 -23.36
C LEU C 251 -24.15 -7.96 -24.31
N LEU C 252 -24.12 -9.18 -23.77
CA LEU C 252 -24.00 -10.39 -24.56
C LEU C 252 -25.37 -11.06 -24.54
N LEU C 253 -26.15 -10.81 -25.59
CA LEU C 253 -27.52 -11.27 -25.67
C LEU C 253 -27.62 -12.50 -26.57
N GLN C 254 -28.37 -13.50 -26.13
CA GLN C 254 -28.41 -14.80 -26.80
C GLN C 254 -29.85 -15.19 -27.07
N ALA C 255 -30.20 -15.29 -28.35
CA ALA C 255 -31.45 -15.84 -28.85
C ALA C 255 -31.30 -17.35 -29.05
N PRO C 256 -32.42 -18.09 -29.12
CA PRO C 256 -32.31 -19.56 -29.18
C PRO C 256 -31.39 -20.10 -30.27
N ASP C 257 -30.41 -20.89 -29.84
CA ASP C 257 -29.50 -21.68 -30.68
C ASP C 257 -28.49 -20.84 -31.44
N GLU C 258 -28.44 -19.54 -31.23
CA GLU C 258 -27.37 -18.80 -31.88
C GLU C 258 -26.28 -18.48 -30.87
N PRO C 259 -25.05 -18.29 -31.34
CA PRO C 259 -24.05 -17.65 -30.50
C PRO C 259 -24.53 -16.29 -30.05
N PRO C 260 -24.22 -15.89 -28.83
CA PRO C 260 -24.72 -14.59 -28.35
C PRO C 260 -24.10 -13.45 -29.12
N GLU C 261 -24.90 -12.41 -29.35
CA GLU C 261 -24.44 -11.24 -30.08
C GLU C 261 -24.06 -10.12 -29.11
N LEU C 262 -23.05 -9.33 -29.50
CA LEU C 262 -22.51 -8.29 -28.66
C LEU C 262 -23.20 -6.96 -28.96
N PHE C 263 -23.63 -6.27 -27.92
CA PHE C 263 -24.36 -5.01 -28.07
C PHE C 263 -23.80 -3.97 -27.13
N LEU C 264 -23.58 -2.76 -27.64
CA LEU C 264 -23.11 -1.63 -26.85
C LEU C 264 -24.30 -0.78 -26.41
N LEU C 265 -24.38 -0.50 -25.12
CA LEU C 265 -25.44 0.36 -24.61
C LEU C 265 -25.13 1.82 -24.95
N PRO C 266 -26.09 2.59 -25.46
CA PRO C 266 -25.85 4.01 -25.70
C PRO C 266 -25.49 4.72 -24.41
N PRO C 267 -24.41 5.50 -24.40
CA PRO C 267 -23.96 6.12 -23.14
C PRO C 267 -25.03 6.97 -22.47
N GLU C 268 -25.81 7.74 -23.25
CA GLU C 268 -26.89 8.54 -22.68
C GLU C 268 -28.04 7.67 -22.14
N LEU C 269 -28.00 6.36 -22.39
CA LEU C 269 -28.99 5.46 -21.81
C LEU C 269 -28.66 5.09 -20.36
N VAL C 270 -27.38 5.13 -19.98
CA VAL C 270 -26.91 4.53 -18.74
C VAL C 270 -26.60 5.68 -17.77
N LEU C 271 -27.54 5.92 -16.85
CA LEU C 271 -27.38 7.04 -15.92
C LEU C 271 -26.43 6.65 -14.80
N GLU C 272 -25.39 7.43 -14.60
CA GLU C 272 -24.39 7.18 -13.58
C GLU C 272 -24.29 8.35 -12.62
N VAL C 273 -23.89 8.06 -11.39
CA VAL C 273 -23.79 9.08 -10.35
C VAL C 273 -22.34 9.17 -9.88
N PRO C 274 -21.59 10.20 -10.25
CA PRO C 274 -20.25 10.39 -9.66
C PRO C 274 -20.40 10.68 -8.18
N LEU C 275 -19.51 10.12 -7.38
CA LEU C 275 -19.67 10.15 -5.93
C LEU C 275 -18.82 11.26 -5.32
N GLU C 276 -19.46 12.10 -4.51
CA GLU C 276 -18.78 13.13 -3.73
C GLU C 276 -19.29 13.05 -2.30
N HIS C 277 -18.57 13.70 -1.38
CA HIS C 277 -18.95 13.68 0.02
C HIS C 277 -19.33 15.09 0.48
N PRO C 278 -20.37 15.21 1.30
CA PRO C 278 -20.87 16.55 1.66
C PRO C 278 -19.85 17.44 2.35
N THR C 279 -18.85 16.88 3.02
CA THR C 279 -17.87 17.68 3.75
C THR C 279 -16.42 17.31 3.46
N LEU C 280 -16.15 16.11 2.96
CA LEU C 280 -14.78 15.67 2.68
C LEU C 280 -14.50 16.02 1.23
N GLU C 281 -13.90 17.20 1.00
CA GLU C 281 -13.81 17.71 -0.35
C GLU C 281 -12.95 16.80 -1.25
N TRP C 282 -12.02 16.06 -0.65
CA TRP C 282 -11.16 15.19 -1.44
C TRP C 282 -11.86 13.93 -1.93
N PHE C 283 -13.08 13.64 -1.46
CA PHE C 283 -13.70 12.37 -1.82
C PHE C 283 -14.00 12.32 -3.31
N ALA C 284 -14.48 13.43 -3.87
CA ALA C 284 -14.71 13.50 -5.31
C ALA C 284 -13.47 13.10 -6.10
N ALA C 285 -12.29 13.46 -5.62
CA ALA C 285 -11.09 13.21 -6.41
C ALA C 285 -10.73 11.72 -6.45
N LEU C 286 -11.36 10.90 -5.61
CA LEU C 286 -11.13 9.47 -5.73
C LEU C 286 -11.67 8.91 -7.04
N GLY C 287 -12.56 9.65 -7.70
CA GLY C 287 -13.07 9.24 -9.00
C GLY C 287 -14.08 8.12 -8.97
N LEU C 288 -14.75 7.93 -7.82
CA LEU C 288 -15.71 6.84 -7.69
C LEU C 288 -17.02 7.21 -8.37
N ARG C 289 -17.63 6.21 -9.00
CA ARG C 289 -18.94 6.38 -9.61
C ARG C 289 -19.75 5.13 -9.30
N TRP C 290 -21.06 5.25 -9.43
CA TRP C 290 -21.90 4.06 -9.60
C TRP C 290 -23.06 4.41 -10.52
N TYR C 291 -23.79 3.39 -10.94
CA TYR C 291 -24.90 3.56 -11.87
C TYR C 291 -26.24 3.56 -11.14
N ALA C 292 -27.25 4.11 -11.82
CA ALA C 292 -28.52 4.40 -11.18
C ALA C 292 -29.39 3.15 -11.01
N LEU C 293 -29.36 2.25 -11.99
CA LEU C 293 -30.41 1.23 -12.13
C LEU C 293 -29.92 -0.15 -11.75
N PRO C 294 -30.37 -0.73 -10.61
CA PRO C 294 -30.09 -2.14 -10.33
C PRO C 294 -31.05 -3.01 -11.11
N ALA C 295 -30.52 -3.73 -12.10
CA ALA C 295 -31.36 -4.48 -13.03
C ALA C 295 -30.77 -5.88 -13.22
N VAL C 296 -31.33 -6.84 -12.48
CA VAL C 296 -30.83 -8.22 -12.48
C VAL C 296 -31.32 -8.91 -13.75
N SER C 297 -30.38 -9.55 -14.46
CA SER C 297 -30.67 -10.10 -15.79
C SER C 297 -30.28 -11.57 -15.95
N ASN C 298 -29.93 -12.27 -14.88
CA ASN C 298 -29.51 -13.66 -15.02
C ASN C 298 -30.36 -14.64 -14.21
N MET C 299 -31.47 -14.20 -13.65
CA MET C 299 -32.34 -15.10 -12.90
C MET C 299 -33.48 -15.60 -13.78
N LEU C 300 -34.08 -16.71 -13.36
CA LEU C 300 -35.16 -17.35 -14.12
C LEU C 300 -36.49 -17.09 -13.42
N LEU C 301 -37.48 -16.66 -14.20
CA LEU C 301 -38.83 -16.43 -13.71
C LEU C 301 -39.67 -17.67 -13.97
N GLU C 302 -40.39 -18.13 -12.93
CA GLU C 302 -41.18 -19.34 -13.00
C GLU C 302 -42.62 -19.03 -12.62
N ILE C 303 -43.56 -19.30 -13.52
CA ILE C 303 -44.97 -19.02 -13.29
C ILE C 303 -45.79 -20.23 -13.74
N GLY C 304 -46.53 -20.83 -12.82
CA GLY C 304 -47.36 -21.96 -13.12
C GLY C 304 -46.70 -23.04 -13.94
N GLY C 305 -45.48 -23.41 -13.57
CA GLY C 305 -44.76 -24.42 -14.30
C GLY C 305 -44.09 -23.96 -15.57
N LEU C 306 -44.36 -22.75 -16.03
CA LEU C 306 -43.60 -22.18 -17.12
C LEU C 306 -42.31 -21.56 -16.60
N GLU C 307 -41.33 -21.45 -17.47
CA GLU C 307 -40.02 -20.96 -17.07
C GLU C 307 -39.50 -19.96 -18.09
N PHE C 308 -39.07 -18.80 -17.61
CA PHE C 308 -38.57 -17.73 -18.47
C PHE C 308 -37.12 -17.46 -18.13
N PRO C 309 -36.17 -18.04 -18.87
CA PRO C 309 -34.74 -17.86 -18.53
C PRO C 309 -34.22 -16.46 -18.81
N ALA C 310 -34.98 -15.62 -19.51
CA ALA C 310 -34.61 -14.22 -19.68
C ALA C 310 -35.83 -13.38 -19.29
N ALA C 311 -35.72 -12.68 -18.17
CA ALA C 311 -36.79 -11.84 -17.66
C ALA C 311 -36.17 -10.79 -16.73
N PRO C 312 -35.46 -9.80 -17.28
CA PRO C 312 -34.73 -8.88 -16.40
C PRO C 312 -35.68 -7.95 -15.67
N PHE C 313 -35.39 -7.71 -14.40
CA PHE C 313 -36.21 -6.88 -13.52
C PHE C 313 -35.32 -5.87 -12.81
N SER C 314 -35.89 -4.72 -12.48
CA SER C 314 -35.12 -3.63 -11.89
C SER C 314 -35.97 -2.87 -10.89
N GLY C 315 -35.31 -2.26 -9.91
CA GLY C 315 -35.97 -1.36 -8.99
C GLY C 315 -35.15 -0.11 -8.77
N TRP C 316 -34.77 0.14 -7.52
CA TRP C 316 -33.81 1.18 -7.19
C TRP C 316 -32.95 0.68 -6.04
N TYR C 317 -31.83 1.36 -5.82
CA TYR C 317 -30.83 0.85 -4.90
C TYR C 317 -31.16 1.20 -3.45
N MET C 318 -30.79 0.29 -2.54
CA MET C 318 -30.56 0.62 -1.14
C MET C 318 -29.08 0.98 -0.99
N SER C 319 -28.80 2.07 -0.26
CA SER C 319 -27.47 2.66 -0.33
C SER C 319 -26.38 1.67 0.12
N THR C 320 -26.67 0.79 1.08
CA THR C 320 -25.61 -0.13 1.52
C THR C 320 -25.17 -1.09 0.41
N GLU C 321 -26.01 -1.34 -0.59
CA GLU C 321 -25.58 -2.22 -1.68
C GLU C 321 -24.37 -1.62 -2.38
N ILE C 322 -24.39 -0.31 -2.59
CA ILE C 322 -23.31 0.38 -3.27
C ILE C 322 -22.19 0.72 -2.30
N GLY C 323 -22.50 1.45 -1.23
CA GLY C 323 -21.46 1.99 -0.36
C GLY C 323 -20.78 0.95 0.51
N THR C 324 -21.49 -0.10 0.92
CA THR C 324 -20.85 -1.13 1.73
C THR C 324 -20.42 -2.34 0.91
N ARG C 325 -21.33 -2.97 0.16
CA ARG C 325 -20.95 -4.22 -0.50
C ARG C 325 -20.14 -3.96 -1.77
N ASN C 326 -20.65 -3.13 -2.66
CA ASN C 326 -20.00 -3.01 -3.97
C ASN C 326 -18.65 -2.31 -3.85
N LEU C 327 -18.55 -1.31 -2.96
CA LEU C 327 -17.31 -0.55 -2.86
C LEU C 327 -16.39 -1.03 -1.75
N CYS C 328 -16.90 -1.68 -0.70
CA CYS C 328 -16.06 -2.07 0.42
C CYS C 328 -15.81 -3.56 0.58
N ASP C 329 -16.50 -4.43 -0.15
CA ASP C 329 -16.20 -5.85 -0.01
C ASP C 329 -14.75 -6.09 -0.39
N PRO C 330 -14.04 -7.01 0.29
CA PRO C 330 -12.63 -7.23 -0.05
C PRO C 330 -12.46 -7.78 -1.45
N HIS C 331 -13.46 -8.47 -1.96
CA HIS C 331 -13.43 -9.05 -3.30
C HIS C 331 -14.17 -8.21 -4.33
N ARG C 332 -14.51 -6.96 -4.01
CA ARG C 332 -15.08 -6.02 -4.96
C ARG C 332 -14.11 -4.84 -5.10
N TYR C 333 -14.57 -3.59 -5.16
CA TYR C 333 -13.66 -2.46 -5.30
C TYR C 333 -12.72 -2.30 -4.11
N ASN C 334 -13.12 -2.78 -2.92
CA ASN C 334 -12.23 -2.85 -1.75
C ASN C 334 -11.53 -1.51 -1.50
N ILE C 335 -12.33 -0.43 -1.45
CA ILE C 335 -11.77 0.92 -1.30
C ILE C 335 -11.64 1.35 0.15
N LEU C 336 -12.01 0.50 1.13
CA LEU C 336 -12.12 0.97 2.51
C LEU C 336 -10.81 1.61 2.99
N GLU C 337 -9.67 0.96 2.73
CA GLU C 337 -8.42 1.46 3.28
C GLU C 337 -8.02 2.78 2.62
N ASP C 338 -8.25 2.89 1.30
CA ASP C 338 -8.04 4.15 0.58
C ASP C 338 -8.77 5.32 1.25
N VAL C 339 -10.07 5.14 1.52
CA VAL C 339 -10.84 6.20 2.15
C VAL C 339 -10.31 6.50 3.56
N ALA C 340 -9.99 5.45 4.34
CA ALA C 340 -9.50 5.65 5.69
C ALA C 340 -8.17 6.41 5.72
N VAL C 341 -7.30 6.14 4.74
CA VAL C 341 -6.05 6.89 4.65
C VAL C 341 -6.32 8.37 4.39
N CYS C 342 -7.30 8.67 3.55
CA CYS C 342 -7.64 10.07 3.28
C CYS C 342 -8.29 10.73 4.48
N MET C 343 -8.98 9.96 5.32
CA MET C 343 -9.54 10.50 6.54
C MET C 343 -8.51 10.62 7.66
N ASP C 344 -7.24 10.27 7.37
CA ASP C 344 -6.18 10.26 8.38
C ASP C 344 -6.56 9.44 9.61
N LEU C 345 -7.15 8.28 9.39
CA LEU C 345 -7.46 7.38 10.50
C LEU C 345 -6.26 6.50 10.81
N ASP C 346 -6.24 5.96 12.03
CA ASP C 346 -5.18 5.06 12.46
C ASP C 346 -5.49 3.65 11.98
N THR C 347 -4.85 3.23 10.87
CA THR C 347 -5.12 1.93 10.28
C THR C 347 -4.21 0.83 10.81
N ARG C 348 -3.39 1.12 11.82
CA ARG C 348 -2.46 0.11 12.34
C ARG C 348 -3.07 -0.79 13.39
N THR C 349 -4.21 -0.41 13.97
CA THR C 349 -4.90 -1.22 14.97
C THR C 349 -6.39 -1.31 14.63
N THR C 350 -6.95 -2.51 14.78
CA THR C 350 -8.39 -2.69 14.51
C THR C 350 -9.24 -1.90 15.50
N SER C 351 -8.75 -1.71 16.73
CA SER C 351 -9.59 -1.17 17.80
C SER C 351 -9.88 0.31 17.64
N SER C 352 -9.24 0.99 16.70
CA SER C 352 -9.65 2.36 16.38
C SER C 352 -10.94 2.41 15.60
N LEU C 353 -11.43 1.27 15.11
CA LEU C 353 -12.66 1.18 14.30
C LEU C 353 -12.54 2.01 13.03
N TRP C 354 -11.34 2.05 12.46
CA TRP C 354 -11.14 2.83 11.24
C TRP C 354 -11.96 2.27 10.08
N LYS C 355 -12.11 0.94 10.01
CA LYS C 355 -12.97 0.37 8.97
C LYS C 355 -14.41 0.85 9.13
N ASP C 356 -14.91 0.91 10.37
CA ASP C 356 -16.30 1.30 10.60
C ASP C 356 -16.52 2.76 10.24
N LYS C 357 -15.62 3.63 10.66
CA LYS C 357 -15.75 5.05 10.34
C LYS C 357 -15.64 5.29 8.85
N ALA C 358 -14.69 4.64 8.17
CA ALA C 358 -14.58 4.85 6.74
C ALA C 358 -15.83 4.36 6.01
N ALA C 359 -16.35 3.20 6.41
CA ALA C 359 -17.54 2.64 5.75
C ALA C 359 -18.73 3.59 5.87
N VAL C 360 -18.96 4.13 7.07
CA VAL C 360 -20.08 5.05 7.26
C VAL C 360 -19.95 6.25 6.33
N GLU C 361 -18.75 6.83 6.25
CA GLU C 361 -18.62 8.01 5.40
C GLU C 361 -18.78 7.67 3.91
N ILE C 362 -18.39 6.47 3.49
CA ILE C 362 -18.63 6.07 2.11
C ILE C 362 -20.14 5.97 1.85
N ASN C 363 -20.89 5.41 2.80
CA ASN C 363 -22.34 5.34 2.62
C ASN C 363 -22.97 6.74 2.65
N VAL C 364 -22.45 7.65 3.48
CA VAL C 364 -22.89 9.04 3.47
C VAL C 364 -22.68 9.64 2.08
N ALA C 365 -21.50 9.39 1.49
CA ALA C 365 -21.21 9.90 0.14
C ALA C 365 -22.23 9.38 -0.87
N VAL C 366 -22.56 8.09 -0.79
CA VAL C 366 -23.48 7.49 -1.75
C VAL C 366 -24.85 8.15 -1.63
N LEU C 367 -25.37 8.24 -0.40
CA LEU C 367 -26.67 8.88 -0.19
C LEU C 367 -26.67 10.32 -0.69
N HIS C 368 -25.69 11.11 -0.26
CA HIS C 368 -25.61 12.52 -0.66
C HIS C 368 -25.52 12.65 -2.18
N SER C 369 -24.71 11.82 -2.83
CA SER C 369 -24.46 11.97 -4.26
C SER C 369 -25.70 11.60 -5.08
N TYR C 370 -26.41 10.53 -4.69
CA TYR C 370 -27.63 10.19 -5.40
C TYR C 370 -28.71 11.26 -5.19
N GLN C 371 -28.89 11.73 -3.95
CA GLN C 371 -29.90 12.75 -3.69
C GLN C 371 -29.61 14.01 -4.47
N LEU C 372 -28.35 14.43 -4.48
CA LEU C 372 -27.97 15.65 -5.20
C LEU C 372 -28.24 15.52 -6.69
N ALA C 373 -28.05 14.31 -7.24
CA ALA C 373 -28.32 14.07 -8.65
C ALA C 373 -29.77 13.71 -8.92
N LYS C 374 -30.62 13.73 -7.88
CA LYS C 374 -32.05 13.45 -8.03
C LYS C 374 -32.27 12.06 -8.62
N VAL C 375 -31.49 11.09 -8.16
CA VAL C 375 -31.65 9.68 -8.52
C VAL C 375 -32.19 8.96 -7.30
N THR C 376 -33.26 8.18 -7.50
CA THR C 376 -33.90 7.48 -6.39
C THR C 376 -32.92 6.57 -5.68
N ILE C 377 -32.94 6.64 -4.34
CA ILE C 377 -32.15 5.73 -3.50
C ILE C 377 -32.78 5.75 -2.13
N VAL C 378 -32.58 4.68 -1.36
CA VAL C 378 -33.17 4.58 -0.04
C VAL C 378 -32.09 4.08 0.93
N ASP C 379 -32.02 4.69 2.11
CA ASP C 379 -31.01 4.23 3.04
C ASP C 379 -31.51 3.00 3.79
N HIS C 380 -30.58 2.33 4.47
CA HIS C 380 -30.94 1.05 5.08
C HIS C 380 -31.88 1.22 6.27
N HIS C 381 -31.91 2.37 6.91
CA HIS C 381 -32.88 2.57 7.99
C HIS C 381 -34.29 2.67 7.44
N ALA C 382 -34.50 3.56 6.46
CA ALA C 382 -35.82 3.70 5.87
C ALA C 382 -36.29 2.38 5.27
N ALA C 383 -35.40 1.65 4.60
CA ALA C 383 -35.79 0.41 3.93
C ALA C 383 -36.22 -0.66 4.93
N THR C 384 -35.43 -0.88 5.98
CA THR C 384 -35.79 -1.88 6.97
C THR C 384 -37.09 -1.51 7.68
N ALA C 385 -37.29 -0.21 7.93
CA ALA C 385 -38.55 0.21 8.56
C ALA C 385 -39.74 -0.09 7.65
N SER C 386 -39.58 0.11 6.34
CA SER C 386 -40.66 -0.23 5.42
CA SER C 386 -40.66 -0.24 5.43
C SER C 386 -40.85 -1.74 5.35
N PHE C 387 -39.77 -2.51 5.44
CA PHE C 387 -39.96 -3.96 5.37
C PHE C 387 -40.73 -4.46 6.59
N MET C 388 -40.52 -3.84 7.76
CA MET C 388 -41.33 -4.22 8.92
C MET C 388 -42.80 -3.97 8.65
N LYS C 389 -43.13 -2.87 7.97
CA LYS C 389 -44.53 -2.62 7.59
C LYS C 389 -45.04 -3.69 6.64
N HIS C 390 -44.22 -4.08 5.66
CA HIS C 390 -44.58 -5.16 4.74
C HIS C 390 -44.84 -6.47 5.47
N LEU C 391 -44.03 -6.78 6.49
CA LEU C 391 -44.28 -7.99 7.27
C LEU C 391 -45.65 -7.93 7.93
N GLU C 392 -45.99 -6.78 8.49
CA GLU C 392 -47.29 -6.60 9.13
C GLU C 392 -48.43 -6.72 8.10
N ASN C 393 -48.30 -6.04 6.95
CA ASN C 393 -49.31 -6.16 5.90
C ASN C 393 -49.46 -7.60 5.46
N GLU C 394 -48.35 -8.29 5.23
CA GLU C 394 -48.42 -9.64 4.72
C GLU C 394 -48.97 -10.62 5.74
N GLN C 395 -48.74 -10.36 7.03
CA GLN C 395 -49.33 -11.22 8.05
C GLN C 395 -50.85 -11.25 7.90
N LYS C 396 -51.48 -10.09 7.68
CA LYS C 396 -52.93 -10.06 7.49
C LYS C 396 -53.35 -10.59 6.12
N ALA C 397 -52.55 -10.31 5.09
CA ALA C 397 -52.97 -10.68 3.75
C ALA C 397 -52.87 -12.19 3.51
N ARG C 398 -51.82 -12.83 4.05
CA ARG C 398 -51.53 -14.22 3.69
C ARG C 398 -51.10 -15.10 4.86
N GLY C 399 -51.07 -14.58 6.08
CA GLY C 399 -50.68 -15.38 7.23
C GLY C 399 -49.18 -15.54 7.43
N GLY C 400 -48.36 -14.71 6.82
CA GLY C 400 -46.92 -14.84 6.93
C GLY C 400 -46.22 -14.16 5.77
N CYS C 401 -44.90 -14.35 5.73
CA CYS C 401 -44.06 -13.78 4.68
C CYS C 401 -42.72 -14.50 4.65
N PRO C 402 -42.33 -15.13 3.55
CA PRO C 402 -41.01 -15.77 3.50
C PRO C 402 -39.92 -14.72 3.51
N ALA C 403 -38.93 -14.91 4.37
CA ALA C 403 -37.89 -13.92 4.51
C ALA C 403 -36.60 -14.59 4.99
N ASP C 404 -35.50 -14.14 4.41
CA ASP C 404 -34.17 -14.69 4.64
C ASP C 404 -33.42 -13.66 5.49
N TRP C 405 -33.39 -13.90 6.81
CA TRP C 405 -32.81 -12.95 7.76
C TRP C 405 -31.44 -12.44 7.32
N ALA C 406 -30.55 -13.35 6.92
CA ALA C 406 -29.17 -12.98 6.59
C ALA C 406 -29.11 -11.96 5.46
N TRP C 407 -30.09 -11.96 4.54
CA TRP C 407 -30.10 -11.00 3.45
C TRP C 407 -30.97 -9.78 3.72
N ILE C 408 -31.93 -9.89 4.65
CA ILE C 408 -32.79 -8.76 4.99
C ILE C 408 -32.05 -7.76 5.88
N VAL C 409 -31.30 -8.25 6.86
CA VAL C 409 -30.51 -7.41 7.76
C VAL C 409 -29.36 -6.75 6.99
N PRO C 410 -29.29 -5.41 6.99
CA PRO C 410 -28.24 -4.69 6.22
C PRO C 410 -26.83 -5.07 6.63
N PRO C 411 -25.85 -4.88 5.75
CA PRO C 411 -24.46 -5.29 6.06
C PRO C 411 -23.67 -4.30 6.90
N ILE C 412 -24.22 -3.14 7.26
CA ILE C 412 -23.68 -2.32 8.32
C ILE C 412 -24.81 -2.00 9.27
N SER C 413 -24.45 -1.71 10.53
CA SER C 413 -25.41 -1.26 11.53
C SER C 413 -26.59 -2.24 11.69
N GLY C 414 -26.33 -3.54 11.51
CA GLY C 414 -27.38 -4.54 11.56
C GLY C 414 -28.41 -4.35 12.66
N SER C 415 -27.94 -4.29 13.91
CA SER C 415 -28.85 -4.28 15.05
C SER C 415 -29.43 -2.92 15.34
N LEU C 416 -28.98 -1.86 14.62
CA LEU C 416 -29.61 -0.56 14.69
C LEU C 416 -30.87 -0.49 13.84
N THR C 417 -31.16 -1.54 13.06
CA THR C 417 -32.37 -1.62 12.25
C THR C 417 -33.35 -2.60 12.87
N PRO C 418 -34.65 -2.38 12.70
CA PRO C 418 -35.63 -3.22 13.41
C PRO C 418 -35.70 -4.65 12.90
N VAL C 419 -35.19 -4.93 11.70
CA VAL C 419 -35.30 -6.29 11.19
C VAL C 419 -34.32 -7.23 11.88
N PHE C 420 -33.24 -6.70 12.43
CA PHE C 420 -32.31 -7.54 13.18
C PHE C 420 -33.02 -8.27 14.31
N HIS C 421 -33.92 -7.58 15.01
CA HIS C 421 -34.62 -8.13 16.16
C HIS C 421 -35.86 -8.91 15.78
N GLN C 422 -36.13 -9.11 14.49
CA GLN C 422 -37.32 -9.80 14.01
C GLN C 422 -36.97 -11.24 13.62
N GLU C 423 -37.59 -12.21 14.27
CA GLU C 423 -37.44 -13.57 13.80
C GLU C 423 -38.15 -13.74 12.46
N MET C 424 -37.62 -14.62 11.62
CA MET C 424 -38.16 -14.79 10.28
C MET C 424 -38.18 -16.26 9.89
N VAL C 425 -39.09 -16.61 8.99
CA VAL C 425 -39.21 -17.94 8.42
C VAL C 425 -38.93 -17.85 6.92
N ASN C 426 -37.98 -18.64 6.44
CA ASN C 426 -37.61 -18.70 5.04
C ASN C 426 -38.14 -19.97 4.41
N TYR C 427 -38.80 -19.84 3.25
CA TYR C 427 -39.32 -20.96 2.49
C TYR C 427 -39.60 -20.48 1.06
N PHE C 428 -39.92 -21.43 0.17
CA PHE C 428 -39.99 -21.17 -1.26
C PHE C 428 -41.44 -21.26 -1.73
N LEU C 429 -42.00 -20.15 -2.18
CA LEU C 429 -43.30 -20.17 -2.83
C LEU C 429 -43.14 -20.01 -4.34
N SER C 430 -44.21 -20.33 -5.06
CA SER C 430 -44.29 -20.10 -6.49
C SER C 430 -45.50 -19.22 -6.79
N PRO C 431 -45.43 -18.34 -7.81
CA PRO C 431 -44.32 -18.02 -8.73
C PRO C 431 -43.06 -17.52 -8.04
N ALA C 432 -41.91 -17.58 -8.72
CA ALA C 432 -40.64 -17.34 -8.04
C ALA C 432 -39.57 -16.89 -9.00
N PHE C 433 -38.61 -16.13 -8.48
CA PHE C 433 -37.35 -15.90 -9.18
C PHE C 433 -36.33 -16.91 -8.67
N ARG C 434 -35.71 -17.67 -9.58
CA ARG C 434 -34.75 -18.72 -9.25
C ARG C 434 -33.37 -18.40 -9.82
N TYR C 435 -32.33 -18.94 -9.20
CA TYR C 435 -31.04 -18.89 -9.86
C TYR C 435 -30.96 -19.98 -10.92
N GLN C 436 -30.05 -19.81 -11.86
CA GLN C 436 -29.98 -20.74 -12.97
C GLN C 436 -28.53 -20.88 -13.41
N PRO C 437 -28.15 -22.00 -13.99
CA PRO C 437 -26.76 -22.16 -14.43
C PRO C 437 -26.43 -21.14 -15.51
N ASP C 438 -25.15 -20.80 -15.61
CA ASP C 438 -24.70 -19.90 -16.65
C ASP C 438 -24.87 -20.54 -18.03
N PRO C 439 -25.04 -19.73 -19.08
CA PRO C 439 -25.28 -20.32 -20.41
C PRO C 439 -24.08 -21.06 -20.98
N TRP C 440 -22.88 -20.86 -20.45
CA TRP C 440 -21.73 -21.63 -20.91
C TRP C 440 -21.48 -22.83 -20.00
N PHE D 28 -22.60 -34.46 2.03
CA PHE D 28 -21.75 -33.51 2.76
C PHE D 28 -21.88 -32.08 2.25
N PRO D 29 -22.33 -31.16 3.11
CA PRO D 29 -22.59 -29.78 2.67
C PRO D 29 -21.33 -29.09 2.17
N ARG D 30 -21.41 -28.58 0.95
CA ARG D 30 -20.35 -27.72 0.40
C ARG D 30 -20.52 -26.30 0.95
N VAL D 31 -19.40 -25.71 1.37
CA VAL D 31 -19.39 -24.44 2.10
C VAL D 31 -18.34 -23.53 1.46
N LYS D 32 -18.73 -22.32 1.08
CA LYS D 32 -17.85 -21.42 0.37
C LYS D 32 -17.48 -20.20 1.20
N ASN D 33 -16.23 -19.76 1.07
CA ASN D 33 -15.84 -18.43 1.52
C ASN D 33 -15.83 -17.52 0.30
N TRP D 34 -16.63 -16.46 0.35
CA TRP D 34 -16.80 -15.61 -0.83
C TRP D 34 -15.71 -14.55 -0.95
N GLU D 35 -15.02 -14.24 0.14
CA GLU D 35 -13.91 -13.31 0.05
C GLU D 35 -12.74 -13.93 -0.73
N VAL D 36 -12.49 -15.22 -0.52
CA VAL D 36 -11.33 -15.88 -1.08
C VAL D 36 -11.69 -16.79 -2.25
N GLY D 37 -12.92 -17.33 -2.28
CA GLY D 37 -13.32 -18.29 -3.28
C GLY D 37 -13.14 -19.73 -2.89
N SER D 38 -12.60 -19.99 -1.71
CA SER D 38 -12.28 -21.34 -1.28
C SER D 38 -13.54 -22.09 -0.85
N ILE D 39 -13.48 -23.42 -0.97
CA ILE D 39 -14.62 -24.29 -0.71
C ILE D 39 -14.16 -25.46 0.17
N THR D 40 -14.96 -25.77 1.20
CA THR D 40 -14.75 -26.96 2.01
C THR D 40 -16.06 -27.73 2.12
N TYR D 41 -15.97 -28.93 2.67
CA TYR D 41 -17.13 -29.77 2.94
C TYR D 41 -17.21 -30.04 4.44
N ASP D 42 -18.37 -29.79 5.04
CA ASP D 42 -18.55 -30.00 6.47
C ASP D 42 -18.97 -31.46 6.67
N THR D 43 -17.98 -32.35 6.82
CA THR D 43 -18.26 -33.75 7.09
C THR D 43 -18.66 -33.96 8.55
N LEU D 44 -18.30 -33.03 9.44
CA LEU D 44 -18.61 -33.19 10.86
C LEU D 44 -20.11 -33.15 11.11
N SER D 45 -20.85 -32.40 10.29
CA SER D 45 -22.29 -32.22 10.52
C SER D 45 -23.03 -33.54 10.48
N ALA D 46 -22.48 -34.55 9.78
CA ALA D 46 -23.15 -35.85 9.71
C ALA D 46 -23.30 -36.50 11.08
N GLN D 47 -22.47 -36.12 12.04
CA GLN D 47 -22.51 -36.69 13.38
C GLN D 47 -23.42 -35.95 14.34
N ALA D 48 -24.20 -34.98 13.84
CA ALA D 48 -25.10 -34.22 14.69
C ALA D 48 -26.09 -35.15 15.38
N GLN D 49 -26.15 -35.04 16.71
CA GLN D 49 -26.80 -36.03 17.56
C GLN D 49 -28.13 -35.55 18.17
N GLN D 50 -28.48 -34.27 17.99
CA GLN D 50 -29.79 -33.77 18.35
C GLN D 50 -30.31 -32.93 17.20
N ASP D 51 -31.63 -32.95 17.01
CA ASP D 51 -32.25 -32.33 15.85
C ASP D 51 -32.49 -30.84 16.08
N GLY D 52 -32.30 -30.06 15.02
CA GLY D 52 -32.58 -28.64 15.07
C GLY D 52 -33.99 -28.33 14.62
N PRO D 53 -34.30 -27.04 14.43
CA PRO D 53 -35.67 -26.62 14.13
C PRO D 53 -36.04 -26.59 12.66
N CYS D 54 -35.08 -26.70 11.75
CA CYS D 54 -35.36 -26.55 10.33
C CYS D 54 -35.82 -27.85 9.70
N THR D 55 -36.58 -27.71 8.60
CA THR D 55 -36.97 -28.85 7.78
C THR D 55 -36.77 -28.45 6.32
N PRO D 56 -36.83 -29.41 5.39
CA PRO D 56 -36.78 -29.05 3.97
C PRO D 56 -37.84 -28.03 3.57
N ARG D 57 -38.93 -27.95 4.35
CA ARG D 57 -40.02 -27.05 4.00
C ARG D 57 -39.75 -25.61 4.44
N ARG D 58 -39.07 -25.41 5.57
CA ARG D 58 -38.90 -24.07 6.10
C ARG D 58 -37.68 -24.07 7.01
N CYS D 59 -36.87 -23.01 6.87
CA CYS D 59 -35.70 -22.77 7.71
C CYS D 59 -36.06 -21.84 8.86
N LEU D 60 -35.73 -22.25 10.09
CA LEU D 60 -35.98 -21.47 11.30
C LEU D 60 -34.67 -21.06 11.95
N GLY D 61 -33.61 -20.97 11.16
CA GLY D 61 -32.31 -20.67 11.74
C GLY D 61 -32.28 -19.35 12.48
N SER D 62 -33.21 -18.42 12.19
CA SER D 62 -33.16 -17.11 12.81
C SER D 62 -33.88 -17.05 14.17
N LEU D 63 -34.53 -18.13 14.59
CA LEU D 63 -35.22 -18.10 15.88
C LEU D 63 -34.22 -18.17 17.04
N VAL D 64 -34.48 -17.39 18.09
CA VAL D 64 -33.55 -17.33 19.22
C VAL D 64 -33.64 -18.60 20.05
N PHE D 65 -34.85 -18.99 20.43
CA PHE D 65 -35.08 -20.24 21.16
C PHE D 65 -35.87 -21.18 20.26
N PRO D 66 -35.21 -22.12 19.59
CA PRO D 66 -35.95 -23.06 18.73
C PRO D 66 -36.89 -24.00 19.48
N ARG D 67 -36.83 -24.04 20.80
CA ARG D 67 -37.43 -25.14 21.55
C ARG D 67 -38.39 -24.66 22.64
N ALA D 79 -34.48 -44.79 30.99
CA ALA D 79 -33.59 -44.12 30.07
C ALA D 79 -32.24 -44.81 29.77
N PRO D 80 -31.99 -46.02 30.30
CA PRO D 80 -30.58 -46.45 30.44
C PRO D 80 -29.88 -46.68 29.11
N GLU D 81 -30.59 -47.23 28.11
CA GLU D 81 -29.98 -47.47 26.81
C GLU D 81 -29.54 -46.17 26.15
N GLN D 82 -30.36 -45.13 26.26
CA GLN D 82 -29.99 -43.87 25.64
C GLN D 82 -28.91 -43.15 26.45
N LEU D 83 -28.92 -43.28 27.77
CA LEU D 83 -27.83 -42.73 28.55
C LEU D 83 -26.51 -43.36 28.14
N LEU D 84 -26.52 -44.70 27.99
CA LEU D 84 -25.30 -45.44 27.69
C LEU D 84 -24.74 -45.06 26.31
N SER D 85 -25.61 -44.90 25.31
CA SER D 85 -25.10 -44.58 23.98
C SER D 85 -24.43 -43.22 23.95
N GLN D 86 -24.97 -42.25 24.71
CA GLN D 86 -24.31 -40.95 24.83
C GLN D 86 -23.03 -41.04 25.64
N ALA D 87 -23.04 -41.89 26.67
CA ALA D 87 -21.83 -42.04 27.49
C ALA D 87 -20.72 -42.69 26.70
N ARG D 88 -21.04 -43.77 25.97
CA ARG D 88 -20.03 -44.42 25.12
C ARG D 88 -19.47 -43.45 24.10
N ASP D 89 -20.34 -42.68 23.43
CA ASP D 89 -19.81 -41.74 22.45
C ASP D 89 -18.88 -40.75 23.11
N PHE D 90 -19.25 -40.27 24.30
CA PHE D 90 -18.41 -39.32 25.00
C PHE D 90 -17.06 -39.93 25.36
N ILE D 91 -17.07 -41.14 25.93
CA ILE D 91 -15.81 -41.79 26.28
C ILE D 91 -14.97 -42.00 25.03
N ASN D 92 -15.62 -42.33 23.92
CA ASN D 92 -14.88 -42.46 22.67
C ASN D 92 -14.23 -41.14 22.29
N GLN D 93 -14.94 -40.03 22.47
CA GLN D 93 -14.35 -38.73 22.14
C GLN D 93 -13.14 -38.47 23.02
N TYR D 94 -13.24 -38.81 24.32
CA TYR D 94 -12.15 -38.51 25.23
C TYR D 94 -10.89 -39.29 24.86
N TYR D 95 -11.01 -40.60 24.63
CA TYR D 95 -9.84 -41.39 24.29
C TYR D 95 -9.29 -41.04 22.91
N SER D 96 -10.10 -40.49 22.01
CA SER D 96 -9.53 -39.97 20.78
C SER D 96 -8.66 -38.74 21.06
N SER D 97 -9.15 -37.83 21.90
CA SER D 97 -8.45 -36.58 22.15
C SER D 97 -7.05 -36.82 22.68
N ILE D 98 -6.81 -37.90 23.42
CA ILE D 98 -5.48 -38.19 23.93
C ILE D 98 -4.78 -39.26 23.10
N LYS D 99 -5.30 -39.58 21.91
CA LYS D 99 -4.67 -40.52 20.99
C LYS D 99 -4.48 -41.89 21.64
N ARG D 100 -5.51 -42.36 22.34
CA ARG D 100 -5.44 -43.68 22.97
C ARG D 100 -6.71 -44.47 22.72
N SER D 101 -7.35 -44.26 21.56
CA SER D 101 -8.51 -45.05 21.17
C SER D 101 -8.12 -46.52 21.04
N GLY D 102 -9.05 -47.41 21.43
CA GLY D 102 -8.84 -48.84 21.32
C GLY D 102 -7.83 -49.40 22.29
N SER D 103 -7.23 -48.57 23.14
CA SER D 103 -6.32 -49.03 24.17
C SER D 103 -7.08 -49.81 25.23
N GLN D 104 -6.34 -50.54 26.07
CA GLN D 104 -6.98 -51.25 27.17
C GLN D 104 -7.68 -50.30 28.11
N ALA D 105 -7.08 -49.14 28.39
CA ALA D 105 -7.70 -48.19 29.28
C ALA D 105 -9.03 -47.72 28.72
N HIS D 106 -9.11 -47.60 27.39
CA HIS D 106 -10.35 -47.17 26.74
C HIS D 106 -11.45 -48.20 26.93
N GLU D 107 -11.17 -49.46 26.59
CA GLU D 107 -12.10 -50.58 26.82
C GLU D 107 -12.55 -50.66 28.27
N GLN D 108 -11.59 -50.63 29.21
CA GLN D 108 -11.96 -50.78 30.61
C GLN D 108 -12.82 -49.62 31.10
N ARG D 109 -12.57 -48.40 30.63
CA ARG D 109 -13.41 -47.29 31.05
C ARG D 109 -14.83 -47.43 30.48
N LEU D 110 -14.96 -47.90 29.25
CA LEU D 110 -16.30 -48.17 28.71
C LEU D 110 -17.04 -49.20 29.56
N GLN D 111 -16.35 -50.32 29.89
CA GLN D 111 -16.97 -51.34 30.71
C GLN D 111 -17.31 -50.81 32.09
N GLU D 112 -16.48 -49.92 32.63
CA GLU D 112 -16.74 -49.36 33.94
C GLU D 112 -17.99 -48.48 33.92
N VAL D 113 -18.12 -47.63 32.89
CA VAL D 113 -19.33 -46.80 32.76
C VAL D 113 -20.56 -47.68 32.60
N GLU D 114 -20.46 -48.71 31.77
CA GLU D 114 -21.61 -49.56 31.50
C GLU D 114 -22.07 -50.25 32.78
N ALA D 115 -21.13 -50.63 33.64
CA ALA D 115 -21.48 -51.32 34.88
C ALA D 115 -22.08 -50.37 35.89
N GLU D 116 -21.65 -49.12 35.90
CA GLU D 116 -22.22 -48.18 36.85
C GLU D 116 -23.63 -47.78 36.43
N VAL D 117 -23.88 -47.65 35.13
CA VAL D 117 -25.24 -47.34 34.68
C VAL D 117 -26.17 -48.52 35.00
N ALA D 118 -25.69 -49.75 34.84
CA ALA D 118 -26.54 -50.91 35.11
C ALA D 118 -26.93 -50.99 36.58
N ALA D 119 -26.03 -50.59 37.48
CA ALA D 119 -26.23 -50.72 38.91
C ALA D 119 -26.98 -49.55 39.54
N THR D 120 -26.76 -48.33 39.03
CA THR D 120 -27.31 -47.13 39.63
C THR D 120 -28.21 -46.33 38.69
N GLY D 121 -28.27 -46.69 37.41
CA GLY D 121 -28.96 -45.87 36.44
C GLY D 121 -28.22 -44.61 36.01
N THR D 122 -27.04 -44.33 36.56
CA THR D 122 -26.24 -43.16 36.16
C THR D 122 -24.76 -43.48 36.35
N TYR D 123 -23.90 -42.48 36.13
CA TYR D 123 -22.48 -42.69 36.37
C TYR D 123 -21.82 -41.37 36.74
N GLN D 124 -20.53 -41.42 37.07
CA GLN D 124 -19.75 -40.25 37.44
C GLN D 124 -18.59 -40.07 36.48
N LEU D 125 -18.37 -38.83 36.03
CA LEU D 125 -17.20 -38.53 35.22
C LEU D 125 -15.93 -38.62 36.05
N ARG D 126 -14.86 -39.11 35.43
CA ARG D 126 -13.55 -38.87 36.00
C ARG D 126 -13.24 -37.37 35.92
N GLU D 127 -12.35 -36.91 36.79
CA GLU D 127 -11.98 -35.50 36.73
C GLU D 127 -11.46 -35.12 35.34
N SER D 128 -10.61 -35.95 34.75
CA SER D 128 -10.05 -35.63 33.44
CA SER D 128 -10.06 -35.64 33.43
C SER D 128 -11.15 -35.52 32.39
N GLU D 129 -12.18 -36.37 32.47
CA GLU D 129 -13.30 -36.34 31.55
C GLU D 129 -14.14 -35.07 31.73
N LEU D 130 -14.27 -34.59 32.97
CA LEU D 130 -15.01 -33.35 33.19
C LEU D 130 -14.30 -32.16 32.52
N VAL D 131 -12.98 -32.08 32.67
CA VAL D 131 -12.25 -30.97 32.06
C VAL D 131 -12.39 -31.01 30.54
N PHE D 132 -12.15 -32.18 29.94
CA PHE D 132 -12.32 -32.36 28.51
C PHE D 132 -13.75 -32.03 28.06
N GLY D 133 -14.76 -32.51 28.81
CA GLY D 133 -16.14 -32.30 28.40
C GLY D 133 -16.54 -30.83 28.40
N ALA D 134 -16.07 -30.08 29.40
CA ALA D 134 -16.39 -28.64 29.45
C ALA D 134 -15.75 -27.90 28.28
N LYS D 135 -14.48 -28.20 27.98
CA LYS D 135 -13.83 -27.63 26.81
C LYS D 135 -14.52 -28.02 25.52
N GLN D 136 -15.01 -29.27 25.44
CA GLN D 136 -15.72 -29.69 24.22
C GLN D 136 -17.04 -28.96 24.06
N ALA D 137 -17.75 -28.71 25.17
CA ALA D 137 -19.03 -28.00 25.07
C ALA D 137 -18.82 -26.58 24.54
N TRP D 138 -17.76 -25.92 25.00
CA TRP D 138 -17.43 -24.59 24.45
C TRP D 138 -17.06 -24.70 22.98
N ARG D 139 -16.21 -25.67 22.65
CA ARG D 139 -15.83 -25.89 21.26
C ARG D 139 -17.02 -26.11 20.36
N ASN D 140 -18.06 -26.77 20.89
CA ASN D 140 -19.24 -27.13 20.13
C ASN D 140 -20.28 -26.01 20.06
N ALA D 141 -20.06 -24.88 20.75
CA ALA D 141 -21.14 -23.89 20.87
C ALA D 141 -21.25 -23.04 19.60
N PRO D 142 -22.31 -23.22 18.82
CA PRO D 142 -22.35 -22.62 17.47
C PRO D 142 -22.49 -21.11 17.48
N ARG D 143 -23.02 -20.53 18.56
CA ARG D 143 -23.21 -19.08 18.64
C ARG D 143 -22.04 -18.32 19.26
N CYS D 144 -20.92 -18.98 19.60
CA CYS D 144 -19.79 -18.30 20.24
C CYS D 144 -18.70 -17.98 19.22
N VAL D 145 -18.41 -16.68 19.03
CA VAL D 145 -17.31 -16.29 18.14
C VAL D 145 -15.95 -16.40 18.81
N GLY D 146 -15.88 -16.60 20.12
CA GLY D 146 -14.58 -16.62 20.80
C GLY D 146 -13.94 -18.00 20.96
N ARG D 147 -14.29 -18.97 20.12
CA ARG D 147 -13.87 -20.36 20.33
C ARG D 147 -12.43 -20.65 19.94
N ILE D 148 -11.69 -19.71 19.35
CA ILE D 148 -10.25 -19.93 19.17
C ILE D 148 -9.62 -20.28 20.51
N GLN D 149 -10.25 -19.83 21.60
CA GLN D 149 -9.68 -19.99 22.93
C GLN D 149 -10.08 -21.31 23.61
N TRP D 150 -10.84 -22.18 22.91
CA TRP D 150 -11.57 -23.26 23.59
C TRP D 150 -10.65 -24.16 24.39
N GLY D 151 -9.39 -24.28 23.99
CA GLY D 151 -8.46 -25.14 24.72
C GLY D 151 -7.96 -24.56 26.03
N LYS D 152 -8.07 -23.24 26.20
CA LYS D 152 -7.62 -22.55 27.42
C LYS D 152 -8.87 -22.25 28.25
N LEU D 153 -9.20 -23.16 29.16
CA LEU D 153 -10.38 -23.02 29.99
C LEU D 153 -10.00 -23.57 31.36
N GLN D 154 -10.12 -22.73 32.40
CA GLN D 154 -9.89 -23.19 33.76
C GLN D 154 -11.17 -23.84 34.27
N VAL D 155 -11.09 -25.11 34.66
CA VAL D 155 -12.26 -25.89 35.04
C VAL D 155 -12.20 -26.13 36.53
N PHE D 156 -13.12 -25.51 37.27
CA PHE D 156 -13.24 -25.71 38.70
C PHE D 156 -14.25 -26.82 38.97
N ASP D 157 -13.83 -27.85 39.69
CA ASP D 157 -14.70 -28.99 39.99
C ASP D 157 -15.40 -28.70 41.32
N ALA D 158 -16.68 -28.35 41.26
CA ALA D 158 -17.48 -28.14 42.44
C ALA D 158 -18.53 -29.23 42.62
N ARG D 159 -18.24 -30.46 42.17
CA ARG D 159 -19.25 -31.50 42.22
C ARG D 159 -19.52 -32.00 43.64
N ASP D 160 -18.68 -31.62 44.60
CA ASP D 160 -18.91 -32.00 45.98
C ASP D 160 -19.64 -30.91 46.75
N CYS D 161 -20.17 -29.90 46.06
CA CYS D 161 -20.87 -28.81 46.71
C CYS D 161 -22.12 -29.34 47.40
N ARG D 162 -22.41 -28.80 48.58
CA ARG D 162 -23.51 -29.33 49.36
C ARG D 162 -24.52 -28.30 49.85
N SER D 163 -24.33 -27.02 49.57
CA SER D 163 -25.29 -26.03 50.08
C SER D 163 -25.16 -24.77 49.26
N ALA D 164 -26.15 -23.88 49.43
CA ALA D 164 -26.10 -22.61 48.70
C ALA D 164 -24.97 -21.73 49.20
N GLN D 165 -24.66 -21.80 50.50
CA GLN D 165 -23.51 -21.08 51.02
C GLN D 165 -22.23 -21.53 50.34
N GLU D 166 -22.03 -22.84 50.22
CA GLU D 166 -20.84 -23.33 49.54
C GLU D 166 -20.85 -22.94 48.07
N MET D 167 -22.05 -22.92 47.46
CA MET D 167 -22.19 -22.43 46.09
C MET D 167 -21.60 -21.05 45.95
N PHE D 168 -21.96 -20.15 46.88
CA PHE D 168 -21.52 -18.77 46.82
C PHE D 168 -20.01 -18.67 46.91
N THR D 169 -19.40 -19.49 47.77
CA THR D 169 -17.94 -19.49 47.90
C THR D 169 -17.28 -19.92 46.61
N TYR D 170 -17.80 -20.98 45.98
CA TYR D 170 -17.28 -21.39 44.67
C TYR D 170 -17.43 -20.27 43.65
N ILE D 171 -18.55 -19.56 43.66
CA ILE D 171 -18.76 -18.52 42.66
C ILE D 171 -17.81 -17.35 42.90
N CYS D 172 -17.64 -16.95 44.16
CA CYS D 172 -16.72 -15.87 44.46
C CYS D 172 -15.29 -16.21 44.03
N ASN D 173 -14.83 -17.43 44.33
CA ASN D 173 -13.53 -17.89 43.85
C ASN D 173 -13.45 -17.84 42.32
N HIS D 174 -14.53 -18.21 41.62
CA HIS D 174 -14.56 -18.11 40.17
C HIS D 174 -14.36 -16.66 39.73
N ILE D 175 -15.18 -15.75 40.26
CA ILE D 175 -15.10 -14.35 39.85
C ILE D 175 -13.70 -13.81 40.09
N LYS D 176 -13.13 -14.12 41.25
CA LYS D 176 -11.79 -13.67 41.55
C LYS D 176 -10.79 -14.21 40.54
N TYR D 177 -10.78 -15.53 40.33
CA TYR D 177 -9.85 -16.12 39.38
C TYR D 177 -10.02 -15.51 37.98
N ALA D 178 -11.26 -15.46 37.51
CA ALA D 178 -11.52 -15.06 36.13
C ALA D 178 -11.23 -13.58 35.92
N THR D 179 -11.56 -12.74 36.90
CA THR D 179 -11.34 -11.31 36.76
C THR D 179 -9.85 -11.00 36.79
N ASN D 180 -9.16 -11.49 37.83
CA ASN D 180 -7.70 -11.38 37.86
C ASN D 180 -7.29 -9.91 37.69
N ARG D 181 -8.05 -9.02 38.32
CA ARG D 181 -7.79 -7.57 38.34
C ARG D 181 -7.67 -6.99 36.93
N GLY D 182 -8.48 -7.50 36.01
CA GLY D 182 -8.57 -7.00 34.65
C GLY D 182 -7.89 -7.85 33.59
N ASN D 183 -6.97 -8.73 33.97
CA ASN D 183 -6.34 -9.63 33.01
C ASN D 183 -7.15 -10.93 32.97
N LEU D 184 -8.25 -10.88 32.22
CA LEU D 184 -9.31 -11.87 32.34
C LEU D 184 -8.87 -13.25 31.85
N ARG D 185 -9.38 -14.27 32.53
CA ARG D 185 -9.05 -15.67 32.23
C ARG D 185 -10.34 -16.47 32.12
N SER D 186 -10.45 -17.29 31.09
CA SER D 186 -11.67 -18.05 30.87
C SER D 186 -11.79 -19.14 31.92
N ALA D 187 -13.01 -19.35 32.43
CA ALA D 187 -13.19 -20.32 33.50
C ALA D 187 -14.63 -20.83 33.50
N ILE D 188 -14.82 -22.02 34.05
CA ILE D 188 -16.15 -22.57 34.29
C ILE D 188 -16.09 -23.32 35.64
N THR D 189 -17.14 -23.20 36.43
CA THR D 189 -17.28 -23.95 37.67
C THR D 189 -18.45 -24.88 37.51
N VAL D 190 -18.24 -26.16 37.77
CA VAL D 190 -19.25 -27.18 37.51
C VAL D 190 -19.80 -27.66 38.85
N PHE D 191 -21.08 -27.40 39.10
CA PHE D 191 -21.73 -27.86 40.32
C PHE D 191 -22.29 -29.27 40.10
N PRO D 192 -22.83 -29.91 41.15
CA PRO D 192 -23.23 -31.33 41.03
C PRO D 192 -24.23 -31.57 39.91
N GLN D 193 -24.11 -32.74 39.27
CA GLN D 193 -25.00 -33.11 38.20
C GLN D 193 -26.41 -33.40 38.74
N ARG D 194 -27.39 -33.28 37.84
CA ARG D 194 -28.75 -33.72 38.12
C ARG D 194 -28.77 -35.19 38.46
N CYS D 195 -29.56 -35.54 39.47
CA CYS D 195 -29.72 -36.96 39.78
C CYS D 195 -31.11 -37.20 40.34
N PRO D 196 -31.67 -38.38 40.13
CA PRO D 196 -33.07 -38.59 40.52
C PRO D 196 -33.23 -38.61 42.03
N GLY D 197 -34.35 -38.09 42.49
CA GLY D 197 -34.64 -38.06 43.91
C GLY D 197 -34.05 -36.90 44.66
N ARG D 198 -33.50 -35.92 43.95
CA ARG D 198 -32.95 -34.71 44.55
C ARG D 198 -33.17 -33.60 43.54
N GLY D 199 -33.44 -32.39 44.04
CA GLY D 199 -33.60 -31.26 43.17
C GLY D 199 -32.26 -30.78 42.60
N ASP D 200 -32.35 -29.87 41.66
CA ASP D 200 -31.17 -29.32 40.99
C ASP D 200 -30.54 -28.18 41.79
N PHE D 201 -29.21 -28.06 41.68
CA PHE D 201 -28.59 -26.77 41.88
C PHE D 201 -28.95 -25.86 40.72
N ARG D 202 -29.35 -24.62 41.03
CA ARG D 202 -29.59 -23.61 40.01
C ARG D 202 -29.06 -22.26 40.48
N ILE D 203 -28.55 -21.50 39.51
CA ILE D 203 -28.28 -20.07 39.67
C ILE D 203 -29.41 -19.35 38.95
N TRP D 204 -30.22 -18.58 39.69
CA TRP D 204 -31.38 -17.95 39.09
C TRP D 204 -30.97 -16.81 38.15
N ASN D 205 -29.89 -16.08 38.47
CA ASN D 205 -29.42 -15.00 37.61
C ASN D 205 -28.93 -15.54 36.27
N SER D 206 -29.17 -14.77 35.20
CA SER D 206 -28.69 -15.19 33.88
C SER D 206 -27.19 -15.00 33.71
N GLN D 207 -26.60 -14.04 34.43
CA GLN D 207 -25.16 -13.88 34.53
C GLN D 207 -24.78 -13.60 35.98
N LEU D 208 -23.51 -13.87 36.31
CA LEU D 208 -23.06 -13.63 37.68
C LEU D 208 -23.06 -12.13 38.01
N VAL D 209 -22.81 -11.28 37.03
CA VAL D 209 -22.86 -9.84 37.23
C VAL D 209 -23.91 -9.26 36.29
N ARG D 210 -24.92 -8.60 36.86
CA ARG D 210 -25.98 -7.95 36.10
C ARG D 210 -26.40 -6.69 36.83
N TYR D 211 -26.84 -5.70 36.05
CA TYR D 211 -27.31 -4.45 36.62
C TYR D 211 -28.81 -4.53 36.85
N ALA D 212 -29.26 -3.94 37.95
CA ALA D 212 -30.68 -3.98 38.27
C ALA D 212 -31.49 -3.22 37.23
N GLY D 213 -32.73 -3.64 37.05
CA GLY D 213 -33.66 -2.90 36.22
C GLY D 213 -34.94 -2.69 37.00
N TYR D 214 -35.19 -1.45 37.41
CA TYR D 214 -36.33 -1.11 38.25
C TYR D 214 -37.49 -0.61 37.41
N ARG D 215 -38.67 -1.19 37.61
CA ARG D 215 -39.86 -0.64 36.97
C ARG D 215 -40.03 0.82 37.34
N GLN D 216 -40.73 1.58 36.52
CA GLN D 216 -40.92 2.98 36.80
C GLN D 216 -42.38 3.25 37.16
N GLN D 217 -42.58 4.39 37.84
CA GLN D 217 -43.92 4.94 37.98
C GLN D 217 -44.63 4.96 36.64
N ASP D 218 -43.98 5.54 35.63
CA ASP D 218 -44.50 5.76 34.28
C ASP D 218 -44.68 4.48 33.47
N GLY D 219 -44.29 3.32 33.98
CA GLY D 219 -44.28 2.11 33.18
C GLY D 219 -42.99 1.89 32.41
N SER D 220 -41.98 2.73 32.59
CA SER D 220 -40.68 2.57 31.95
C SER D 220 -39.73 1.81 32.87
N VAL D 221 -38.42 2.00 32.70
CA VAL D 221 -37.42 1.26 33.48
C VAL D 221 -36.22 2.16 33.74
N ARG D 222 -35.69 2.09 34.96
CA ARG D 222 -34.39 2.66 35.28
C ARG D 222 -33.40 1.51 35.50
N GLY D 223 -32.25 1.59 34.82
CA GLY D 223 -31.31 0.49 34.80
C GLY D 223 -31.46 -0.34 33.54
N ASP D 224 -31.16 -1.64 33.63
CA ASP D 224 -31.16 -2.52 32.48
C ASP D 224 -32.54 -3.17 32.36
N PRO D 225 -33.30 -2.87 31.30
CA PRO D 225 -34.62 -3.50 31.15
C PRO D 225 -34.54 -5.01 30.94
N ALA D 226 -33.39 -5.53 30.52
CA ALA D 226 -33.26 -6.97 30.38
C ALA D 226 -33.41 -7.70 31.71
N ASN D 227 -33.23 -7.00 32.83
CA ASN D 227 -33.15 -7.64 34.13
C ASN D 227 -34.31 -7.27 35.05
N VAL D 228 -35.44 -6.86 34.48
CA VAL D 228 -36.57 -6.45 35.31
C VAL D 228 -37.14 -7.63 36.10
N GLU D 229 -37.25 -8.79 35.46
CA GLU D 229 -37.82 -9.95 36.13
C GLU D 229 -36.92 -10.42 37.28
N ILE D 230 -35.63 -10.58 37.01
CA ILE D 230 -34.74 -11.08 38.06
C ILE D 230 -34.60 -10.04 39.16
N THR D 231 -34.69 -8.75 38.82
CA THR D 231 -34.68 -7.70 39.83
C THR D 231 -35.87 -7.82 40.77
N GLU D 232 -37.07 -8.02 40.21
CA GLU D 232 -38.27 -8.18 41.03
C GLU D 232 -38.19 -9.42 41.92
N LEU D 233 -37.54 -10.49 41.43
CA LEU D 233 -37.37 -11.68 42.26
C LEU D 233 -36.38 -11.43 43.39
N CYS D 234 -35.38 -10.57 43.18
CA CYS D 234 -34.47 -10.23 44.27
C CYS D 234 -35.17 -9.43 45.35
N ILE D 235 -35.96 -8.42 44.96
CA ILE D 235 -36.68 -7.62 45.94
C ILE D 235 -37.56 -8.52 46.80
N GLN D 236 -38.34 -9.36 46.12
CA GLN D 236 -39.30 -10.23 46.77
C GLN D 236 -38.63 -11.26 47.67
N HIS D 237 -37.35 -11.55 47.44
CA HIS D 237 -36.59 -12.48 48.29
C HIS D 237 -35.72 -11.74 49.31
N GLY D 238 -36.01 -10.47 49.59
CA GLY D 238 -35.42 -9.76 50.71
C GLY D 238 -34.37 -8.72 50.39
N TRP D 239 -33.99 -8.53 49.13
CA TRP D 239 -32.94 -7.57 48.81
C TRP D 239 -33.46 -6.13 48.93
N THR D 240 -32.67 -5.29 49.56
CA THR D 240 -32.99 -3.86 49.60
C THR D 240 -32.55 -3.21 48.31
N PRO D 241 -33.47 -2.70 47.50
CA PRO D 241 -33.09 -2.21 46.16
C PRO D 241 -32.34 -0.88 46.25
N GLY D 242 -31.66 -0.56 45.15
CA GLY D 242 -31.12 0.75 44.93
C GLY D 242 -32.02 1.57 44.02
N ASN D 243 -31.49 2.72 43.57
CA ASN D 243 -32.20 3.51 42.57
C ASN D 243 -31.26 4.09 41.53
N GLY D 244 -30.13 3.42 41.30
CA GLY D 244 -29.20 3.82 40.26
C GLY D 244 -29.41 3.05 38.96
N ARG D 245 -28.64 3.46 37.95
CA ARG D 245 -28.71 2.83 36.64
C ARG D 245 -27.76 1.64 36.50
N PHE D 246 -26.77 1.52 37.37
CA PHE D 246 -25.77 0.47 37.29
C PHE D 246 -25.56 -0.15 38.68
N ASP D 247 -26.64 -0.66 39.26
CA ASP D 247 -26.60 -1.32 40.57
C ASP D 247 -26.41 -2.82 40.35
N VAL D 248 -25.30 -3.37 40.86
CA VAL D 248 -25.07 -4.80 40.72
C VAL D 248 -26.13 -5.56 41.51
N LEU D 249 -26.75 -6.55 40.86
CA LEU D 249 -27.75 -7.37 41.50
C LEU D 249 -27.10 -8.39 42.44
N PRO D 250 -27.81 -8.78 43.50
CA PRO D 250 -27.37 -9.91 44.31
C PRO D 250 -27.61 -11.21 43.55
N LEU D 251 -27.01 -12.29 44.04
CA LEU D 251 -27.24 -13.61 43.46
C LEU D 251 -28.36 -14.34 44.21
N LEU D 252 -29.23 -15.01 43.47
CA LEU D 252 -30.20 -15.95 44.01
C LEU D 252 -29.69 -17.33 43.69
N LEU D 253 -29.28 -18.06 44.73
CA LEU D 253 -28.69 -19.39 44.60
C LEU D 253 -29.65 -20.42 45.18
N GLN D 254 -29.85 -21.50 44.43
CA GLN D 254 -30.79 -22.55 44.77
C GLN D 254 -30.02 -23.85 45.00
N ALA D 255 -30.04 -24.34 46.22
CA ALA D 255 -29.55 -25.67 46.50
C ALA D 255 -30.70 -26.67 46.32
N PRO D 256 -30.40 -27.95 46.14
CA PRO D 256 -31.47 -28.91 45.86
C PRO D 256 -32.57 -28.87 46.91
N ASP D 257 -33.81 -28.73 46.43
CA ASP D 257 -35.03 -28.84 47.22
C ASP D 257 -35.14 -27.73 48.26
N GLU D 258 -34.65 -26.55 47.91
CA GLU D 258 -34.63 -25.39 48.78
C GLU D 258 -35.10 -24.20 47.98
N PRO D 259 -35.79 -23.25 48.59
CA PRO D 259 -36.03 -21.98 47.92
C PRO D 259 -34.72 -21.25 47.70
N PRO D 260 -34.66 -20.37 46.72
CA PRO D 260 -33.40 -19.65 46.46
C PRO D 260 -32.98 -18.80 47.65
N GLU D 261 -31.67 -18.69 47.84
CA GLU D 261 -31.09 -17.88 48.89
C GLU D 261 -30.35 -16.71 48.28
N LEU D 262 -30.45 -15.55 48.94
CA LEU D 262 -29.88 -14.31 48.44
C LEU D 262 -28.48 -14.08 49.01
N PHE D 263 -27.53 -13.71 48.14
CA PHE D 263 -26.15 -13.40 48.52
C PHE D 263 -25.69 -12.15 47.80
N LEU D 264 -25.09 -11.23 48.56
CA LEU D 264 -24.54 -9.99 48.00
C LEU D 264 -23.10 -10.21 47.58
N LEU D 265 -22.80 -9.87 46.33
CA LEU D 265 -21.41 -9.96 45.88
C LEU D 265 -20.61 -8.85 46.55
N PRO D 266 -19.40 -9.14 47.02
CA PRO D 266 -18.55 -8.08 47.60
C PRO D 266 -18.17 -7.06 46.55
N PRO D 267 -18.47 -5.77 46.77
CA PRO D 267 -18.18 -4.74 45.75
C PRO D 267 -16.80 -4.85 45.14
N GLU D 268 -15.78 -5.15 45.94
CA GLU D 268 -14.40 -5.24 45.45
C GLU D 268 -14.16 -6.45 44.57
N LEU D 269 -15.09 -7.40 44.54
CA LEU D 269 -14.97 -8.56 43.68
C LEU D 269 -15.48 -8.28 42.27
N VAL D 270 -16.29 -7.24 42.09
CA VAL D 270 -17.01 -6.96 40.85
C VAL D 270 -16.31 -5.79 40.17
N LEU D 271 -15.45 -6.07 39.19
CA LEU D 271 -14.67 -5.02 38.55
C LEU D 271 -15.50 -4.34 37.47
N GLU D 272 -15.52 -3.00 37.48
CA GLU D 272 -16.31 -2.22 36.54
C GLU D 272 -15.43 -1.20 35.84
N VAL D 273 -15.85 -0.79 34.64
CA VAL D 273 -15.11 0.15 33.83
C VAL D 273 -15.97 1.39 33.61
N PRO D 274 -15.57 2.57 34.11
CA PRO D 274 -16.27 3.78 33.73
C PRO D 274 -16.00 4.11 32.27
N LEU D 275 -17.04 4.55 31.57
CA LEU D 275 -16.94 4.77 30.14
C LEU D 275 -16.61 6.23 29.85
N GLU D 276 -15.55 6.43 29.08
CA GLU D 276 -15.22 7.73 28.55
C GLU D 276 -14.81 7.57 27.09
N HIS D 277 -14.79 8.69 26.35
CA HIS D 277 -14.43 8.63 24.95
C HIS D 277 -13.09 9.33 24.72
N PRO D 278 -12.21 8.80 23.87
CA PRO D 278 -10.88 9.40 23.73
C PRO D 278 -10.89 10.84 23.26
N THR D 279 -11.84 11.26 22.42
CA THR D 279 -11.85 12.65 22.03
C THR D 279 -13.12 13.42 22.36
N LEU D 280 -14.21 12.77 22.75
CA LEU D 280 -15.43 13.50 23.11
C LEU D 280 -15.52 13.57 24.63
N GLU D 281 -15.09 14.70 25.21
CA GLU D 281 -14.91 14.77 26.66
C GLU D 281 -16.23 14.85 27.41
N TRP D 282 -17.30 15.30 26.76
CA TRP D 282 -18.60 15.27 27.42
C TRP D 282 -19.11 13.84 27.63
N PHE D 283 -18.57 12.86 26.89
CA PHE D 283 -19.07 11.49 27.02
C PHE D 283 -19.00 11.01 28.47
N ALA D 284 -17.90 11.34 29.16
CA ALA D 284 -17.73 10.86 30.52
C ALA D 284 -18.83 11.34 31.44
N ALA D 285 -19.44 12.50 31.13
CA ALA D 285 -20.52 13.04 31.95
C ALA D 285 -21.84 12.29 31.76
N LEU D 286 -21.94 11.39 30.78
CA LEU D 286 -23.12 10.52 30.65
C LEU D 286 -23.26 9.58 31.84
N GLY D 287 -22.19 9.36 32.60
CA GLY D 287 -22.24 8.49 33.77
C GLY D 287 -22.36 7.03 33.44
N LEU D 288 -21.79 6.60 32.33
CA LEU D 288 -21.95 5.22 31.89
C LEU D 288 -20.82 4.36 32.44
N ARG D 289 -21.12 3.07 32.58
CA ARG D 289 -20.12 2.11 33.01
C ARG D 289 -20.59 0.74 32.56
N TRP D 290 -19.67 -0.21 32.52
CA TRP D 290 -20.04 -1.60 32.33
C TRP D 290 -19.10 -2.45 33.17
N TYR D 291 -19.49 -3.73 33.36
CA TYR D 291 -18.69 -4.61 34.20
C TYR D 291 -17.69 -5.39 33.38
N ALA D 292 -16.63 -5.86 34.05
CA ALA D 292 -15.51 -6.48 33.34
C ALA D 292 -15.88 -7.85 32.82
N LEU D 293 -16.67 -8.61 33.58
CA LEU D 293 -16.69 -10.06 33.45
C LEU D 293 -18.02 -10.57 32.88
N PRO D 294 -18.05 -11.14 31.64
CA PRO D 294 -19.28 -11.77 31.15
C PRO D 294 -19.32 -13.22 31.60
N ALA D 295 -20.26 -13.56 32.47
CA ALA D 295 -20.25 -14.86 33.15
C ALA D 295 -21.66 -15.42 33.07
N VAL D 296 -21.94 -16.19 32.02
CA VAL D 296 -23.28 -16.74 31.82
C VAL D 296 -23.55 -17.83 32.86
N SER D 297 -24.69 -17.74 33.55
CA SER D 297 -24.94 -18.66 34.66
C SER D 297 -26.24 -19.45 34.60
N ASN D 298 -27.03 -19.31 33.53
CA ASN D 298 -28.34 -19.97 33.49
C ASN D 298 -28.43 -21.08 32.45
N MET D 299 -27.32 -21.49 31.85
CA MET D 299 -27.37 -22.56 30.87
C MET D 299 -27.01 -23.91 31.51
N LEU D 300 -27.42 -24.98 30.84
CA LEU D 300 -27.15 -26.34 31.29
C LEU D 300 -25.99 -26.92 30.50
N LEU D 301 -25.05 -27.51 31.20
CA LEU D 301 -23.91 -28.19 30.59
C LEU D 301 -24.23 -29.68 30.51
N GLU D 302 -24.15 -30.25 29.31
CA GLU D 302 -24.46 -31.66 29.09
C GLU D 302 -23.21 -32.37 28.61
N ILE D 303 -22.82 -33.44 29.31
CA ILE D 303 -21.60 -34.20 28.99
C ILE D 303 -21.93 -35.69 29.11
N GLY D 304 -21.78 -36.42 28.00
CA GLY D 304 -21.98 -37.86 28.07
C GLY D 304 -23.35 -38.28 28.58
N GLY D 305 -24.38 -37.50 28.30
CA GLY D 305 -25.71 -37.77 28.82
C GLY D 305 -25.94 -37.31 30.23
N LEU D 306 -24.90 -36.89 30.95
CA LEU D 306 -25.10 -36.33 32.27
C LEU D 306 -25.41 -34.86 32.10
N GLU D 307 -26.18 -34.31 33.04
CA GLU D 307 -26.67 -32.93 32.95
C GLU D 307 -26.25 -32.17 34.18
N PHE D 308 -25.63 -31.01 33.97
CA PHE D 308 -25.21 -30.13 35.05
C PHE D 308 -25.99 -28.83 34.91
N PRO D 309 -27.09 -28.65 35.65
CA PRO D 309 -27.93 -27.46 35.46
C PRO D 309 -27.34 -26.20 36.02
N ALA D 310 -26.29 -26.27 36.86
CA ALA D 310 -25.56 -25.09 37.31
C ALA D 310 -24.09 -25.31 36.95
N ALA D 311 -23.59 -24.56 35.96
CA ALA D 311 -22.19 -24.59 35.58
C ALA D 311 -21.81 -23.27 34.94
N PRO D 312 -21.75 -22.19 35.73
CA PRO D 312 -21.49 -20.86 35.14
C PRO D 312 -20.12 -20.80 34.46
N PHE D 313 -20.06 -20.07 33.33
CA PHE D 313 -18.81 -19.95 32.58
C PHE D 313 -18.57 -18.50 32.18
N SER D 314 -17.32 -18.16 31.95
CA SER D 314 -16.98 -16.76 31.69
C SER D 314 -15.75 -16.70 30.79
N GLY D 315 -15.70 -15.64 29.98
CA GLY D 315 -14.54 -15.31 29.17
C GLY D 315 -14.22 -13.83 29.30
N TRP D 316 -14.10 -13.12 28.18
CA TRP D 316 -14.02 -11.67 28.20
C TRP D 316 -14.90 -11.12 27.09
N TYR D 317 -15.18 -9.83 27.16
CA TYR D 317 -16.17 -9.25 26.27
C TYR D 317 -15.65 -9.03 24.86
N MET D 318 -16.55 -9.15 23.89
CA MET D 318 -16.38 -8.50 22.60
C MET D 318 -17.08 -7.13 22.64
N SER D 319 -16.41 -6.09 22.15
CA SER D 319 -16.85 -4.73 22.47
C SER D 319 -18.24 -4.43 21.94
N THR D 320 -18.62 -5.01 20.79
CA THR D 320 -19.96 -4.77 20.27
C THR D 320 -21.04 -5.27 21.21
N GLU D 321 -20.75 -6.25 22.06
CA GLU D 321 -21.77 -6.68 23.01
C GLU D 321 -22.19 -5.55 23.93
N ILE D 322 -21.22 -4.78 24.41
CA ILE D 322 -21.51 -3.67 25.31
C ILE D 322 -21.94 -2.45 24.49
N GLY D 323 -21.15 -2.09 23.50
CA GLY D 323 -21.33 -0.81 22.84
C GLY D 323 -22.55 -0.79 21.93
N THR D 324 -22.84 -1.90 21.28
CA THR D 324 -23.95 -1.91 20.34
C THR D 324 -25.21 -2.50 20.98
N ARG D 325 -25.14 -3.74 21.49
CA ARG D 325 -26.35 -4.36 22.00
C ARG D 325 -26.75 -3.79 23.36
N ASN D 326 -25.87 -3.86 24.36
CA ASN D 326 -26.32 -3.49 25.71
C ASN D 326 -26.60 -1.99 25.84
N LEU D 327 -25.87 -1.15 25.12
CA LEU D 327 -26.09 0.28 25.27
C LEU D 327 -27.02 0.88 24.21
N CYS D 328 -27.10 0.29 23.01
CA CYS D 328 -27.88 0.91 21.93
C CYS D 328 -29.16 0.16 21.54
N ASP D 329 -29.37 -1.08 22.00
CA ASP D 329 -30.65 -1.71 21.71
C ASP D 329 -31.78 -0.82 22.23
N PRO D 330 -32.85 -0.64 21.45
CA PRO D 330 -33.97 0.18 21.94
C PRO D 330 -34.55 -0.34 23.25
N HIS D 331 -34.54 -1.66 23.46
CA HIS D 331 -35.07 -2.31 24.66
C HIS D 331 -34.03 -2.55 25.73
N ARG D 332 -32.85 -1.97 25.59
CA ARG D 332 -31.80 -2.01 26.61
C ARG D 332 -31.56 -0.58 27.08
N TYR D 333 -30.32 -0.12 27.22
CA TYR D 333 -30.13 1.23 27.77
C TYR D 333 -30.53 2.31 26.79
N ASN D 334 -30.52 2.02 25.48
CA ASN D 334 -31.16 2.87 24.48
C ASN D 334 -30.59 4.29 24.48
N ILE D 335 -29.26 4.39 24.44
CA ILE D 335 -28.61 5.70 24.54
C ILE D 335 -28.29 6.33 23.18
N LEU D 336 -28.70 5.71 22.07
CA LEU D 336 -28.17 6.13 20.76
C LEU D 336 -28.59 7.55 20.43
N GLU D 337 -29.87 7.88 20.65
CA GLU D 337 -30.34 9.22 20.28
C GLU D 337 -29.66 10.30 21.13
N ASP D 338 -29.46 10.03 22.42
CA ASP D 338 -28.86 11.04 23.29
C ASP D 338 -27.41 11.32 22.92
N VAL D 339 -26.65 10.28 22.54
CA VAL D 339 -25.27 10.47 22.13
C VAL D 339 -25.20 11.24 20.82
N ALA D 340 -26.09 10.91 19.87
CA ALA D 340 -26.11 11.60 18.59
C ALA D 340 -26.43 13.08 18.77
N VAL D 341 -27.43 13.39 19.60
CA VAL D 341 -27.78 14.79 19.86
C VAL D 341 -26.60 15.53 20.46
N CYS D 342 -25.91 14.90 21.42
CA CYS D 342 -24.71 15.50 21.98
C CYS D 342 -23.63 15.70 20.92
N MET D 343 -23.53 14.77 19.95
CA MET D 343 -22.56 14.90 18.88
C MET D 343 -22.92 15.97 17.86
N ASP D 344 -24.11 16.56 17.97
CA ASP D 344 -24.60 17.60 17.07
C ASP D 344 -24.90 17.07 15.68
N LEU D 345 -25.31 15.81 15.61
CA LEU D 345 -25.77 15.19 14.38
C LEU D 345 -27.23 15.53 14.11
N ASP D 346 -27.60 15.50 12.83
CA ASP D 346 -28.97 15.79 12.41
C ASP D 346 -29.82 14.54 12.60
N THR D 347 -30.56 14.46 13.70
CA THR D 347 -31.35 13.28 14.00
C THR D 347 -32.73 13.29 13.35
N ARG D 348 -33.03 14.26 12.49
CA ARG D 348 -34.36 14.35 11.92
C ARG D 348 -34.51 13.61 10.60
N THR D 349 -33.42 13.15 10.01
CA THR D 349 -33.48 12.33 8.81
C THR D 349 -32.61 11.09 8.97
N THR D 350 -33.14 9.93 8.53
CA THR D 350 -32.37 8.71 8.55
C THR D 350 -31.13 8.82 7.67
N SER D 351 -31.21 9.56 6.57
CA SER D 351 -30.14 9.49 5.58
C SER D 351 -28.88 10.25 5.99
N SER D 352 -28.89 10.92 7.14
CA SER D 352 -27.63 11.46 7.63
C SER D 352 -26.76 10.35 8.24
N LEU D 353 -27.37 9.20 8.53
CA LEU D 353 -26.69 8.07 9.18
C LEU D 353 -26.19 8.47 10.57
N TRP D 354 -26.96 9.33 11.24
CA TRP D 354 -26.64 9.67 12.62
C TRP D 354 -26.60 8.43 13.50
N LYS D 355 -27.53 7.49 13.31
CA LYS D 355 -27.51 6.30 14.15
C LYS D 355 -26.20 5.55 13.97
N ASP D 356 -25.72 5.44 12.73
CA ASP D 356 -24.50 4.70 12.47
C ASP D 356 -23.29 5.40 13.08
N LYS D 357 -23.26 6.74 13.01
CA LYS D 357 -22.13 7.50 13.53
C LYS D 357 -22.07 7.47 15.05
N ALA D 358 -23.21 7.65 15.72
CA ALA D 358 -23.21 7.57 17.18
C ALA D 358 -22.81 6.17 17.66
N ALA D 359 -23.34 5.13 17.02
CA ALA D 359 -23.02 3.76 17.45
C ALA D 359 -21.52 3.50 17.37
N VAL D 360 -20.89 3.90 16.27
CA VAL D 360 -19.45 3.71 16.12
C VAL D 360 -18.70 4.42 17.25
N GLU D 361 -19.06 5.68 17.57
CA GLU D 361 -18.35 6.35 18.65
C GLU D 361 -18.62 5.70 20.01
N ILE D 362 -19.82 5.14 20.20
CA ILE D 362 -20.08 4.44 21.46
C ILE D 362 -19.19 3.21 21.56
N ASN D 363 -18.98 2.51 20.46
CA ASN D 363 -18.06 1.37 20.47
C ASN D 363 -16.62 1.81 20.66
N VAL D 364 -16.23 2.96 20.08
CA VAL D 364 -14.90 3.49 20.37
C VAL D 364 -14.75 3.74 21.87
N ALA D 365 -15.73 4.41 22.48
CA ALA D 365 -15.64 4.68 23.91
C ALA D 365 -15.46 3.40 24.72
N VAL D 366 -16.24 2.35 24.43
CA VAL D 366 -16.11 1.08 25.14
C VAL D 366 -14.69 0.55 25.02
N LEU D 367 -14.17 0.47 23.79
CA LEU D 367 -12.82 -0.06 23.59
C LEU D 367 -11.79 0.81 24.28
N HIS D 368 -11.87 2.12 24.07
CA HIS D 368 -10.90 3.00 24.71
C HIS D 368 -10.92 2.84 26.23
N SER D 369 -12.13 2.71 26.81
CA SER D 369 -12.26 2.73 28.26
C SER D 369 -11.73 1.44 28.90
N TYR D 370 -11.99 0.31 28.26
CA TYR D 370 -11.46 -0.96 28.77
C TYR D 370 -9.94 -1.02 28.63
N GLN D 371 -9.40 -0.54 27.51
CA GLN D 371 -7.94 -0.47 27.36
C GLN D 371 -7.32 0.45 28.40
N LEU D 372 -7.94 1.61 28.63
CA LEU D 372 -7.47 2.54 29.66
C LEU D 372 -7.46 1.88 31.04
N ALA D 373 -8.54 1.22 31.39
CA ALA D 373 -8.62 0.56 32.69
C ALA D 373 -7.87 -0.76 32.75
N LYS D 374 -7.21 -1.17 31.66
CA LYS D 374 -6.47 -2.44 31.60
C LYS D 374 -7.38 -3.63 31.92
N VAL D 375 -8.53 -3.67 31.26
CA VAL D 375 -9.43 -4.82 31.33
C VAL D 375 -9.48 -5.42 29.93
N THR D 376 -9.20 -6.73 29.85
CA THR D 376 -9.26 -7.45 28.58
C THR D 376 -10.55 -7.16 27.83
N ILE D 377 -10.41 -6.83 26.55
CA ILE D 377 -11.56 -6.69 25.66
C ILE D 377 -11.05 -6.97 24.26
N VAL D 378 -11.95 -7.43 23.39
CA VAL D 378 -11.58 -7.67 21.99
C VAL D 378 -12.59 -6.97 21.09
N ASP D 379 -12.10 -6.27 20.05
CA ASP D 379 -13.01 -5.61 19.14
C ASP D 379 -13.54 -6.63 18.13
N HIS D 380 -14.61 -6.26 17.42
CA HIS D 380 -15.28 -7.25 16.57
C HIS D 380 -14.45 -7.62 15.35
N HIS D 381 -13.49 -6.78 14.96
CA HIS D 381 -12.62 -7.13 13.85
C HIS D 381 -11.63 -8.21 14.25
N ALA D 382 -10.98 -8.03 15.39
CA ALA D 382 -10.02 -9.01 15.82
C ALA D 382 -10.72 -10.34 16.15
N ALA D 383 -11.89 -10.26 16.77
CA ALA D 383 -12.60 -11.47 17.19
C ALA D 383 -13.03 -12.31 16.00
N THR D 384 -13.54 -11.67 14.95
CA THR D 384 -13.97 -12.44 13.79
C THR D 384 -12.79 -12.94 12.98
N ALA D 385 -11.68 -12.19 12.94
CA ALA D 385 -10.48 -12.72 12.30
C ALA D 385 -9.98 -13.97 13.04
N SER D 386 -10.01 -13.95 14.38
CA SER D 386 -9.58 -15.15 15.10
C SER D 386 -10.55 -16.30 14.87
N PHE D 387 -11.84 -15.99 14.73
CA PHE D 387 -12.79 -17.09 14.49
C PHE D 387 -12.55 -17.73 13.13
N MET D 388 -12.15 -16.93 12.12
CA MET D 388 -11.75 -17.52 10.85
C MET D 388 -10.59 -18.51 11.02
N LYS D 389 -9.61 -18.18 11.87
CA LYS D 389 -8.52 -19.12 12.12
C LYS D 389 -9.05 -20.38 12.81
N HIS D 390 -9.98 -20.23 13.75
CA HIS D 390 -10.65 -21.36 14.39
C HIS D 390 -11.30 -22.29 13.37
N LEU D 391 -12.08 -21.72 12.44
CA LEU D 391 -12.71 -22.51 11.40
C LEU D 391 -11.68 -23.32 10.64
N GLU D 392 -10.56 -22.68 10.28
CA GLU D 392 -9.50 -23.39 9.59
C GLU D 392 -8.93 -24.51 10.45
N ASN D 393 -8.68 -24.24 11.73
CA ASN D 393 -8.17 -25.28 12.62
C ASN D 393 -9.15 -26.45 12.71
N GLU D 394 -10.44 -26.14 12.85
CA GLU D 394 -11.44 -27.18 13.07
C GLU D 394 -11.70 -28.00 11.83
N GLN D 395 -11.66 -27.36 10.66
CA GLN D 395 -11.77 -28.11 9.41
C GLN D 395 -10.68 -29.18 9.33
N LYS D 396 -9.45 -28.85 9.70
CA LYS D 396 -8.39 -29.85 9.66
C LYS D 396 -8.57 -30.88 10.78
N ALA D 397 -8.97 -30.44 11.97
CA ALA D 397 -9.00 -31.36 13.11
C ALA D 397 -10.22 -32.27 13.10
N ARG D 398 -11.39 -31.76 12.72
CA ARG D 398 -12.62 -32.53 12.77
C ARG D 398 -13.43 -32.52 11.48
N GLY D 399 -13.01 -31.79 10.46
CA GLY D 399 -13.77 -31.79 9.22
C GLY D 399 -15.02 -30.94 9.25
N GLY D 400 -15.09 -29.96 10.15
CA GLY D 400 -16.20 -29.02 10.15
C GLY D 400 -16.25 -28.29 11.47
N CYS D 401 -17.19 -27.36 11.53
CA CYS D 401 -17.37 -26.54 12.73
C CYS D 401 -18.80 -26.02 12.78
N PRO D 402 -19.57 -26.40 13.80
CA PRO D 402 -20.96 -25.88 13.91
C PRO D 402 -20.94 -24.40 14.22
N ALA D 403 -21.66 -23.62 13.39
CA ALA D 403 -21.61 -22.17 13.52
C ALA D 403 -22.94 -21.57 13.10
N ASP D 404 -23.43 -20.63 13.90
CA ASP D 404 -24.71 -19.94 13.69
C ASP D 404 -24.39 -18.56 13.10
N TRP D 405 -24.54 -18.43 11.78
CA TRP D 405 -24.09 -17.23 11.08
C TRP D 405 -24.68 -15.96 11.70
N ALA D 406 -25.98 -15.97 12.03
CA ALA D 406 -26.64 -14.76 12.52
C ALA D 406 -26.07 -14.28 13.85
N TRP D 407 -25.45 -15.18 14.62
CA TRP D 407 -24.86 -14.85 15.90
C TRP D 407 -23.37 -14.59 15.82
N ILE D 408 -22.68 -15.23 14.86
CA ILE D 408 -21.24 -14.99 14.65
C ILE D 408 -20.98 -13.62 14.02
N VAL D 409 -21.83 -13.19 13.09
CA VAL D 409 -21.67 -11.88 12.46
C VAL D 409 -22.03 -10.80 13.46
N PRO D 410 -21.13 -9.86 13.72
CA PRO D 410 -21.36 -8.83 14.75
C PRO D 410 -22.52 -7.91 14.38
N PRO D 411 -23.09 -7.21 15.36
CA PRO D 411 -24.29 -6.40 15.09
C PRO D 411 -24.04 -5.04 14.46
N ILE D 412 -22.79 -4.61 14.29
CA ILE D 412 -22.46 -3.50 13.41
C ILE D 412 -21.40 -3.97 12.44
N SER D 413 -21.35 -3.33 11.28
CA SER D 413 -20.26 -3.50 10.31
C SER D 413 -20.12 -4.96 9.86
N GLY D 414 -21.23 -5.68 9.79
CA GLY D 414 -21.13 -7.11 9.53
C GLY D 414 -20.31 -7.46 8.31
N SER D 415 -20.59 -6.84 7.17
CA SER D 415 -19.83 -7.25 5.99
C SER D 415 -18.41 -6.68 5.98
N LEU D 416 -18.03 -5.85 6.95
CA LEU D 416 -16.64 -5.46 7.02
C LEU D 416 -15.80 -6.51 7.74
N THR D 417 -16.43 -7.55 8.27
CA THR D 417 -15.70 -8.60 8.93
C THR D 417 -15.69 -9.85 8.05
N PRO D 418 -14.69 -10.73 8.19
CA PRO D 418 -14.56 -11.84 7.24
C PRO D 418 -15.62 -12.93 7.42
N VAL D 419 -16.22 -13.06 8.60
CA VAL D 419 -17.22 -14.12 8.81
C VAL D 419 -18.49 -13.85 8.01
N PHE D 420 -18.74 -12.60 7.63
CA PHE D 420 -19.94 -12.30 6.84
C PHE D 420 -19.93 -13.07 5.54
N HIS D 421 -18.77 -13.18 4.91
CA HIS D 421 -18.61 -13.81 3.62
C HIS D 421 -18.35 -15.30 3.71
N GLN D 422 -18.38 -15.85 4.93
CA GLN D 422 -18.14 -17.28 5.17
C GLN D 422 -19.47 -18.00 5.36
N GLU D 423 -19.78 -18.93 4.45
CA GLU D 423 -20.95 -19.77 4.64
C GLU D 423 -20.73 -20.67 5.84
N MET D 424 -21.80 -20.96 6.58
CA MET D 424 -21.67 -21.69 7.83
C MET D 424 -22.79 -22.73 7.93
N VAL D 425 -22.47 -23.84 8.59
CA VAL D 425 -23.41 -24.93 8.79
C VAL D 425 -23.70 -25.02 10.27
N ASN D 426 -24.97 -24.97 10.64
CA ASN D 426 -25.36 -24.95 12.04
C ASN D 426 -25.94 -26.32 12.43
N TYR D 427 -25.42 -26.91 13.53
CA TYR D 427 -25.89 -28.20 14.01
C TYR D 427 -25.42 -28.38 15.46
N PHE D 428 -25.98 -29.41 16.12
CA PHE D 428 -25.83 -29.59 17.55
C PHE D 428 -24.95 -30.82 17.83
N LEU D 429 -23.75 -30.60 18.35
CA LEU D 429 -22.93 -31.68 18.87
C LEU D 429 -23.02 -31.69 20.39
N SER D 430 -22.62 -32.82 20.99
CA SER D 430 -22.48 -33.00 22.42
C SER D 430 -21.06 -33.46 22.73
N PRO D 431 -20.46 -33.01 23.85
CA PRO D 431 -20.91 -32.13 24.94
C PRO D 431 -21.43 -30.76 24.46
N ALA D 432 -22.33 -30.16 25.25
CA ALA D 432 -23.04 -28.98 24.77
C ALA D 432 -23.47 -28.09 25.93
N PHE D 433 -23.53 -26.79 25.67
CA PHE D 433 -24.21 -25.85 26.52
C PHE D 433 -25.61 -25.64 25.95
N ARG D 434 -26.61 -25.74 26.81
CA ARG D 434 -28.00 -25.75 26.36
C ARG D 434 -28.82 -24.79 27.21
N TYR D 435 -29.81 -24.17 26.58
CA TYR D 435 -30.78 -23.40 27.34
C TYR D 435 -31.70 -24.33 28.12
N GLN D 436 -32.24 -23.82 29.21
CA GLN D 436 -33.11 -24.59 30.08
C GLN D 436 -34.14 -23.63 30.65
N PRO D 437 -35.33 -24.10 30.99
CA PRO D 437 -36.34 -23.19 31.50
C PRO D 437 -35.88 -22.50 32.77
N ASP D 438 -36.44 -21.32 33.01
CA ASP D 438 -36.17 -20.60 34.24
C ASP D 438 -36.71 -21.38 35.43
N PRO D 439 -35.99 -21.42 36.55
CA PRO D 439 -36.39 -22.33 37.65
C PRO D 439 -37.65 -21.92 38.39
N TRP D 440 -38.17 -20.72 38.15
CA TRP D 440 -39.39 -20.28 38.83
C TRP D 440 -40.62 -20.42 37.95
CHA HEM E . 35.66 5.66 0.58
CHB HEM E . 32.22 4.96 3.92
CHC HEM E . 35.72 4.73 7.30
CHD HEM E . 39.07 6.05 4.01
C1A HEM E . 34.43 5.40 1.15
C2A HEM E . 33.18 5.12 0.46
C3A HEM E . 32.23 4.93 1.39
C4A HEM E . 32.86 5.08 2.70
CMA HEM E . 30.74 4.60 1.16
CAA HEM E . 32.93 5.04 -1.07
CBA HEM E . 33.90 4.05 -1.71
CGA HEM E . 33.28 3.44 -2.95
O1A HEM E . 32.05 3.62 -3.15
O2A HEM E . 34.01 2.79 -3.73
C1B HEM E . 32.87 4.83 5.14
C2B HEM E . 32.23 4.59 6.41
C3B HEM E . 33.18 4.54 7.36
C4B HEM E . 34.47 4.73 6.71
CMB HEM E . 30.72 4.44 6.62
CAB HEM E . 32.89 4.27 8.87
CBB HEM E . 33.76 4.54 9.85
C1C HEM E . 36.95 5.00 6.71
C2C HEM E . 38.25 4.83 7.33
C3C HEM E . 39.18 5.18 6.42
C4C HEM E . 38.50 5.61 5.20
CMC HEM E . 38.46 4.31 8.78
CAC HEM E . 40.72 5.23 6.55
CBC HEM E . 41.35 5.32 7.73
C1D HEM E . 38.47 6.00 2.77
C2D HEM E . 39.10 6.12 1.46
C3D HEM E . 38.15 6.02 0.53
C4D HEM E . 36.88 5.83 1.20
CMD HEM E . 40.60 6.33 1.18
CAD HEM E . 38.38 6.07 -0.99
CBD HEM E . 38.32 4.62 -1.49
CGD HEM E . 38.58 4.56 -2.97
O1D HEM E . 38.91 5.64 -3.55
O2D HEM E . 38.45 3.46 -3.56
NA HEM E . 34.19 5.37 2.51
NB HEM E . 34.23 4.92 5.35
NC HEM E . 37.14 5.47 5.42
ND HEM E . 37.12 5.83 2.55
FE HEM E . 35.64 5.63 3.97
N1 H4B F . 30.92 6.77 -6.29
C2 H4B F . 31.27 5.80 -5.41
N2 H4B F . 31.00 5.97 -4.09
N3 H4B F . 31.90 4.67 -5.84
C4 H4B F . 32.16 4.50 -7.16
O4 H4B F . 32.74 3.47 -7.56
C4A H4B F . 31.82 5.49 -8.06
C8A H4B F . 31.19 6.64 -7.61
N5 H4B F . 32.08 5.35 -9.37
N8 H4B F . 30.84 7.61 -8.48
C6 H4B F . 32.21 6.55 -10.18
C7 H4B F . 31.06 7.52 -9.92
C9 H4B F . 32.35 6.15 -11.65
O9 H4B F . 31.50 5.03 -11.93
C10 H4B F . 31.99 7.29 -12.61
C11 H4B F . 32.10 6.81 -14.04
O10 H4B F . 32.86 8.41 -12.41
C10 K90 G . 35.82 1.06 -2.04
C12 K90 G . 37.78 -0.05 -2.85
C13 K90 G . 38.36 -1.43 -3.19
C15 K90 G . 36.14 -2.11 -3.97
C16 K90 G . 35.60 -0.74 -3.59
C17 K90 G . 38.02 -3.47 -4.40
C02 K90 G . 33.67 1.70 3.64
C03 K90 G . 34.72 1.89 4.53
C04 K90 G . 36.02 1.91 4.05
C05 K90 G . 36.27 1.73 2.70
C06 K90 G . 35.19 1.54 1.82
C07 K90 G . 37.17 2.10 4.99
C08 K90 G . 35.36 1.37 0.56
C09 K90 G . 35.61 1.18 -0.59
N01 K90 G . 33.95 1.54 2.31
N02 K90 G . 32.39 1.67 4.10
N11 K90 G . 36.37 -0.23 -2.45
N14 K90 G . 37.58 -2.08 -4.26
C1 BTB H . 9.83 -16.93 -7.38
O1 BTB H . 10.30 -17.00 -8.75
C2 BTB H . 8.32 -17.07 -7.37
C3 BTB H . 7.68 -15.75 -7.76
O3 BTB H . 6.53 -15.90 -8.62
C4 BTB H . 7.96 -18.19 -8.36
O4 BTB H . 6.57 -18.48 -8.42
N BTB H . 7.91 -17.44 -6.00
C5 BTB H . 8.28 -16.34 -5.08
C6 BTB H . 7.55 -16.50 -3.74
O6 BTB H . 6.13 -16.57 -3.94
C7 BTB H . 8.58 -18.68 -5.56
C8 BTB H . 7.55 -19.66 -4.99
O8 BTB H . 6.24 -19.09 -5.14
C1 BTB I . 14.91 -11.05 -22.16
O1 BTB I . 13.99 -11.86 -21.42
C2 BTB I . 15.42 -9.95 -21.25
C3 BTB I . 15.54 -10.50 -19.85
O3 BTB I . 16.10 -9.47 -19.04
C4 BTB I . 16.81 -9.55 -21.73
O4 BTB I . 17.66 -9.27 -20.60
N BTB I . 14.51 -8.77 -21.17
C5 BTB I . 13.28 -8.89 -21.99
C6 BTB I . 12.06 -8.93 -21.06
O6 BTB I . 12.30 -9.85 -20.00
C7 BTB I . 15.16 -7.49 -21.51
C8 BTB I . 14.70 -6.47 -20.49
O8 BTB I . 14.39 -7.15 -19.25
C1 BTB J . 65.84 -16.73 -2.29
O1 BTB J . 65.82 -16.38 -3.68
C2 BTB J . 64.64 -16.11 -1.58
C3 BTB J . 63.54 -15.76 -2.60
O3 BTB J . 63.91 -14.78 -3.57
C4 BTB J . 64.03 -17.17 -0.67
O4 BTB J . 62.66 -16.87 -0.39
N BTB J . 65.10 -14.94 -0.77
C5 BTB J . 66.03 -14.08 -1.53
C6 BTB J . 65.99 -12.59 -1.16
O6 BTB J . 65.06 -12.33 -0.12
C7 BTB J . 65.85 -15.46 0.39
C8 BTB J . 65.48 -14.77 1.71
O8 BTB J . 64.07 -14.89 1.95
C1 GOL K . 53.91 3.65 22.45
O1 GOL K . 52.61 4.05 22.80
C2 GOL K . 53.82 2.59 21.37
O2 GOL K . 52.49 2.14 21.22
C3 GOL K . 54.70 1.39 21.71
O3 GOL K . 55.81 1.41 20.84
C1 GOL L . 32.12 -24.38 -26.83
O1 GOL L . 32.58 -25.68 -26.62
C2 GOL L . 32.52 -23.55 -25.64
O2 GOL L . 31.65 -23.85 -24.59
C3 GOL L . 32.28 -22.10 -26.01
O3 GOL L . 33.22 -21.32 -25.32
CL CL M . 33.04 -3.22 -0.97
GD GD N . 5.02 -17.11 -6.67
ZN ZN O . 36.51 19.59 -12.46
CHA HEM P . 18.56 20.11 -19.40
CHB HEM P . 16.03 16.24 -20.82
CHC HEM P . 15.01 18.59 -24.95
CHD HEM P . 18.48 21.87 -23.94
C1A HEM P . 17.87 18.92 -19.37
C2A HEM P . 17.65 18.07 -18.20
C3A HEM P . 16.94 17.00 -18.58
C4A HEM P . 16.70 17.12 -20.02
CMA HEM P . 16.45 15.84 -17.67
CAA HEM P . 18.11 18.40 -16.77
CBA HEM P . 17.24 19.54 -16.24
CGA HEM P . 17.30 19.65 -14.73
O1A HEM P . 17.62 18.63 -14.06
O2A HEM P . 17.02 20.75 -14.20
C1B HEM P . 15.49 16.51 -22.07
C2B HEM P . 14.60 15.68 -22.84
C3B HEM P . 14.30 16.31 -23.98
C4B HEM P . 15.00 17.59 -23.98
CMB HEM P . 14.04 14.29 -22.43
CAB HEM P . 13.35 15.70 -25.05
CBB HEM P . 13.15 16.22 -26.28
C1C HEM P . 15.85 19.69 -25.02
C2C HEM P . 15.86 20.69 -26.10
C3C HEM P . 16.81 21.61 -25.82
C4C HEM P . 17.44 21.22 -24.57
CMC HEM P . 14.89 20.62 -27.29
CAC HEM P . 17.27 22.87 -26.60
CBC HEM P . 17.02 23.04 -27.91
C1D HEM P . 18.78 21.71 -22.59
C2D HEM P . 19.61 22.59 -21.79
C3D HEM P . 19.64 22.11 -20.53
C4D HEM P . 18.81 20.92 -20.50
CMD HEM P . 20.32 23.83 -22.35
CAD HEM P . 20.38 22.73 -19.34
CBD HEM P . 19.39 23.62 -18.59
CGD HEM P . 19.98 24.12 -17.28
O1D HEM P . 21.22 24.10 -17.14
O2D HEM P . 19.22 24.55 -16.37
NA HEM P . 17.28 18.30 -20.45
NB HEM P . 15.73 17.66 -22.80
NC HEM P . 16.83 20.06 -24.13
ND HEM P . 18.32 20.72 -21.77
FE HEM P . 17.33 18.99 -22.41
N1 H4B Q . 21.33 17.41 -11.96
C2 H4B Q . 20.22 17.81 -12.64
N2 H4B Q . 19.81 17.13 -13.75
N3 H4B Q . 19.52 18.89 -12.21
C4 H4B Q . 19.90 19.58 -11.13
O4 H4B Q . 19.24 20.57 -10.76
C4A H4B Q . 21.04 19.19 -10.43
C8A H4B Q . 21.76 18.08 -10.86
N5 H4B Q . 21.45 19.86 -9.34
N8 H4B Q . 22.88 17.69 -10.19
C6 H4B Q . 22.84 19.75 -8.94
C7 H4B Q . 23.34 18.30 -8.95
C9 H4B Q . 23.04 20.45 -7.59
O9 H4B Q . 22.05 20.07 -6.62
C10 H4B Q . 24.42 20.15 -7.04
C11 H4B Q . 24.62 21.03 -5.82
O10 H4B Q . 25.39 20.46 -8.04
C10 K90 R . 15.56 22.70 -15.94
C12 K90 R . 15.98 25.06 -15.85
C13 K90 R . 15.42 26.44 -15.47
C15 K90 R . 13.89 25.38 -13.96
C16 K90 R . 14.42 24.00 -14.32
C17 K90 R . 14.48 27.68 -13.62
C02 K90 R . 13.47 18.81 -20.21
C03 K90 R . 13.49 19.47 -21.45
C04 K90 R . 13.92 20.80 -21.52
C05 K90 R . 14.29 21.46 -20.35
C06 K90 R . 14.26 20.78 -19.14
C07 K90 R . 13.94 21.59 -22.83
C08 K90 R . 14.62 21.39 -18.06
C09 K90 R . 15.00 22.00 -17.12
N01 K90 R . 13.86 19.48 -19.09
N02 K90 R . 13.07 17.52 -20.06
N11 K90 R . 14.95 24.01 -15.70
N14 K90 R . 14.97 26.36 -14.07
C1 BTB S . -6.87 -4.50 -5.60
O1 BTB S . -6.91 -4.86 -6.98
C2 BTB S . -6.06 -3.21 -5.40
C3 BTB S . -4.56 -3.52 -5.44
O3 BTB S . -3.74 -2.34 -5.34
C4 BTB S . -6.40 -2.25 -6.54
O4 BTB S . -5.59 -1.08 -6.43
N BTB S . -6.47 -2.61 -4.09
C5 BTB S . -6.01 -3.40 -2.95
C6 BTB S . -5.00 -2.59 -2.17
O6 BTB S . -5.64 -1.45 -1.60
C7 BTB S . -7.90 -2.26 -4.01
C8 BTB S . -8.11 -0.74 -4.01
O8 BTB S . -7.38 -0.08 -2.96
C1 BTB T . 8.32 53.77 -24.47
O1 BTB T . 8.98 52.88 -23.59
C2 BTB T . 6.81 53.61 -24.24
C3 BTB T . 6.62 53.21 -22.79
O3 BTB T . 7.79 53.62 -22.07
C4 BTB T . 6.17 54.96 -24.49
O4 BTB T . 6.74 55.91 -23.59
N BTB T . 6.24 52.59 -25.15
C5 BTB T . 6.57 52.93 -26.55
C6 BTB T . 7.49 51.89 -27.20
O6 BTB T . 8.83 52.42 -27.19
C7 BTB T . 4.77 52.59 -24.96
C8 BTB T . 3.97 52.14 -26.19
O8 BTB T . 2.65 52.71 -26.16
C1 GOL U . 3.05 19.91 5.64
O1 GOL U . 1.85 20.43 5.10
C2 GOL U . 3.09 18.40 5.43
O2 GOL U . 1.83 17.95 5.01
C3 GOL U . 3.48 17.70 6.72
O3 GOL U . 3.52 16.30 6.53
CL CL V . 10.84 21.49 -14.47
GD GD W . -4.92 -0.38 -4.04
C1 BTB X . 0.27 -2.41 4.92
O1 BTB X . 0.32 -2.85 3.56
C2 BTB X . -1.06 -2.86 5.51
C3 BTB X . -2.19 -2.27 4.68
O3 BTB X . -2.41 -3.01 3.48
C4 BTB X . -1.13 -4.39 5.49
O4 BTB X . -2.28 -4.82 4.76
N BTB X . -1.17 -2.39 6.90
C5 BTB X . 0.09 -2.61 7.62
C6 BTB X . -0.02 -2.07 9.04
O6 BTB X . -0.55 -0.73 9.00
C7 BTB X . -2.20 -3.16 7.61
C8 BTB X . -3.44 -2.31 7.88
O8 BTB X . -4.31 -2.36 6.75
CHA HEM Y . -32.68 -8.70 -3.77
CHB HEM Y . -33.82 -4.15 -2.45
CHC HEM Y . -36.97 -4.09 -6.14
CHD HEM Y . -36.64 -8.93 -6.63
C1A HEM Y . -32.60 -7.44 -3.16
C2A HEM Y . -31.59 -6.95 -2.23
C3A HEM Y . -31.93 -5.70 -1.87
C4A HEM Y . -33.16 -5.35 -2.55
CMA HEM Y . -31.16 -4.77 -0.91
CAA HEM Y . -30.33 -7.68 -1.73
CBA HEM Y . -29.49 -7.93 -2.97
CGA HEM Y . -28.08 -8.33 -2.60
O1A HEM Y . -27.73 -8.12 -1.42
O2A HEM Y . -27.32 -8.83 -3.47
C1B HEM Y . -34.75 -3.71 -3.36
C2B HEM Y . -35.29 -2.36 -3.45
C3B HEM Y . -36.17 -2.35 -4.45
C4B HEM Y . -36.22 -3.67 -5.06
CMB HEM Y . -34.92 -1.18 -2.53
CAB HEM Y . -36.96 -1.08 -4.88
CBB HEM Y . -38.13 -1.17 -5.53
C1C HEM Y . -37.14 -5.38 -6.65
C2C HEM Y . -37.93 -5.76 -7.81
C3C HEM Y . -37.83 -7.10 -7.97
C4C HEM Y . -37.00 -7.62 -6.87
CMC HEM Y . -38.68 -4.73 -8.70
CAC HEM Y . -38.48 -8.04 -9.01
CBC HEM Y . -39.60 -7.74 -9.68
C1D HEM Y . -35.50 -9.30 -5.94
C2D HEM Y . -34.84 -10.60 -5.95
C3D HEM Y . -33.76 -10.53 -5.17
C4D HEM Y . -33.66 -9.18 -4.62
CMD HEM Y . -35.29 -11.85 -6.71
CAD HEM Y . -32.79 -11.70 -4.93
CBD HEM Y . -31.48 -11.31 -5.62
CGD HEM Y . -30.43 -12.39 -5.47
O1D HEM Y . -30.74 -13.42 -4.82
O2D HEM Y . -29.29 -12.23 -5.98
NA HEM Y . -33.53 -6.43 -3.32
NB HEM Y . -35.34 -4.47 -4.34
NC HEM Y . -36.60 -6.53 -6.12
ND HEM Y . -34.74 -8.46 -5.12
FE HEM Y . -35.29 -6.53 -4.51
N1 H4B Z . -27.06 -10.36 2.27
C2 H4B Z . -27.26 -9.67 1.13
N2 H4B Z . -28.24 -8.71 1.08
N3 H4B Z . -26.51 -9.92 0.04
C4 H4B Z . -25.54 -10.87 0.06
O4 H4B Z . -24.85 -11.07 -0.96
C4A H4B Z . -25.34 -11.58 1.23
C8A H4B Z . -26.12 -11.31 2.34
N5 H4B Z . -24.39 -12.54 1.30
N8 H4B Z . -25.95 -12.01 3.49
C6 H4B Z . -24.60 -13.60 2.25
C7 H4B Z . -24.93 -13.04 3.64
C9 H4B Z . -23.40 -14.54 2.29
O9 H4B Z . -22.18 -13.81 2.43
C10 H4B Z . -23.54 -15.48 3.47
C11 H4B Z . -22.41 -16.50 3.44
O10 H4B Z . -24.82 -16.11 3.37
C10 K90 AA . -28.29 -8.80 -6.31
C12 K90 AA . -27.46 -10.31 -7.95
C13 K90 AA . -26.51 -10.49 -9.12
C15 K90 AA . -25.06 -8.82 -8.19
C16 K90 AA . -26.02 -8.61 -7.03
C17 K90 AA . -24.22 -10.36 -9.83
C02 K90 AA . -31.96 -3.91 -5.71
C03 K90 AA . -33.02 -4.07 -6.60
C04 K90 AA . -33.05 -5.18 -7.44
C05 K90 AA . -32.03 -6.12 -7.36
C06 K90 AA . -30.98 -5.92 -6.47
C07 K90 AA . -34.19 -5.37 -8.40
C08 K90 AA . -30.05 -6.81 -6.42
C09 K90 AA . -29.24 -7.68 -6.40
N01 K90 AA . -30.97 -4.84 -5.66
N02 K90 AA . -31.93 -2.81 -4.91
N11 K90 AA . -27.40 -8.92 -7.47
N14 K90 AA . -25.14 -10.20 -8.69
C1 BTB BA . -4.67 11.51 1.95
O1 BTB BA . -4.68 11.55 0.52
C2 BTB BA . -4.29 12.83 2.64
C3 BTB BA . -4.36 12.53 4.15
O3 BTB BA . -4.04 13.61 5.04
C4 BTB BA . -2.88 13.26 2.25
O4 BTB BA . -2.07 13.70 3.35
N BTB BA . -5.24 13.94 2.29
C5 BTB BA . -6.64 13.62 2.61
C6 BTB BA . -7.16 14.68 3.59
O6 BTB BA . -6.52 14.58 4.87
C7 BTB BA . -5.10 14.39 0.89
C8 BTB BA . -5.65 15.80 0.70
O8 BTB BA . -5.06 16.66 1.66
C1 BTB CA . -29.58 -20.59 -37.01
O1 BTB CA . -29.33 -21.93 -37.49
C2 BTB CA . -29.09 -19.45 -37.92
C3 BTB CA . -29.70 -19.61 -39.31
O3 BTB CA . -31.02 -19.06 -39.30
C4 BTB CA . -29.59 -18.10 -37.39
O4 BTB CA . -28.71 -17.52 -36.42
N BTB CA . -27.60 -19.37 -37.99
C5 BTB CA . -27.17 -18.25 -38.86
C6 BTB CA . -25.83 -17.73 -38.36
O6 BTB CA . -25.89 -17.48 -36.95
C7 BTB CA . -26.98 -20.58 -38.55
C8 BTB CA . -26.06 -21.18 -37.51
O8 BTB CA . -26.03 -20.33 -36.36
C1 GOL DA . -52.19 -4.24 -23.44
O1 GOL DA . -53.07 -5.14 -22.81
C2 GOL DA . -51.46 -4.99 -24.53
O2 GOL DA . -51.92 -6.32 -24.57
C3 GOL DA . -49.97 -5.01 -24.20
O3 GOL DA . -49.33 -5.92 -25.06
C1 GOL EA . 5.17 -11.79 -12.75
O1 GOL EA . 4.05 -11.22 -13.37
C2 GOL EA . 5.96 -11.37 -13.95
O2 GOL EA . 4.89 -11.58 -14.79
C3 GOL EA . 7.02 -12.39 -14.31
O3 GOL EA . 8.19 -11.67 -14.66
CL CL FA . -25.50 -4.37 -7.32
GD GD GA . -3.73 15.77 3.92
ZN ZN HA . -32.18 -23.55 8.42
CHA HEM IA . -21.85 -16.61 23.16
CHB HEM IA . -17.59 -14.31 22.68
CHC HEM IA . -15.62 -17.24 25.95
CHD HEM IA . -19.49 -20.13 25.54
C1A HEM IA . -20.91 -15.64 22.83
C2A HEM IA . -21.14 -14.39 22.13
C3A HEM IA . -19.97 -13.77 22.00
C4A HEM IA . -18.95 -14.59 22.61
CMA HEM IA . -19.74 -12.40 21.33
CAA HEM IA . -22.52 -13.88 21.64
CBA HEM IA . -23.33 -13.52 22.87
CGA HEM IA . -24.62 -12.78 22.56
O1A HEM IA . -24.68 -12.05 21.54
O2A HEM IA . -25.59 -12.91 23.35
C1B HEM IA . -16.67 -14.85 23.53
C2B HEM IA . -15.33 -14.34 23.79
C3B HEM IA . -14.76 -15.18 24.71
C4B HEM IA . -15.75 -16.21 25.04
CMB HEM IA . -14.67 -13.11 23.13
CAB HEM IA . -13.33 -15.04 25.30
CBB HEM IA . -12.74 -15.96 26.06
C1C HEM IA . -16.50 -18.27 26.16
C2C HEM IA . -16.33 -19.36 27.11
C3C HEM IA . -17.42 -20.15 27.00
C4C HEM IA . -18.29 -19.60 25.98
CMC HEM IA . -15.11 -19.53 28.08
CAC HEM IA . -17.72 -21.45 27.75
CBC HEM IA . -16.79 -22.19 28.40
C1D HEM IA . -20.50 -19.43 24.90
C2D HEM IA . -21.87 -19.86 24.69
C3D HEM IA . -22.52 -18.88 24.05
C4D HEM IA . -21.58 -17.81 23.80
CMD HEM IA . -22.52 -21.19 25.14
CAD HEM IA . -24.00 -18.87 23.62
CBD HEM IA . -24.78 -18.14 24.73
CGD HEM IA . -26.24 -17.85 24.37
O1D HEM IA . -26.75 -18.34 23.33
O2D HEM IA . -26.91 -17.12 25.13
NA HEM IA . -19.57 -15.72 23.11
NB HEM IA . -16.89 -15.98 24.31
NC HEM IA . -17.69 -18.47 25.50
ND HEM IA . -20.36 -18.18 24.34
FE HEM IA . -18.55 -17.28 23.98
N1 H4B JA . -26.46 -12.46 17.47
C2 H4B JA . -25.89 -12.37 18.69
N2 H4B JA . -24.55 -12.54 18.83
N3 H4B JA . -26.64 -12.13 19.78
C4 H4B JA . -27.98 -11.97 19.68
O4 H4B JA . -28.64 -11.74 20.72
C4A H4B JA . -28.59 -12.06 18.45
C8A H4B JA . -27.80 -12.31 17.33
N5 H4B JA . -29.92 -11.90 18.31
N8 H4B JA . -28.35 -12.41 16.10
C6 H4B JA . -30.55 -12.52 17.16
C7 H4B JA . -29.79 -12.20 15.87
C9 H4B JA . -32.05 -12.16 17.07
O9 H4B JA . -32.25 -10.76 17.24
C10 H4B JA . -32.61 -12.61 15.73
C11 H4B JA . -34.14 -12.46 15.68
O10 H4B JA . -32.25 -13.99 15.50
C10 K90 KA . -24.87 -13.93 25.98
C12 K90 KA . -26.62 -14.69 27.38
C13 K90 KA . -27.39 -14.38 28.66
C15 K90 KA . -27.20 -11.99 28.08
C16 K90 KA . -26.42 -12.38 26.83
C17 K90 KA . -28.55 -12.68 29.87
C02 K90 KA . -18.79 -13.28 26.05
C03 K90 KA . -18.29 -14.40 26.77
C04 K90 KA . -19.20 -15.32 27.33
C05 K90 KA . -20.55 -15.10 27.17
C06 K90 KA . -20.99 -13.99 26.48
C07 K90 KA . -18.70 -16.54 28.11
C08 K90 KA . -22.26 -13.83 26.34
C09 K90 KA . -23.43 -13.82 26.24
N01 K90 KA . -20.12 -13.10 25.92
N02 K90 KA . -17.98 -12.36 25.48
N11 K90 KA . -25.67 -13.60 27.15
N14 K90 KA . -28.08 -13.09 28.54
C1 BTB LA . -8.29 18.73 20.63
O1 BTB LA . -7.31 18.69 21.67
C2 BTB LA . -9.48 17.86 21.04
C3 BTB LA . -9.94 17.06 19.82
O3 BTB LA . -10.92 16.10 20.20
C4 BTB LA . -9.08 16.87 22.12
O4 BTB LA . -10.27 16.36 22.75
N BTB LA . -10.57 18.74 21.55
C5 BTB LA . -11.18 19.51 20.46
C6 BTB LA . -12.66 19.18 20.38
O6 BTB LA . -13.30 19.68 21.57
C7 BTB LA . -10.17 19.59 22.70
C8 BTB LA . -10.91 19.20 23.98
O8 BTB LA . -12.33 19.35 23.87
C1 BTB MA . -36.91 -24.75 53.52
O1 BTB MA . -38.27 -24.97 53.16
C2 BTB MA . -36.27 -26.03 54.05
C3 BTB MA . -37.18 -26.58 55.14
O3 BTB MA . -38.08 -27.53 54.54
C4 BTB MA . -36.17 -27.04 52.93
O4 BTB MA . -37.18 -26.72 51.96
N BTB MA . -34.93 -25.64 54.55
C5 BTB MA . -33.85 -26.64 54.66
C6 BTB MA . -34.13 -27.99 55.32
O6 BTB MA . -34.21 -28.92 54.24
C7 BTB MA . -35.03 -24.92 55.83
C8 BTB MA . -33.67 -24.31 56.16
O8 BTB MA . -33.76 -23.47 57.33
C1 BTB NA . -35.54 10.14 26.77
O1 BTB NA . -35.67 8.73 26.57
C2 BTB NA . -34.07 10.53 26.64
C3 BTB NA . -33.79 11.67 27.62
O3 BTB NA . -32.42 11.62 28.06
C4 BTB NA . -33.23 9.32 27.07
O4 BTB NA . -33.50 9.08 28.46
N BTB NA . -33.67 10.91 25.24
C5 BTB NA . -33.28 12.33 25.14
C6 BTB NA . -32.45 12.54 23.89
O6 BTB NA . -32.18 13.93 23.71
C7 BTB NA . -34.73 10.68 24.22
C8 BTB NA . -34.61 9.30 23.59
O8 BTB NA . -33.23 8.91 23.46
CL CL OA . -23.78 -9.15 28.14
GD GD PA . -12.70 17.03 22.05
#